data_5KDE
# 
_entry.id   5KDE 
# 
_audit_conform.dict_name       mmcif_pdbx.dic 
_audit_conform.dict_version    5.379 
_audit_conform.dict_location   http://mmcif.pdb.org/dictionaries/ascii/mmcif_pdbx.dic 
# 
loop_
_database_2.database_id 
_database_2.database_code 
_database_2.pdbx_database_accession 
_database_2.pdbx_DOI 
PDB   5KDE         pdb_00005kde 10.2210/pdb5kde/pdb 
WWPDB D_1000222061 ?            ?                   
# 
loop_
_pdbx_database_related.db_name 
_pdbx_database_related.details 
_pdbx_database_related.db_id 
_pdbx_database_related.content_type 
PDB 'Complex of the same enzyme with inorganic pyrophosphate' 4Z74 unspecified 
PDB .                                                         5KDF unspecified 
# 
_pdbx_database_status.status_code                     REL 
_pdbx_database_status.status_code_sf                  REL 
_pdbx_database_status.status_code_mr                  ? 
_pdbx_database_status.entry_id                        5KDE 
_pdbx_database_status.recvd_initial_deposition_date   2016-06-08 
_pdbx_database_status.SG_entry                        N 
_pdbx_database_status.deposit_site                    RCSB 
_pdbx_database_status.process_site                    RCSB 
_pdbx_database_status.status_code_cs                  ? 
_pdbx_database_status.methods_development_category    ? 
_pdbx_database_status.pdb_format_compatible           Y 
_pdbx_database_status.status_code_nmr_data            ? 
# 
loop_
_audit_author.name 
_audit_author.pdbx_ordinal 
'Pang, A.H.'            1 
'Garzan, A.'            2 
'Garneau-Tsodikova, S.' 3 
'Tsodikov, O.V.'        4 
# 
_citation.abstract                  ? 
_citation.abstract_id_CAS           ? 
_citation.book_id_ISBN              ? 
_citation.book_publisher            ? 
_citation.book_publisher_city       ? 
_citation.book_title                ? 
_citation.coordinate_linkage        ? 
_citation.country                   US 
_citation.database_id_Medline       ? 
_citation.details                   ? 
_citation.id                        primary 
_citation.journal_abbrev            'ACS Chem. Biol.' 
_citation.journal_id_ASTM           ? 
_citation.journal_id_CSD            ? 
_citation.journal_id_ISSN           1554-8937 
_citation.journal_full              ? 
_citation.journal_issue             ? 
_citation.journal_volume            11 
_citation.language                  ? 
_citation.page_first                3084 
_citation.page_last                 3092 
_citation.title                     
'Discovery of Allosteric and Selective Inhibitors of Inorganic Pyrophosphatase from Mycobacterium tuberculosis.' 
_citation.year                      2016 
_citation.database_id_CSD           ? 
_citation.pdbx_database_id_DOI      10.1021/acschembio.6b00510 
_citation.pdbx_database_id_PubMed   27622287 
_citation.unpublished_flag          ? 
# 
loop_
_citation_author.citation_id 
_citation_author.name 
_citation_author.ordinal 
_citation_author.identifier_ORCID 
primary 'Pang, A.H.'            1 ? 
primary 'Garzan, A.'            2 ? 
primary 'Larsen, M.J.'          3 ? 
primary 'McQuade, T.J.'         4 ? 
primary 'Garneau-Tsodikova, S.' 5 ? 
primary 'Tsodikov, O.V.'        6 ? 
# 
_cell.angle_alpha                  90.00 
_cell.angle_alpha_esd              ? 
_cell.angle_beta                   90.00 
_cell.angle_beta_esd               ? 
_cell.angle_gamma                  120.00 
_cell.angle_gamma_esd              ? 
_cell.entry_id                     5KDE 
_cell.details                      ? 
_cell.formula_units_Z              ? 
_cell.length_a                     99.965 
_cell.length_a_esd                 ? 
_cell.length_b                     99.965 
_cell.length_b_esd                 ? 
_cell.length_c                     97.559 
_cell.length_c_esd                 ? 
_cell.volume                       ? 
_cell.volume_esd                   ? 
_cell.Z_PDB                        12 
_cell.reciprocal_angle_alpha       ? 
_cell.reciprocal_angle_beta        ? 
_cell.reciprocal_angle_gamma       ? 
_cell.reciprocal_angle_alpha_esd   ? 
_cell.reciprocal_angle_beta_esd    ? 
_cell.reciprocal_angle_gamma_esd   ? 
_cell.reciprocal_length_a          ? 
_cell.reciprocal_length_b          ? 
_cell.reciprocal_length_c          ? 
_cell.reciprocal_length_a_esd      ? 
_cell.reciprocal_length_b_esd      ? 
_cell.reciprocal_length_c_esd      ? 
_cell.pdbx_unique_axis             ? 
# 
_symmetry.entry_id                         5KDE 
_symmetry.cell_setting                     ? 
_symmetry.Int_Tables_number                182 
_symmetry.space_group_name_Hall            ? 
_symmetry.space_group_name_H-M             'P 63 2 2' 
_symmetry.pdbx_full_space_group_name_H-M   ? 
# 
loop_
_entity.id 
_entity.type 
_entity.src_method 
_entity.pdbx_description 
_entity.formula_weight 
_entity.pdbx_number_of_molecules 
_entity.pdbx_ec 
_entity.pdbx_mutation 
_entity.pdbx_fragment 
_entity.details 
1 polymer     man 'Inorganic pyrophosphatase'                                     19454.867 1  3.6.1.1 ? ? 
'The expressed sequence includes a hexahistidine tag.' 
2 non-polymer syn '2,4-bis(aziridin-1-yl)-6-(1-phenylpyrrol-2-yl)-1,3,5-triazine' 304.349   1  ?       ? ? ? 
3 non-polymer syn 'PYROPHOSPHATE 2-'                                              175.959   1  ?       ? ? ? 
4 water       nat water                                                           18.015    16 ?       ? ? ? 
# 
_entity_name_com.entity_id   1 
_entity_name_com.name        'Pyrophosphate phospho-hydrolase,PPase' 
# 
_entity_poly.entity_id                      1 
_entity_poly.type                           'polypeptide(L)' 
_entity_poly.nstd_linkage                   no 
_entity_poly.nstd_monomer                   no 
_entity_poly.pdbx_seq_one_letter_code       
;MAHHHHHHAMQFDVTIEIPKGQRNKYEVDHETGRVRLDRYLYTPMAYPTDYGFIEDTLGDDGDPLDALVLLPQPVFPGVL
VAARPVGMFRMVDEHGGDDKVLCVPAGDPRWDHVQDIGDVPAFELDAIKHFFVHYKDLEPGKFVKAADWVDRAEAEAEVQ
RSVERFKAGTH
;
_entity_poly.pdbx_seq_one_letter_code_can   
;MAHHHHHHAMQFDVTIEIPKGQRNKYEVDHETGRVRLDRYLYTPMAYPTDYGFIEDTLGDDGDPLDALVLLPQPVFPGVL
VAARPVGMFRMVDEHGGDDKVLCVPAGDPRWDHVQDIGDVPAFELDAIKHFFVHYKDLEPGKFVKAADWVDRAEAEAEVQ
RSVERFKAGTH
;
_entity_poly.pdbx_strand_id                 A 
_entity_poly.pdbx_target_identifier         ? 
# 
loop_
_entity_poly_seq.entity_id 
_entity_poly_seq.num 
_entity_poly_seq.mon_id 
_entity_poly_seq.hetero 
1 1   MET n 
1 2   ALA n 
1 3   HIS n 
1 4   HIS n 
1 5   HIS n 
1 6   HIS n 
1 7   HIS n 
1 8   HIS n 
1 9   ALA n 
1 10  MET n 
1 11  GLN n 
1 12  PHE n 
1 13  ASP n 
1 14  VAL n 
1 15  THR n 
1 16  ILE n 
1 17  GLU n 
1 18  ILE n 
1 19  PRO n 
1 20  LYS n 
1 21  GLY n 
1 22  GLN n 
1 23  ARG n 
1 24  ASN n 
1 25  LYS n 
1 26  TYR n 
1 27  GLU n 
1 28  VAL n 
1 29  ASP n 
1 30  HIS n 
1 31  GLU n 
1 32  THR n 
1 33  GLY n 
1 34  ARG n 
1 35  VAL n 
1 36  ARG n 
1 37  LEU n 
1 38  ASP n 
1 39  ARG n 
1 40  TYR n 
1 41  LEU n 
1 42  TYR n 
1 43  THR n 
1 44  PRO n 
1 45  MET n 
1 46  ALA n 
1 47  TYR n 
1 48  PRO n 
1 49  THR n 
1 50  ASP n 
1 51  TYR n 
1 52  GLY n 
1 53  PHE n 
1 54  ILE n 
1 55  GLU n 
1 56  ASP n 
1 57  THR n 
1 58  LEU n 
1 59  GLY n 
1 60  ASP n 
1 61  ASP n 
1 62  GLY n 
1 63  ASP n 
1 64  PRO n 
1 65  LEU n 
1 66  ASP n 
1 67  ALA n 
1 68  LEU n 
1 69  VAL n 
1 70  LEU n 
1 71  LEU n 
1 72  PRO n 
1 73  GLN n 
1 74  PRO n 
1 75  VAL n 
1 76  PHE n 
1 77  PRO n 
1 78  GLY n 
1 79  VAL n 
1 80  LEU n 
1 81  VAL n 
1 82  ALA n 
1 83  ALA n 
1 84  ARG n 
1 85  PRO n 
1 86  VAL n 
1 87  GLY n 
1 88  MET n 
1 89  PHE n 
1 90  ARG n 
1 91  MET n 
1 92  VAL n 
1 93  ASP n 
1 94  GLU n 
1 95  HIS n 
1 96  GLY n 
1 97  GLY n 
1 98  ASP n 
1 99  ASP n 
1 100 LYS n 
1 101 VAL n 
1 102 LEU n 
1 103 CYS n 
1 104 VAL n 
1 105 PRO n 
1 106 ALA n 
1 107 GLY n 
1 108 ASP n 
1 109 PRO n 
1 110 ARG n 
1 111 TRP n 
1 112 ASP n 
1 113 HIS n 
1 114 VAL n 
1 115 GLN n 
1 116 ASP n 
1 117 ILE n 
1 118 GLY n 
1 119 ASP n 
1 120 VAL n 
1 121 PRO n 
1 122 ALA n 
1 123 PHE n 
1 124 GLU n 
1 125 LEU n 
1 126 ASP n 
1 127 ALA n 
1 128 ILE n 
1 129 LYS n 
1 130 HIS n 
1 131 PHE n 
1 132 PHE n 
1 133 VAL n 
1 134 HIS n 
1 135 TYR n 
1 136 LYS n 
1 137 ASP n 
1 138 LEU n 
1 139 GLU n 
1 140 PRO n 
1 141 GLY n 
1 142 LYS n 
1 143 PHE n 
1 144 VAL n 
1 145 LYS n 
1 146 ALA n 
1 147 ALA n 
1 148 ASP n 
1 149 TRP n 
1 150 VAL n 
1 151 ASP n 
1 152 ARG n 
1 153 ALA n 
1 154 GLU n 
1 155 ALA n 
1 156 GLU n 
1 157 ALA n 
1 158 GLU n 
1 159 VAL n 
1 160 GLN n 
1 161 ARG n 
1 162 SER n 
1 163 VAL n 
1 164 GLU n 
1 165 ARG n 
1 166 PHE n 
1 167 LYS n 
1 168 ALA n 
1 169 GLY n 
1 170 THR n 
1 171 HIS n 
# 
_entity_src_gen.entity_id                          1 
_entity_src_gen.pdbx_src_id                        1 
_entity_src_gen.pdbx_alt_source_flag               sample 
_entity_src_gen.pdbx_seq_type                      'Biological sequence' 
_entity_src_gen.pdbx_beg_seq_num                   1 
_entity_src_gen.pdbx_end_seq_num                   171 
_entity_src_gen.gene_src_common_name               ? 
_entity_src_gen.gene_src_genus                     ? 
_entity_src_gen.pdbx_gene_src_gene                 'ppa, Rv3628, MTCY15C10.24' 
_entity_src_gen.gene_src_species                   ? 
_entity_src_gen.gene_src_strain                    'ATCC 25618 / H37Rv' 
_entity_src_gen.gene_src_tissue                    ? 
_entity_src_gen.gene_src_tissue_fraction           ? 
_entity_src_gen.gene_src_details                   ? 
_entity_src_gen.pdbx_gene_src_fragment             ? 
_entity_src_gen.pdbx_gene_src_scientific_name      'Mycobacterium tuberculosis (strain ATCC 25618 / H37Rv)' 
_entity_src_gen.pdbx_gene_src_ncbi_taxonomy_id     83332 
_entity_src_gen.pdbx_gene_src_variant              ? 
_entity_src_gen.pdbx_gene_src_cell_line            ? 
_entity_src_gen.pdbx_gene_src_atcc                 ? 
_entity_src_gen.pdbx_gene_src_organ                ? 
_entity_src_gen.pdbx_gene_src_organelle            ? 
_entity_src_gen.pdbx_gene_src_cell                 ? 
_entity_src_gen.pdbx_gene_src_cellular_location    ? 
_entity_src_gen.host_org_common_name               ? 
_entity_src_gen.pdbx_host_org_scientific_name      'Escherichia coli BL21(DE3)' 
_entity_src_gen.pdbx_host_org_ncbi_taxonomy_id     469008 
_entity_src_gen.host_org_genus                     ? 
_entity_src_gen.pdbx_host_org_gene                 ? 
_entity_src_gen.pdbx_host_org_organ                ? 
_entity_src_gen.host_org_species                   ? 
_entity_src_gen.pdbx_host_org_tissue               ? 
_entity_src_gen.pdbx_host_org_tissue_fraction      ? 
_entity_src_gen.pdbx_host_org_strain               ? 
_entity_src_gen.pdbx_host_org_variant              ? 
_entity_src_gen.pdbx_host_org_cell_line            ? 
_entity_src_gen.pdbx_host_org_atcc                 ? 
_entity_src_gen.pdbx_host_org_culture_collection   ? 
_entity_src_gen.pdbx_host_org_cell                 ? 
_entity_src_gen.pdbx_host_org_organelle            ? 
_entity_src_gen.pdbx_host_org_cellular_location    ? 
_entity_src_gen.pdbx_host_org_vector_type          ? 
_entity_src_gen.pdbx_host_org_vector               ? 
_entity_src_gen.host_org_details                   ? 
_entity_src_gen.expression_system_id               ? 
_entity_src_gen.plasmid_name                       ? 
_entity_src_gen.plasmid_details                    ? 
_entity_src_gen.pdbx_description                   ? 
# 
_struct_ref.id                         1 
_struct_ref.db_name                    UNP 
_struct_ref.db_code                    IPYR_MYCTU 
_struct_ref.pdbx_db_accession          P9WI55 
_struct_ref.pdbx_db_isoform            ? 
_struct_ref.entity_id                  1 
_struct_ref.pdbx_seq_one_letter_code   
;MQFDVTIEIPKGQRNKYEVDHETGRVRLDRYLYTPMAYPTDYGFIEDTLGDDGDPLDALVLLPQPVFPGVLVAARPVGMF
RMVDEHGGDDKVLCVPAGDPRWDHVQDIGDVPAFELDAIKHFFVHYKDLEPGKFVKAADWVDRAEAEAEVQRSVERFKAG
TH
;
_struct_ref.pdbx_align_begin           1 
# 
_struct_ref_seq.align_id                      1 
_struct_ref_seq.ref_id                        1 
_struct_ref_seq.pdbx_PDB_id_code              5KDE 
_struct_ref_seq.pdbx_strand_id                A 
_struct_ref_seq.seq_align_beg                 10 
_struct_ref_seq.pdbx_seq_align_beg_ins_code   ? 
_struct_ref_seq.seq_align_end                 171 
_struct_ref_seq.pdbx_seq_align_end_ins_code   ? 
_struct_ref_seq.pdbx_db_accession             P9WI55 
_struct_ref_seq.db_align_beg                  1 
_struct_ref_seq.pdbx_db_align_beg_ins_code    ? 
_struct_ref_seq.db_align_end                  162 
_struct_ref_seq.pdbx_db_align_end_ins_code    ? 
_struct_ref_seq.pdbx_auth_seq_align_beg       1 
_struct_ref_seq.pdbx_auth_seq_align_end       162 
# 
loop_
_struct_ref_seq_dif.align_id 
_struct_ref_seq_dif.pdbx_pdb_id_code 
_struct_ref_seq_dif.mon_id 
_struct_ref_seq_dif.pdbx_pdb_strand_id 
_struct_ref_seq_dif.seq_num 
_struct_ref_seq_dif.pdbx_pdb_ins_code 
_struct_ref_seq_dif.pdbx_seq_db_name 
_struct_ref_seq_dif.pdbx_seq_db_accession_code 
_struct_ref_seq_dif.db_mon_id 
_struct_ref_seq_dif.pdbx_seq_db_seq_num 
_struct_ref_seq_dif.details 
_struct_ref_seq_dif.pdbx_auth_seq_num 
_struct_ref_seq_dif.pdbx_ordinal 
1 5KDE MET A 1 ? UNP P9WI55 ? ? 'initiating methionine' -8 1 
1 5KDE ALA A 2 ? UNP P9WI55 ? ? 'expression tag'        -7 2 
1 5KDE HIS A 3 ? UNP P9WI55 ? ? 'expression tag'        -6 3 
1 5KDE HIS A 4 ? UNP P9WI55 ? ? 'expression tag'        -5 4 
1 5KDE HIS A 5 ? UNP P9WI55 ? ? 'expression tag'        -4 5 
1 5KDE HIS A 6 ? UNP P9WI55 ? ? 'expression tag'        -3 6 
1 5KDE HIS A 7 ? UNP P9WI55 ? ? 'expression tag'        -2 7 
1 5KDE HIS A 8 ? UNP P9WI55 ? ? 'expression tag'        -1 8 
1 5KDE ALA A 9 ? UNP P9WI55 ? ? 'expression tag'        0  9 
# 
loop_
_chem_comp.id 
_chem_comp.type 
_chem_comp.mon_nstd_flag 
_chem_comp.name 
_chem_comp.pdbx_synonyms 
_chem_comp.formula 
_chem_comp.formula_weight 
6RT non-polymer         . '2,4-bis(aziridin-1-yl)-6-(1-phenylpyrrol-2-yl)-1,3,5-triazine' ? 'C17 H16 N6'     304.349 
ALA 'L-peptide linking' y ALANINE                                                         ? 'C3 H7 N O2'     89.093  
ARG 'L-peptide linking' y ARGININE                                                        ? 'C6 H15 N4 O2 1' 175.209 
ASN 'L-peptide linking' y ASPARAGINE                                                      ? 'C4 H8 N2 O3'    132.118 
ASP 'L-peptide linking' y 'ASPARTIC ACID'                                                 ? 'C4 H7 N O4'     133.103 
CYS 'L-peptide linking' y CYSTEINE                                                        ? 'C3 H7 N O2 S'   121.158 
GLN 'L-peptide linking' y GLUTAMINE                                                       ? 'C5 H10 N2 O3'   146.144 
GLU 'L-peptide linking' y 'GLUTAMIC ACID'                                                 ? 'C5 H9 N O4'     147.129 
GLY 'peptide linking'   y GLYCINE                                                         ? 'C2 H5 N O2'     75.067  
HIS 'L-peptide linking' y HISTIDINE                                                       ? 'C6 H10 N3 O2 1' 156.162 
HOH non-polymer         . WATER                                                           ? 'H2 O'           18.015  
ILE 'L-peptide linking' y ISOLEUCINE                                                      ? 'C6 H13 N O2'    131.173 
LEU 'L-peptide linking' y LEUCINE                                                         ? 'C6 H13 N O2'    131.173 
LYS 'L-peptide linking' y LYSINE                                                          ? 'C6 H15 N2 O2 1' 147.195 
MET 'L-peptide linking' y METHIONINE                                                      ? 'C5 H11 N O2 S'  149.211 
PHE 'L-peptide linking' y PHENYLALANINE                                                   ? 'C9 H11 N O2'    165.189 
POP non-polymer         . 'PYROPHOSPHATE 2-'                                              ? 'H2 O7 P2 -2'    175.959 
PRO 'L-peptide linking' y PROLINE                                                         ? 'C5 H9 N O2'     115.130 
SER 'L-peptide linking' y SERINE                                                          ? 'C3 H7 N O3'     105.093 
THR 'L-peptide linking' y THREONINE                                                       ? 'C4 H9 N O3'     119.119 
TRP 'L-peptide linking' y TRYPTOPHAN                                                      ? 'C11 H12 N2 O2'  204.225 
TYR 'L-peptide linking' y TYROSINE                                                        ? 'C9 H11 N O3'    181.189 
VAL 'L-peptide linking' y VALINE                                                          ? 'C5 H11 N O2'    117.146 
# 
_exptl.absorpt_coefficient_mu     ? 
_exptl.absorpt_correction_T_max   ? 
_exptl.absorpt_correction_T_min   ? 
_exptl.absorpt_correction_type    ? 
_exptl.absorpt_process_details    ? 
_exptl.entry_id                   5KDE 
_exptl.crystals_number            1 
_exptl.details                    ? 
_exptl.method                     'X-RAY DIFFRACTION' 
_exptl.method_details             ? 
# 
_exptl_crystal.colour                      ? 
_exptl_crystal.density_diffrn              ? 
_exptl_crystal.density_Matthews            3.62 
_exptl_crystal.density_method              ? 
_exptl_crystal.density_percent_sol         65.99 
_exptl_crystal.description                 ? 
_exptl_crystal.F_000                       ? 
_exptl_crystal.id                          1 
_exptl_crystal.preparation                 ? 
_exptl_crystal.size_max                    ? 
_exptl_crystal.size_mid                    ? 
_exptl_crystal.size_min                    ? 
_exptl_crystal.size_rad                    ? 
_exptl_crystal.colour_lustre               ? 
_exptl_crystal.colour_modifier             ? 
_exptl_crystal.colour_primary              ? 
_exptl_crystal.density_meas                ? 
_exptl_crystal.density_meas_esd            ? 
_exptl_crystal.density_meas_gt             ? 
_exptl_crystal.density_meas_lt             ? 
_exptl_crystal.density_meas_temp           ? 
_exptl_crystal.density_meas_temp_esd       ? 
_exptl_crystal.density_meas_temp_gt        ? 
_exptl_crystal.density_meas_temp_lt        ? 
_exptl_crystal.pdbx_crystal_image_url      ? 
_exptl_crystal.pdbx_crystal_image_format   ? 
_exptl_crystal.pdbx_mosaicity              ? 
_exptl_crystal.pdbx_mosaicity_esd          ? 
# 
_exptl_crystal_grow.apparatus       ? 
_exptl_crystal_grow.atmosphere      ? 
_exptl_crystal_grow.crystal_id      1 
_exptl_crystal_grow.details         ? 
_exptl_crystal_grow.method          'VAPOR DIFFUSION, HANGING DROP' 
_exptl_crystal_grow.method_ref      ? 
_exptl_crystal_grow.pH              ? 
_exptl_crystal_grow.pressure        ? 
_exptl_crystal_grow.pressure_esd    ? 
_exptl_crystal_grow.seeding         ? 
_exptl_crystal_grow.seeding_ref     ? 
_exptl_crystal_grow.temp            294 
_exptl_crystal_grow.temp_details    ? 
_exptl_crystal_grow.temp_esd        ? 
_exptl_crystal_grow.time            ? 
_exptl_crystal_grow.pdbx_details    '0.1 M HEPES pH 7.5, 1.6 M NaH2PO4, and 0.2 M KH2PO4' 
_exptl_crystal_grow.pdbx_pH_range   ? 
# 
_diffrn.ambient_environment    ? 
_diffrn.ambient_temp           100 
_diffrn.ambient_temp_details   ? 
_diffrn.ambient_temp_esd       ? 
_diffrn.crystal_id             1 
_diffrn.crystal_support        ? 
_diffrn.crystal_treatment      ? 
_diffrn.details                ? 
_diffrn.id                     1 
_diffrn.ambient_pressure       ? 
_diffrn.ambient_pressure_esd   ? 
_diffrn.ambient_pressure_gt    ? 
_diffrn.ambient_pressure_lt    ? 
_diffrn.ambient_temp_gt        ? 
_diffrn.ambient_temp_lt        ? 
# 
_diffrn_detector.details                      ? 
_diffrn_detector.detector                     CCD 
_diffrn_detector.diffrn_id                    1 
_diffrn_detector.type                         'RAYONIX MX300-HS' 
_diffrn_detector.area_resol_mean              ? 
_diffrn_detector.dtime                        ? 
_diffrn_detector.pdbx_frames_total            ? 
_diffrn_detector.pdbx_collection_time_total   ? 
_diffrn_detector.pdbx_collection_date         2015-10-18 
# 
_diffrn_radiation.collimation                      ? 
_diffrn_radiation.diffrn_id                        1 
_diffrn_radiation.filter_edge                      ? 
_diffrn_radiation.inhomogeneity                    ? 
_diffrn_radiation.monochromator                    ? 
_diffrn_radiation.polarisn_norm                    ? 
_diffrn_radiation.polarisn_ratio                   ? 
_diffrn_radiation.probe                            ? 
_diffrn_radiation.type                             ? 
_diffrn_radiation.xray_symbol                      ? 
_diffrn_radiation.wavelength_id                    1 
_diffrn_radiation.pdbx_monochromatic_or_laue_m_l   M 
_diffrn_radiation.pdbx_wavelength_list             ? 
_diffrn_radiation.pdbx_wavelength                  ? 
_diffrn_radiation.pdbx_diffrn_protocol             'SINGLE WAVELENGTH' 
_diffrn_radiation.pdbx_analyzer                    ? 
_diffrn_radiation.pdbx_scattering_type             x-ray 
# 
_diffrn_radiation_wavelength.id           1 
_diffrn_radiation_wavelength.wavelength   1.0 
_diffrn_radiation_wavelength.wt           1.0 
# 
_diffrn_source.current                     ? 
_diffrn_source.details                     ? 
_diffrn_source.diffrn_id                   1 
_diffrn_source.power                       ? 
_diffrn_source.size                        ? 
_diffrn_source.source                      SYNCHROTRON 
_diffrn_source.target                      ? 
_diffrn_source.type                        'APS BEAMLINE 22-ID' 
_diffrn_source.voltage                     ? 
_diffrn_source.take-off_angle              ? 
_diffrn_source.pdbx_wavelength_list        1.0 
_diffrn_source.pdbx_wavelength             ? 
_diffrn_source.pdbx_synchrotron_beamline   22-ID 
_diffrn_source.pdbx_synchrotron_site       APS 
# 
_reflns.B_iso_Wilson_estimate            ? 
_reflns.entry_id                         5KDE 
_reflns.data_reduction_details           ? 
_reflns.data_reduction_method            ? 
_reflns.d_resolution_high                2.65 
_reflns.d_resolution_low                 50 
_reflns.details                          ? 
_reflns.limit_h_max                      ? 
_reflns.limit_h_min                      ? 
_reflns.limit_k_max                      ? 
_reflns.limit_k_min                      ? 
_reflns.limit_l_max                      ? 
_reflns.limit_l_min                      ? 
_reflns.number_all                       ? 
_reflns.number_obs                       8828 
_reflns.observed_criterion               ? 
_reflns.observed_criterion_F_max         ? 
_reflns.observed_criterion_F_min         ? 
_reflns.observed_criterion_I_max         ? 
_reflns.observed_criterion_I_min         ? 
_reflns.observed_criterion_sigma_F       ? 
_reflns.observed_criterion_sigma_I       ? 
_reflns.percent_possible_obs             99.6 
_reflns.R_free_details                   ? 
_reflns.Rmerge_F_all                     ? 
_reflns.Rmerge_F_obs                     ? 
_reflns.Friedel_coverage                 ? 
_reflns.number_gt                        ? 
_reflns.threshold_expression             ? 
_reflns.pdbx_redundancy                  6.8 
_reflns.pdbx_Rmerge_I_obs                ? 
_reflns.pdbx_Rmerge_I_all                ? 
_reflns.pdbx_Rsym_value                  ? 
_reflns.pdbx_netI_over_av_sigmaI         ? 
_reflns.pdbx_netI_over_sigmaI            29 
_reflns.pdbx_res_netI_over_av_sigmaI_2   ? 
_reflns.pdbx_res_netI_over_sigmaI_2      ? 
_reflns.pdbx_chi_squared                 ? 
_reflns.pdbx_scaling_rejects             ? 
_reflns.pdbx_d_res_high_opt              ? 
_reflns.pdbx_d_res_low_opt               ? 
_reflns.pdbx_d_res_opt_method            ? 
_reflns.phase_calculation_details        ? 
_reflns.pdbx_Rrim_I_all                  ? 
_reflns.pdbx_Rpim_I_all                  ? 
_reflns.pdbx_d_opt                       ? 
_reflns.pdbx_number_measured_all         ? 
_reflns.pdbx_diffrn_id                   1 
_reflns.pdbx_ordinal                     1 
_reflns.pdbx_CC_half                     ? 
_reflns.pdbx_R_split                     ? 
# 
_reflns_shell.d_res_high                  2.65 
_reflns_shell.d_res_low                   2.72 
_reflns_shell.meanI_over_sigI_all         ? 
_reflns_shell.meanI_over_sigI_obs         5 
_reflns_shell.number_measured_all         ? 
_reflns_shell.number_measured_obs         ? 
_reflns_shell.number_possible             ? 
_reflns_shell.number_unique_all           ? 
_reflns_shell.number_unique_obs           ? 
_reflns_shell.percent_possible_all        100 
_reflns_shell.percent_possible_obs        ? 
_reflns_shell.Rmerge_F_all                ? 
_reflns_shell.Rmerge_F_obs                ? 
_reflns_shell.Rmerge_I_all                ? 
_reflns_shell.Rmerge_I_obs                0.09 
_reflns_shell.meanI_over_sigI_gt          ? 
_reflns_shell.meanI_over_uI_all           ? 
_reflns_shell.meanI_over_uI_gt            ? 
_reflns_shell.number_measured_gt          ? 
_reflns_shell.number_unique_gt            ? 
_reflns_shell.percent_possible_gt         ? 
_reflns_shell.Rmerge_F_gt                 ? 
_reflns_shell.Rmerge_I_gt                 ? 
_reflns_shell.pdbx_redundancy             7.3 
_reflns_shell.pdbx_Rsym_value             ? 
_reflns_shell.pdbx_chi_squared            ? 
_reflns_shell.pdbx_netI_over_sigmaI_all   ? 
_reflns_shell.pdbx_netI_over_sigmaI_obs   ? 
_reflns_shell.pdbx_Rrim_I_all             ? 
_reflns_shell.pdbx_Rpim_I_all             ? 
_reflns_shell.pdbx_rejects                ? 
_reflns_shell.pdbx_ordinal                1 
_reflns_shell.pdbx_diffrn_id              1 
_reflns_shell.pdbx_CC_half                ? 
_reflns_shell.pdbx_R_split                ? 
# 
_refine.aniso_B[1][1]                            1.01 
_refine.aniso_B[1][2]                            0.51 
_refine.aniso_B[1][3]                            0.00 
_refine.aniso_B[2][2]                            1.01 
_refine.aniso_B[2][3]                            -0.00 
_refine.aniso_B[3][3]                            -3.28 
_refine.B_iso_max                                ? 
_refine.B_iso_mean                               57.261 
_refine.B_iso_min                                ? 
_refine.correlation_coeff_Fo_to_Fc               0.942 
_refine.correlation_coeff_Fo_to_Fc_free          0.923 
_refine.details                                  'HYDROGENS HAVE BEEN ADDED IN THE RIDING POSITIONS' 
_refine.diff_density_max                         ? 
_refine.diff_density_max_esd                     ? 
_refine.diff_density_min                         ? 
_refine.diff_density_min_esd                     ? 
_refine.diff_density_rms                         ? 
_refine.diff_density_rms_esd                     ? 
_refine.entry_id                                 5KDE 
_refine.pdbx_refine_id                           'X-RAY DIFFRACTION' 
_refine.ls_abs_structure_details                 ? 
_refine.ls_abs_structure_Flack                   ? 
_refine.ls_abs_structure_Flack_esd               ? 
_refine.ls_abs_structure_Rogers                  ? 
_refine.ls_abs_structure_Rogers_esd              ? 
_refine.ls_d_res_high                            2.65 
_refine.ls_d_res_low                             50 
_refine.ls_extinction_coef                       ? 
_refine.ls_extinction_coef_esd                   ? 
_refine.ls_extinction_expression                 ? 
_refine.ls_extinction_method                     ? 
_refine.ls_goodness_of_fit_all                   ? 
_refine.ls_goodness_of_fit_all_esd               ? 
_refine.ls_goodness_of_fit_obs                   ? 
_refine.ls_goodness_of_fit_obs_esd               ? 
_refine.ls_hydrogen_treatment                    ? 
_refine.ls_matrix_type                           ? 
_refine.ls_number_constraints                    ? 
_refine.ls_number_parameters                     ? 
_refine.ls_number_reflns_all                     ? 
_refine.ls_number_reflns_obs                     8404 
_refine.ls_number_reflns_R_free                  424 
_refine.ls_number_reflns_R_work                  ? 
_refine.ls_number_restraints                     ? 
_refine.ls_percent_reflns_obs                    99.59 
_refine.ls_percent_reflns_R_free                 4.8 
_refine.ls_R_factor_all                          ? 
_refine.ls_R_factor_obs                          0.20578 
_refine.ls_R_factor_R_free                       0.24015 
_refine.ls_R_factor_R_free_error                 ? 
_refine.ls_R_factor_R_free_error_details         ? 
_refine.ls_R_factor_R_work                       0.20399 
_refine.ls_R_Fsqd_factor_obs                     ? 
_refine.ls_R_I_factor_obs                        ? 
_refine.ls_redundancy_reflns_all                 ? 
_refine.ls_redundancy_reflns_obs                 ? 
_refine.ls_restrained_S_all                      ? 
_refine.ls_restrained_S_obs                      ? 
_refine.ls_shift_over_esd_max                    ? 
_refine.ls_shift_over_esd_mean                   ? 
_refine.ls_structure_factor_coef                 ? 
_refine.ls_weighting_details                     ? 
_refine.ls_weighting_scheme                      ? 
_refine.ls_wR_factor_all                         ? 
_refine.ls_wR_factor_obs                         ? 
_refine.ls_wR_factor_R_free                      ? 
_refine.ls_wR_factor_R_work                      ? 
_refine.occupancy_max                            ? 
_refine.occupancy_min                            ? 
_refine.solvent_model_details                    ? 
_refine.solvent_model_param_bsol                 ? 
_refine.solvent_model_param_ksol                 ? 
_refine.ls_R_factor_gt                           ? 
_refine.ls_goodness_of_fit_gt                    ? 
_refine.ls_goodness_of_fit_ref                   ? 
_refine.ls_shift_over_su_max                     ? 
_refine.ls_shift_over_su_max_lt                  ? 
_refine.ls_shift_over_su_mean                    ? 
_refine.ls_shift_over_su_mean_lt                 ? 
_refine.pdbx_ls_sigma_I                          ? 
_refine.pdbx_ls_sigma_F                          ? 
_refine.pdbx_ls_sigma_Fsqd                       ? 
_refine.pdbx_data_cutoff_high_absF               ? 
_refine.pdbx_data_cutoff_high_rms_absF           ? 
_refine.pdbx_data_cutoff_low_absF                ? 
_refine.pdbx_isotropic_thermal_model             ? 
_refine.pdbx_ls_cross_valid_method               THROUGHOUT 
_refine.pdbx_method_to_determine_struct          'MOLECULAR REPLACEMENT' 
_refine.pdbx_starting_model                      4Z72 
_refine.pdbx_stereochemistry_target_values       ? 
_refine.pdbx_R_Free_selection_details            RANDOM 
_refine.pdbx_stereochem_target_val_spec_case     ? 
_refine.pdbx_overall_ESU_R                       0.359 
_refine.pdbx_overall_ESU_R_Free                  0.257 
_refine.pdbx_solvent_vdw_probe_radii             1.20 
_refine.pdbx_solvent_ion_probe_radii             0.80 
_refine.pdbx_solvent_shrinkage_radii             0.80 
_refine.pdbx_real_space_R                        ? 
_refine.pdbx_density_correlation                 ? 
_refine.pdbx_pd_number_of_powder_patterns        ? 
_refine.pdbx_pd_number_of_points                 ? 
_refine.pdbx_pd_meas_number_of_points            ? 
_refine.pdbx_pd_proc_ls_prof_R_factor            ? 
_refine.pdbx_pd_proc_ls_prof_wR_factor           ? 
_refine.pdbx_pd_Marquardt_correlation_coeff      ? 
_refine.pdbx_pd_Fsqrd_R_factor                   ? 
_refine.pdbx_pd_ls_matrix_band_width             ? 
_refine.pdbx_overall_phase_error                 ? 
_refine.pdbx_overall_SU_R_free_Cruickshank_DPI   ? 
_refine.pdbx_overall_SU_R_free_Blow_DPI          ? 
_refine.pdbx_overall_SU_R_Blow_DPI               ? 
_refine.pdbx_TLS_residual_ADP_flag               ? 
_refine.pdbx_diffrn_id                           1 
_refine.overall_SU_B                             9.639 
_refine.overall_SU_ML                            0.193 
_refine.overall_SU_R_Cruickshank_DPI             ? 
_refine.overall_SU_R_free                        ? 
_refine.overall_FOM_free_R_set                   ? 
_refine.overall_FOM_work_R_set                   ? 
_refine.pdbx_average_fsc_overall                 ? 
_refine.pdbx_average_fsc_work                    ? 
_refine.pdbx_average_fsc_free                    ? 
# 
_refine_hist.pdbx_refine_id                   'X-RAY DIFFRACTION' 
_refine_hist.cycle_id                         1 
_refine_hist.pdbx_number_atoms_protein        1282 
_refine_hist.pdbx_number_atoms_nucleic_acid   0 
_refine_hist.pdbx_number_atoms_ligand         32 
_refine_hist.number_atoms_solvent             16 
_refine_hist.number_atoms_total               1330 
_refine_hist.d_res_high                       2.65 
_refine_hist.d_res_low                        50 
# 
loop_
_refine_ls_restr.pdbx_refine_id 
_refine_ls_restr.criterion 
_refine_ls_restr.dev_ideal 
_refine_ls_restr.dev_ideal_target 
_refine_ls_restr.number 
_refine_ls_restr.rejects 
_refine_ls_restr.type 
_refine_ls_restr.weight 
_refine_ls_restr.pdbx_restraint_function 
'X-RAY DIFFRACTION' ? 0.007  0.019  1348 ? r_bond_refined_d             ? ? 
'X-RAY DIFFRACTION' ? 0.001  0.020  1235 ? r_bond_other_d               ? ? 
'X-RAY DIFFRACTION' ? 1.807  1.989  1837 ? r_angle_refined_deg          ? ? 
'X-RAY DIFFRACTION' ? 1.075  3.000  2844 ? r_angle_other_deg            ? ? 
'X-RAY DIFFRACTION' ? 5.515  5.000  160  ? r_dihedral_angle_1_deg       ? ? 
'X-RAY DIFFRACTION' ? 31.047 23.824 68   ? r_dihedral_angle_2_deg       ? ? 
'X-RAY DIFFRACTION' ? 14.988 15.000 204  ? r_dihedral_angle_3_deg       ? ? 
'X-RAY DIFFRACTION' ? 9.937  15.000 10   ? r_dihedral_angle_4_deg       ? ? 
'X-RAY DIFFRACTION' ? 0.065  0.200  187  ? r_chiral_restr               ? ? 
'X-RAY DIFFRACTION' ? 0.004  0.021  1530 ? r_gen_planes_refined         ? ? 
'X-RAY DIFFRACTION' ? 0.001  0.020  309  ? r_gen_planes_other           ? ? 
'X-RAY DIFFRACTION' ? ?      ?      ?    ? r_nbd_refined                ? ? 
'X-RAY DIFFRACTION' ? ?      ?      ?    ? r_nbd_other                  ? ? 
'X-RAY DIFFRACTION' ? ?      ?      ?    ? r_nbtor_refined              ? ? 
'X-RAY DIFFRACTION' ? ?      ?      ?    ? r_nbtor_other                ? ? 
'X-RAY DIFFRACTION' ? ?      ?      ?    ? r_xyhbond_nbd_refined        ? ? 
'X-RAY DIFFRACTION' ? ?      ?      ?    ? r_xyhbond_nbd_other          ? ? 
'X-RAY DIFFRACTION' ? ?      ?      ?    ? r_metal_ion_refined          ? ? 
'X-RAY DIFFRACTION' ? ?      ?      ?    ? r_metal_ion_other            ? ? 
'X-RAY DIFFRACTION' ? ?      ?      ?    ? r_symmetry_vdw_refined       ? ? 
'X-RAY DIFFRACTION' ? ?      ?      ?    ? r_symmetry_vdw_other         ? ? 
'X-RAY DIFFRACTION' ? ?      ?      ?    ? r_symmetry_hbond_refined     ? ? 
'X-RAY DIFFRACTION' ? ?      ?      ?    ? r_symmetry_hbond_other       ? ? 
'X-RAY DIFFRACTION' ? ?      ?      ?    ? r_symmetry_metal_ion_refined ? ? 
'X-RAY DIFFRACTION' ? ?      ?      ?    ? r_symmetry_metal_ion_other   ? ? 
'X-RAY DIFFRACTION' ? 1.225  5.697  643  ? r_mcbond_it                  ? ? 
'X-RAY DIFFRACTION' ? 1.225  5.692  642  ? r_mcbond_other               ? ? 
'X-RAY DIFFRACTION' ? 2.237  8.543  803  ? r_mcangle_it                 ? ? 
'X-RAY DIFFRACTION' ? 2.237  8.543  803  ? r_mcangle_other              ? ? 
'X-RAY DIFFRACTION' ? 0.987  5.889  704  ? r_scbond_it                  ? ? 
'X-RAY DIFFRACTION' ? 0.982  5.856  697  ? r_scbond_other               ? ? 
'X-RAY DIFFRACTION' ? ?      ?      ?    ? r_scangle_it                 ? ? 
'X-RAY DIFFRACTION' ? 1.840  8.688  1016 ? r_scangle_other              ? ? 
'X-RAY DIFFRACTION' ? 3.721  45.011 1383 ? r_long_range_B_refined       ? ? 
'X-RAY DIFFRACTION' ? 3.722  44.938 1381 ? r_long_range_B_other         ? ? 
'X-RAY DIFFRACTION' ? ?      ?      ?    ? r_rigid_bond_restr           ? ? 
'X-RAY DIFFRACTION' ? ?      ?      ?    ? r_sphericity_free            ? ? 
'X-RAY DIFFRACTION' ? ?      ?      ?    ? r_sphericity_bonded          ? ? 
# 
_refine_ls_shell.pdbx_refine_id                   'X-RAY DIFFRACTION' 
_refine_ls_shell.d_res_high                       2.647 
_refine_ls_shell.d_res_low                        2.716 
_refine_ls_shell.number_reflns_all                ? 
_refine_ls_shell.number_reflns_obs                ? 
_refine_ls_shell.number_reflns_R_free             31 
_refine_ls_shell.number_reflns_R_work             601 
_refine_ls_shell.percent_reflns_obs               99.68 
_refine_ls_shell.percent_reflns_R_free            ? 
_refine_ls_shell.R_factor_all                     ? 
_refine_ls_shell.R_factor_obs                     ? 
_refine_ls_shell.R_factor_R_free                  0.397 
_refine_ls_shell.R_factor_R_free_error            ? 
_refine_ls_shell.R_factor_R_work                  0.280 
_refine_ls_shell.redundancy_reflns_all            ? 
_refine_ls_shell.redundancy_reflns_obs            ? 
_refine_ls_shell.wR_factor_all                    ? 
_refine_ls_shell.wR_factor_obs                    ? 
_refine_ls_shell.wR_factor_R_free                 ? 
_refine_ls_shell.wR_factor_R_work                 ? 
_refine_ls_shell.pdbx_total_number_of_bins_used   20 
_refine_ls_shell.pdbx_phase_error                 ? 
_refine_ls_shell.pdbx_fsc_work                    ? 
_refine_ls_shell.pdbx_fsc_free                    ? 
# 
_struct.entry_id                     5KDE 
_struct.title                        
'Inorganic pyrophosphatase from Mycobacterium tuberculosis in complex with inhibitor 1 and inorganic pyrophosphate' 
_struct.pdbx_model_details           ? 
_struct.pdbx_formula_weight          ? 
_struct.pdbx_formula_weight_method   ? 
_struct.pdbx_model_type_details      ? 
_struct.pdbx_CASP_flag               N 
# 
_struct_keywords.entry_id        5KDE 
_struct_keywords.text            'hydrolase, pyrophosphatase, drug target, HYDROLASE-HYDROLASE INHIBITOR complex' 
_struct_keywords.pdbx_keywords   'HYDROLASE/HYDROLASE INHIBITOR' 
# 
loop_
_struct_asym.id 
_struct_asym.pdbx_blank_PDB_chainid_flag 
_struct_asym.pdbx_modified 
_struct_asym.entity_id 
_struct_asym.details 
A N N 1 ? 
B N N 2 ? 
C N N 3 ? 
D N N 4 ? 
# 
loop_
_struct_conf.conf_type_id 
_struct_conf.id 
_struct_conf.pdbx_PDB_helix_id 
_struct_conf.beg_label_comp_id 
_struct_conf.beg_label_asym_id 
_struct_conf.beg_label_seq_id 
_struct_conf.pdbx_beg_PDB_ins_code 
_struct_conf.end_label_comp_id 
_struct_conf.end_label_asym_id 
_struct_conf.end_label_seq_id 
_struct_conf.pdbx_end_PDB_ins_code 
_struct_conf.beg_auth_comp_id 
_struct_conf.beg_auth_asym_id 
_struct_conf.beg_auth_seq_id 
_struct_conf.end_auth_comp_id 
_struct_conf.end_auth_asym_id 
_struct_conf.end_auth_seq_id 
_struct_conf.pdbx_PDB_helix_class 
_struct_conf.details 
_struct_conf.pdbx_PDB_helix_length 
HELX_P HELX_P1 AA1 ASP A 108 ? ASP A 112 ? ASP A 99  ASP A 103 5 ? 5  
HELX_P HELX_P2 AA2 ASP A 116 ? VAL A 120 ? ASP A 107 VAL A 111 5 ? 5  
HELX_P HELX_P3 AA3 PRO A 121 ? TYR A 135 ? PRO A 112 TYR A 126 1 ? 15 
HELX_P HELX_P4 AA4 ASP A 151 ? ALA A 168 ? ASP A 142 ALA A 159 1 ? 18 
# 
_struct_conf_type.id          HELX_P 
_struct_conf_type.criteria    ? 
_struct_conf_type.reference   ? 
# 
loop_
_struct_sheet.id 
_struct_sheet.type 
_struct_sheet.number_strands 
_struct_sheet.details 
AA1 ? 7 ? 
AA2 ? 2 ? 
# 
loop_
_struct_sheet_order.sheet_id 
_struct_sheet_order.range_id_1 
_struct_sheet_order.range_id_2 
_struct_sheet_order.offset 
_struct_sheet_order.sense 
AA1 1 2 ? anti-parallel 
AA1 2 3 ? anti-parallel 
AA1 3 4 ? parallel      
AA1 4 5 ? anti-parallel 
AA1 5 6 ? anti-parallel 
AA1 6 7 ? anti-parallel 
AA2 1 2 ? anti-parallel 
# 
loop_
_struct_sheet_range.sheet_id 
_struct_sheet_range.id 
_struct_sheet_range.beg_label_comp_id 
_struct_sheet_range.beg_label_asym_id 
_struct_sheet_range.beg_label_seq_id 
_struct_sheet_range.pdbx_beg_PDB_ins_code 
_struct_sheet_range.end_label_comp_id 
_struct_sheet_range.end_label_asym_id 
_struct_sheet_range.end_label_seq_id 
_struct_sheet_range.pdbx_end_PDB_ins_code 
_struct_sheet_range.beg_auth_comp_id 
_struct_sheet_range.beg_auth_asym_id 
_struct_sheet_range.beg_auth_seq_id 
_struct_sheet_range.end_auth_comp_id 
_struct_sheet_range.end_auth_asym_id 
_struct_sheet_range.end_auth_seq_id 
AA1 1 VAL A 144 ? VAL A 150 ? VAL A 135 VAL A 141 
AA1 2 LEU A 80  ? ASP A 93  ? LEU A 71  ASP A 84  
AA1 3 LYS A 100 ? PRO A 105 ? LYS A 91  PRO A 96  
AA1 4 ASP A 66  ? VAL A 69  ? ASP A 57  VAL A 60  
AA1 5 ASP A 50  ? ILE A 54  ? ASP A 41  ILE A 45  
AA1 6 PHE A 12  ? ILE A 18  ? PHE A 3   ILE A 9   
AA1 7 LEU A 80  ? ASP A 93  ? LEU A 71  ASP A 84  
AA2 1 ASN A 24  ? VAL A 28  ? ASN A 15  VAL A 19  
AA2 2 VAL A 35  ? TYR A 40  ? VAL A 26  TYR A 31  
# 
loop_
_pdbx_struct_sheet_hbond.sheet_id 
_pdbx_struct_sheet_hbond.range_id_1 
_pdbx_struct_sheet_hbond.range_id_2 
_pdbx_struct_sheet_hbond.range_1_label_atom_id 
_pdbx_struct_sheet_hbond.range_1_label_comp_id 
_pdbx_struct_sheet_hbond.range_1_label_asym_id 
_pdbx_struct_sheet_hbond.range_1_label_seq_id 
_pdbx_struct_sheet_hbond.range_1_PDB_ins_code 
_pdbx_struct_sheet_hbond.range_1_auth_atom_id 
_pdbx_struct_sheet_hbond.range_1_auth_comp_id 
_pdbx_struct_sheet_hbond.range_1_auth_asym_id 
_pdbx_struct_sheet_hbond.range_1_auth_seq_id 
_pdbx_struct_sheet_hbond.range_2_label_atom_id 
_pdbx_struct_sheet_hbond.range_2_label_comp_id 
_pdbx_struct_sheet_hbond.range_2_label_asym_id 
_pdbx_struct_sheet_hbond.range_2_label_seq_id 
_pdbx_struct_sheet_hbond.range_2_PDB_ins_code 
_pdbx_struct_sheet_hbond.range_2_auth_atom_id 
_pdbx_struct_sheet_hbond.range_2_auth_comp_id 
_pdbx_struct_sheet_hbond.range_2_auth_asym_id 
_pdbx_struct_sheet_hbond.range_2_auth_seq_id 
AA1 1 2 O ASP A 148 ? O ASP A 139 N ARG A 90  ? N ARG A 81 
AA1 2 3 N PHE A 89  ? N PHE A 80  O LYS A 100 ? O LYS A 91 
AA1 3 4 O CYS A 103 ? O CYS A 94  N LEU A 68  ? N LEU A 59 
AA1 4 5 O ALA A 67  ? O ALA A 58  N GLY A 52  ? N GLY A 43 
AA1 5 6 O TYR A 51  ? O TYR A 42  N ILE A 18  ? N ILE A 9  
AA1 6 7 N PHE A 12  ? N PHE A 3   O ALA A 83  ? O ALA A 74 
AA2 1 2 N GLU A 27  ? N GLU A 18  O ARG A 36  ? O ARG A 27 
# 
loop_
_struct_site.id 
_struct_site.pdbx_evidence_code 
_struct_site.pdbx_auth_asym_id 
_struct_site.pdbx_auth_comp_id 
_struct_site.pdbx_auth_seq_id 
_struct_site.pdbx_auth_ins_code 
_struct_site.pdbx_num_residues 
_struct_site.details 
AC1 Software A 6RT 201 ? 6 'binding site for residue 6RT A 201' 
AC2 Software A POP 202 ? 9 'binding site for residue POP A 202' 
# 
loop_
_struct_site_gen.id 
_struct_site_gen.site_id 
_struct_site_gen.pdbx_num_res 
_struct_site_gen.label_comp_id 
_struct_site_gen.label_asym_id 
_struct_site_gen.label_seq_id 
_struct_site_gen.pdbx_auth_ins_code 
_struct_site_gen.auth_comp_id 
_struct_site_gen.auth_asym_id 
_struct_site_gen.auth_seq_id 
_struct_site_gen.label_atom_id 
_struct_site_gen.label_alt_id 
_struct_site_gen.symmetry 
_struct_site_gen.details 
1  AC1 6 ARG A 110 ? ARG A 101 . ? 1_555  ? 
2  AC1 6 TRP A 111 ? TRP A 102 . ? 1_555  ? 
3  AC1 6 VAL A 114 ? VAL A 105 . ? 1_555  ? 
4  AC1 6 ASP A 119 ? ASP A 110 . ? 1_555  ? 
5  AC1 6 PRO A 121 ? PRO A 112 . ? 1_555  ? 
6  AC1 6 PHE A 123 ? PHE A 114 . ? 12_537 ? 
7  AC2 9 LYS A 25  ? LYS A 16  . ? 1_555  ? 
8  AC2 9 ARG A 39  ? ARG A 30  . ? 1_555  ? 
9  AC2 9 ASP A 93  ? ASP A 84  . ? 1_555  ? 
10 AC2 9 GLU A 94  ? GLU A 85  . ? 1_555  ? 
11 AC2 9 HIS A 95  ? HIS A 86  . ? 1_555  ? 
12 AC2 9 ASP A 98  ? ASP A 89  . ? 1_555  ? 
13 AC2 9 TYR A 135 ? TYR A 126 . ? 1_555  ? 
14 AC2 9 LYS A 136 ? LYS A 127 . ? 1_555  ? 
15 AC2 9 HOH D .   ? HOH A 311 . ? 1_555  ? 
# 
_atom_sites.entry_id                    5KDE 
_atom_sites.fract_transf_matrix[1][1]   0.01088577 
_atom_sites.fract_transf_matrix[1][2]   0.00179918 
_atom_sites.fract_transf_matrix[1][3]   0.00342128 
_atom_sites.fract_transf_matrix[2][1]   0.00312002 
_atom_sites.fract_transf_matrix[2][2]   -0.00243164 
_atom_sites.fract_transf_matrix[2][3]   0.01085257 
_atom_sites.fract_transf_matrix[3][1]   0.00246989 
_atom_sites.fract_transf_matrix[3][2]   -0.00953222 
_atom_sites.fract_transf_matrix[3][3]   -0.00284587 
_atom_sites.fract_transf_vector[1]      0.477222 
_atom_sites.fract_transf_vector[2]      -0.655274 
_atom_sites.fract_transf_vector[3]      1.097694 
# 
loop_
_atom_type.symbol 
C 
N 
O 
P 
S 
# 
loop_
_atom_site.group_PDB 
_atom_site.id 
_atom_site.type_symbol 
_atom_site.label_atom_id 
_atom_site.label_alt_id 
_atom_site.label_comp_id 
_atom_site.label_asym_id 
_atom_site.label_entity_id 
_atom_site.label_seq_id 
_atom_site.pdbx_PDB_ins_code 
_atom_site.Cartn_x 
_atom_site.Cartn_y 
_atom_site.Cartn_z 
_atom_site.occupancy 
_atom_site.B_iso_or_equiv 
_atom_site.pdbx_formal_charge 
_atom_site.auth_seq_id 
_atom_site.auth_comp_id 
_atom_site.auth_asym_id 
_atom_site.auth_atom_id 
_atom_site.pdbx_PDB_model_num 
ATOM   1    N N   . ALA A 1 9   ? -12.014 8.962   -14.404 1.00 64.81 ? 0   ALA A N   1 
ATOM   2    C CA  . ALA A 1 9   ? -11.501 7.908   -13.467 1.00 64.38 ? 0   ALA A CA  1 
ATOM   3    C C   . ALA A 1 9   ? -10.549 8.498   -12.427 1.00 63.51 ? 0   ALA A C   1 
ATOM   4    O O   . ALA A 1 9   ? -9.831  9.460   -12.718 1.00 63.46 ? 0   ALA A O   1 
ATOM   5    C CB  . ALA A 1 9   ? -10.807 6.796   -14.243 1.00 64.29 ? 0   ALA A CB  1 
ATOM   6    N N   . MET A 1 10  ? -10.546 7.916   -11.227 1.00 61.88 ? 1   MET A N   1 
ATOM   7    C CA  . MET A 1 10  ? -9.691  8.392   -10.135 1.00 60.98 ? 1   MET A CA  1 
ATOM   8    C C   . MET A 1 10  ? -8.220  8.109   -10.437 1.00 58.89 ? 1   MET A C   1 
ATOM   9    O O   . MET A 1 10  ? -7.878  7.069   -11.004 1.00 57.59 ? 1   MET A O   1 
ATOM   10   C CB  . MET A 1 10  ? -10.084 7.746   -8.799  1.00 62.87 ? 1   MET A CB  1 
ATOM   11   C CG  . MET A 1 10  ? -9.235  8.194   -7.613  1.00 64.68 ? 1   MET A CG  1 
ATOM   12   S SD  . MET A 1 10  ? -9.852  7.653   -6.011  1.00 68.18 ? 1   MET A SD  1 
ATOM   13   C CE  . MET A 1 10  ? -11.242 8.761   -5.786  1.00 68.21 ? 1   MET A CE  1 
ATOM   14   N N   . GLN A 1 11  ? -7.365  9.050   -10.043 1.00 56.97 ? 2   GLN A N   1 
ATOM   15   C CA  . GLN A 1 11  ? -5.927  8.961   -10.277 1.00 56.02 ? 2   GLN A CA  1 
ATOM   16   C C   . GLN A 1 11  ? -5.168  9.739   -9.204  1.00 54.61 ? 2   GLN A C   1 
ATOM   17   O O   . GLN A 1 11  ? -5.630  10.787  -8.750  1.00 54.98 ? 2   GLN A O   1 
ATOM   18   C CB  . GLN A 1 11  ? -5.597  9.513   -11.664 1.00 56.09 ? 2   GLN A CB  1 
ATOM   19   C CG  . GLN A 1 11  ? -4.163  9.280   -12.115 1.00 56.33 ? 2   GLN A CG  1 
ATOM   20   C CD  . GLN A 1 11  ? -3.912  9.777   -13.528 1.00 56.25 ? 2   GLN A CD  1 
ATOM   21   O OE1 . GLN A 1 11  ? -4.686  9.487   -14.445 1.00 56.35 ? 2   GLN A OE1 1 
ATOM   22   N NE2 . GLN A 1 11  ? -2.825  10.522  -13.715 1.00 55.84 ? 2   GLN A NE2 1 
ATOM   23   N N   . PHE A 1 12  ? -4.010  9.221   -8.807  1.00 52.95 ? 3   PHE A N   1 
ATOM   24   C CA  . PHE A 1 12  ? -3.177  9.863   -7.785  1.00 52.04 ? 3   PHE A CA  1 
ATOM   25   C C   . PHE A 1 12  ? -1.720  9.427   -7.892  1.00 51.27 ? 3   PHE A C   1 
ATOM   26   O O   . PHE A 1 12  ? -1.408  8.435   -8.552  1.00 52.24 ? 3   PHE A O   1 
ATOM   27   C CB  . PHE A 1 12  ? -3.722  9.570   -6.377  1.00 51.98 ? 3   PHE A CB  1 
ATOM   28   C CG  . PHE A 1 12  ? -4.099  8.127   -6.150  1.00 52.51 ? 3   PHE A CG  1 
ATOM   29   C CD1 . PHE A 1 12  ? -3.124  7.167   -5.876  1.00 52.31 ? 3   PHE A CD1 1 
ATOM   30   C CD2 . PHE A 1 12  ? -5.432  7.727   -6.196  1.00 52.40 ? 3   PHE A CD2 1 
ATOM   31   C CE1 . PHE A 1 12  ? -3.473  5.841   -5.664  1.00 52.15 ? 3   PHE A CE1 1 
ATOM   32   C CE2 . PHE A 1 12  ? -5.785  6.401   -5.983  1.00 52.35 ? 3   PHE A CE2 1 
ATOM   33   C CZ  . PHE A 1 12  ? -4.805  5.457   -5.717  1.00 52.51 ? 3   PHE A CZ  1 
ATOM   34   N N   . ASP A 1 13  ? -0.841  10.183  -7.240  1.00 50.09 ? 4   ASP A N   1 
ATOM   35   C CA  . ASP A 1 13  ? 0.585   9.874   -7.201  1.00 50.05 ? 4   ASP A CA  1 
ATOM   36   C C   . ASP A 1 13  ? 0.934   9.104   -5.935  1.00 48.97 ? 4   ASP A C   1 
ATOM   37   O O   . ASP A 1 13  ? 0.609   9.536   -4.829  1.00 48.45 ? 4   ASP A O   1 
ATOM   38   C CB  . ASP A 1 13  ? 1.422   11.154  -7.271  1.00 51.51 ? 4   ASP A CB  1 
ATOM   39   C CG  . ASP A 1 13  ? 1.419   11.789  -8.654  1.00 53.57 ? 4   ASP A CG  1 
ATOM   40   O OD1 . ASP A 1 13  ? 0.967   11.151  -9.631  1.00 55.11 ? 4   ASP A OD1 1 
ATOM   41   O OD2 . ASP A 1 13  ? 1.885   12.943  -8.766  1.00 55.74 ? 4   ASP A OD2 1 
ATOM   42   N N   . VAL A 1 14  ? 1.597   7.962   -6.115  1.00 47.98 ? 5   VAL A N   1 
ATOM   43   C CA  . VAL A 1 14  ? 2.106   7.156   -5.014  1.00 47.16 ? 5   VAL A CA  1 
ATOM   44   C C   . VAL A 1 14  ? 3.620   7.341   -4.952  1.00 46.60 ? 5   VAL A C   1 
ATOM   45   O O   . VAL A 1 14  ? 4.304   7.187   -5.961  1.00 46.75 ? 5   VAL A O   1 
ATOM   46   C CB  . VAL A 1 14  ? 1.770   5.663   -5.213  1.00 46.81 ? 5   VAL A CB  1 
ATOM   47   C CG1 . VAL A 1 14  ? 2.334   4.820   -4.072  1.00 47.40 ? 5   VAL A CG1 1 
ATOM   48   C CG2 . VAL A 1 14  ? 0.263   5.468   -5.325  1.00 46.10 ? 5   VAL A CG2 1 
ATOM   49   N N   . THR A 1 15  ? 4.126   7.690   -3.771  1.00 46.75 ? 6   THR A N   1 
ATOM   50   C CA  . THR A 1 15  ? 5.561   7.709   -3.505  1.00 46.75 ? 6   THR A CA  1 
ATOM   51   C C   . THR A 1 15  ? 5.947   6.318   -3.021  1.00 47.14 ? 6   THR A C   1 
ATOM   52   O O   . THR A 1 15  ? 5.508   5.900   -1.951  1.00 47.27 ? 6   THR A O   1 
ATOM   53   C CB  . THR A 1 15  ? 5.928   8.756   -2.433  1.00 46.87 ? 6   THR A CB  1 
ATOM   54   O OG1 . THR A 1 15  ? 5.607   10.065  -2.917  1.00 47.03 ? 6   THR A OG1 1 
ATOM   55   C CG2 . THR A 1 15  ? 7.418   8.704   -2.087  1.00 47.07 ? 6   THR A CG2 1 
ATOM   56   N N   . ILE A 1 16  ? 6.762   5.613   -3.804  1.00 47.30 ? 7   ILE A N   1 
ATOM   57   C CA  . ILE A 1 16  ? 7.188   4.255   -3.465  1.00 47.64 ? 7   ILE A CA  1 
ATOM   58   C C   . ILE A 1 16  ? 8.287   4.331   -2.406  1.00 48.13 ? 7   ILE A C   1 
ATOM   59   O O   . ILE A 1 16  ? 9.310   4.980   -2.618  1.00 48.15 ? 7   ILE A O   1 
ATOM   60   C CB  . ILE A 1 16  ? 7.707   3.481   -4.705  1.00 48.01 ? 7   ILE A CB  1 
ATOM   61   C CG1 . ILE A 1 16  ? 6.621   3.381   -5.793  1.00 48.17 ? 7   ILE A CG1 1 
ATOM   62   C CG2 . ILE A 1 16  ? 8.203   2.088   -4.320  1.00 48.19 ? 7   ILE A CG2 1 
ATOM   63   C CD1 . ILE A 1 16  ? 5.364   2.633   -5.395  1.00 48.33 ? 7   ILE A CD1 1 
ATOM   64   N N   . GLU A 1 17  ? 8.052   3.677   -1.270  1.00 48.52 ? 8   GLU A N   1 
ATOM   65   C CA  . GLU A 1 17  ? 9.041   3.559   -0.202  1.00 49.18 ? 8   GLU A CA  1 
ATOM   66   C C   . GLU A 1 17  ? 9.867   2.291   -0.386  1.00 48.54 ? 8   GLU A C   1 
ATOM   67   O O   . GLU A 1 17  ? 11.097  2.339   -0.358  1.00 48.15 ? 8   GLU A O   1 
ATOM   68   C CB  . GLU A 1 17  ? 8.353   3.514   1.164   1.00 50.75 ? 8   GLU A CB  1 
ATOM   69   C CG  . GLU A 1 17  ? 7.491   4.727   1.478   1.00 52.17 ? 8   GLU A CG  1 
ATOM   70   C CD  . GLU A 1 17  ? 6.777   4.604   2.812   1.00 53.52 ? 8   GLU A CD  1 
ATOM   71   O OE1 . GLU A 1 17  ? 6.005   3.637   2.989   1.00 54.79 ? 8   GLU A OE1 1 
ATOM   72   O OE2 . GLU A 1 17  ? 6.977   5.479   3.681   1.00 54.66 ? 8   GLU A OE2 1 
ATOM   73   N N   . ILE A 1 18  ? 9.176   1.166   -0.576  1.00 47.99 ? 9   ILE A N   1 
ATOM   74   C CA  . ILE A 1 18  ? 9.793   -0.162  -0.592  1.00 48.50 ? 9   ILE A CA  1 
ATOM   75   C C   . ILE A 1 18  ? 9.619   -0.812  -1.968  1.00 49.19 ? 9   ILE A C   1 
ATOM   76   O O   . ILE A 1 18  ? 8.487   -1.036  -2.398  1.00 49.19 ? 9   ILE A O   1 
ATOM   77   C CB  . ILE A 1 18  ? 9.153   -1.071  0.475   1.00 48.28 ? 9   ILE A CB  1 
ATOM   78   C CG1 . ILE A 1 18  ? 9.361   -0.480  1.871   1.00 48.44 ? 9   ILE A CG1 1 
ATOM   79   C CG2 . ILE A 1 18  ? 9.735   -2.482  0.417   1.00 48.83 ? 9   ILE A CG2 1 
ATOM   80   C CD1 . ILE A 1 18  ? 8.296   -0.854  2.870   1.00 48.63 ? 9   ILE A CD1 1 
ATOM   81   N N   . PRO A 1 19  ? 10.736  -1.124  -2.660  1.00 50.16 ? 10  PRO A N   1 
ATOM   82   C CA  . PRO A 1 19  ? 10.646  -1.919  -3.891  1.00 50.20 ? 10  PRO A CA  1 
ATOM   83   C C   . PRO A 1 19  ? 10.204  -3.362  -3.637  1.00 50.64 ? 10  PRO A C   1 
ATOM   84   O O   . PRO A 1 19  ? 10.337  -3.865  -2.521  1.00 50.54 ? 10  PRO A O   1 
ATOM   85   C CB  . PRO A 1 19  ? 12.080  -1.899  -4.440  1.00 50.16 ? 10  PRO A CB  1 
ATOM   86   C CG  . PRO A 1 19  ? 12.750  -0.754  -3.768  1.00 50.55 ? 10  PRO A CG  1 
ATOM   87   C CD  . PRO A 1 19  ? 12.108  -0.638  -2.424  1.00 50.52 ? 10  PRO A CD  1 
ATOM   88   N N   . LYS A 1 20  ? 9.689   -4.010  -4.676  1.00 51.02 ? 11  LYS A N   1 
ATOM   89   C CA  . LYS A 1 20  ? 9.294   -5.416  -4.601  1.00 51.02 ? 11  LYS A CA  1 
ATOM   90   C C   . LYS A 1 20  ? 10.528  -6.309  -4.412  1.00 50.63 ? 11  LYS A C   1 
ATOM   91   O O   . LYS A 1 20  ? 11.595  -6.028  -4.963  1.00 50.48 ? 11  LYS A O   1 
ATOM   92   C CB  . LYS A 1 20  ? 8.533   -5.817  -5.872  1.00 51.59 ? 11  LYS A CB  1 
ATOM   93   C CG  . LYS A 1 20  ? 8.095   -7.270  -5.919  1.00 52.88 ? 11  LYS A CG  1 
ATOM   94   C CD  . LYS A 1 20  ? 7.395   -7.615  -7.223  1.00 54.32 ? 11  LYS A CD  1 
ATOM   95   C CE  . LYS A 1 20  ? 7.503   -9.105  -7.512  1.00 55.88 ? 11  LYS A CE  1 
ATOM   96   N NZ  . LYS A 1 20  ? 6.537   -9.551  -8.552  1.00 57.69 ? 11  LYS A NZ  1 
ATOM   97   N N   . GLY A 1 21  ? 10.370  -7.377  -3.634  1.00 50.12 ? 12  GLY A N   1 
ATOM   98   C CA  . GLY A 1 21  ? 11.450  -8.328  -3.369  1.00 50.42 ? 12  GLY A CA  1 
ATOM   99   C C   . GLY A 1 21  ? 12.482  -7.890  -2.335  1.00 51.06 ? 12  GLY A C   1 
ATOM   100  O O   . GLY A 1 21  ? 13.540  -8.509  -2.230  1.00 51.26 ? 12  GLY A O   1 
ATOM   101  N N   . GLN A 1 22  ? 12.172  -6.846  -1.564  1.00 51.82 ? 13  GLN A N   1 
ATOM   102  C CA  . GLN A 1 22  ? 13.080  -6.305  -0.542  1.00 51.77 ? 13  GLN A CA  1 
ATOM   103  C C   . GLN A 1 22  ? 12.735  -6.865  0.834   1.00 49.24 ? 13  GLN A C   1 
ATOM   104  O O   . GLN A 1 22  ? 11.564  -7.079  1.145   1.00 47.89 ? 13  GLN A O   1 
ATOM   105  C CB  . GLN A 1 22  ? 13.010  -4.766  -0.497  1.00 53.40 ? 13  GLN A CB  1 
ATOM   106  C CG  . GLN A 1 22  ? 14.161  -4.052  -1.192  1.00 54.97 ? 13  GLN A CG  1 
ATOM   107  C CD  . GLN A 1 22  ? 15.397  -3.939  -0.312  1.00 57.82 ? 13  GLN A CD  1 
ATOM   108  O OE1 . GLN A 1 22  ? 15.664  -4.814  0.512   1.00 60.48 ? 13  GLN A OE1 1 
ATOM   109  N NE2 . GLN A 1 22  ? 16.159  -2.857  -0.483  1.00 58.58 ? 13  GLN A NE2 1 
ATOM   110  N N   . ARG A 1 23  ? 13.767  -7.104  1.642   1.00 47.02 ? 14  ARG A N   1 
ATOM   111  C CA  . ARG A 1 23  ? 13.612  -7.418  3.064   1.00 45.90 ? 14  ARG A CA  1 
ATOM   112  C C   . ARG A 1 23  ? 13.894  -6.197  3.968   1.00 45.09 ? 14  ARG A C   1 
ATOM   113  O O   . ARG A 1 23  ? 13.571  -6.225  5.154   1.00 43.98 ? 14  ARG A O   1 
ATOM   114  C CB  . ARG A 1 23  ? 14.508  -8.601  3.443   1.00 45.70 ? 14  ARG A CB  1 
ATOM   115  C CG  . ARG A 1 23  ? 14.197  -9.195  4.806   1.00 45.38 ? 14  ARG A CG  1 
ATOM   116  C CD  . ARG A 1 23  ? 14.845  -10.553 5.014   1.00 45.13 ? 14  ARG A CD  1 
ATOM   117  N NE  . ARG A 1 23  ? 14.902  -10.903 6.434   1.00 44.75 ? 14  ARG A NE  1 
ATOM   118  C CZ  . ARG A 1 23  ? 15.365  -12.053 6.922   1.00 44.92 ? 14  ARG A CZ  1 
ATOM   119  N NH1 . ARG A 1 23  ? 15.819  -13.009 6.114   1.00 45.92 ? 14  ARG A NH1 1 
ATOM   120  N NH2 . ARG A 1 23  ? 15.366  -12.257 8.237   1.00 45.03 ? 14  ARG A NH2 1 
ATOM   121  N N   . ASN A 1 24  ? 14.498  -5.139  3.420   1.00 44.72 ? 15  ASN A N   1 
ATOM   122  C CA  . ASN A 1 24  ? 14.592  -3.853  4.121   1.00 44.73 ? 15  ASN A CA  1 
ATOM   123  C C   . ASN A 1 24  ? 13.257  -3.118  4.070   1.00 45.09 ? 15  ASN A C   1 
ATOM   124  O O   . ASN A 1 24  ? 12.649  -3.005  3.006   1.00 45.13 ? 15  ASN A O   1 
ATOM   125  C CB  . ASN A 1 24  ? 15.682  -2.949  3.513   1.00 44.47 ? 15  ASN A CB  1 
ATOM   126  C CG  . ASN A 1 24  ? 17.080  -3.280  4.006   1.00 44.34 ? 15  ASN A CG  1 
ATOM   127  O OD1 . ASN A 1 24  ? 17.260  -3.879  5.063   1.00 44.47 ? 15  ASN A OD1 1 
ATOM   128  N ND2 . ASN A 1 24  ? 18.084  -2.862  3.247   1.00 44.76 ? 15  ASN A ND2 1 
ATOM   129  N N   . LYS A 1 25  ? 12.821  -2.616  5.224   1.00 46.42 ? 16  LYS A N   1 
ATOM   130  C CA  . LYS A 1 25  ? 11.610  -1.808  5.335   1.00 47.80 ? 16  LYS A CA  1 
ATOM   131  C C   . LYS A 1 25  ? 11.998  -0.333  5.461   1.00 48.41 ? 16  LYS A C   1 
ATOM   132  O O   . LYS A 1 25  ? 12.525  0.088   6.492   1.00 48.81 ? 16  LYS A O   1 
ATOM   133  C CB  . LYS A 1 25  ? 10.792  -2.263  6.546   1.00 48.78 ? 16  LYS A CB  1 
ATOM   134  C CG  . LYS A 1 25  ? 9.553   -1.427  6.822   1.00 49.98 ? 16  LYS A CG  1 
ATOM   135  C CD  . LYS A 1 25  ? 8.609   -2.128  7.786   1.00 50.94 ? 16  LYS A CD  1 
ATOM   136  C CE  . LYS A 1 25  ? 7.580   -1.187  8.405   1.00 52.07 ? 16  LYS A CE  1 
ATOM   137  N NZ  . LYS A 1 25  ? 7.183   -0.005  7.582   1.00 52.73 ? 16  LYS A NZ  1 
ATOM   138  N N   . TYR A 1 26  ? 11.765  0.428   4.393   1.00 49.49 ? 17  TYR A N   1 
ATOM   139  C CA  . TYR A 1 26  ? 11.978  1.875   4.363   1.00 50.79 ? 17  TYR A CA  1 
ATOM   140  C C   . TYR A 1 26  ? 10.707  2.657   4.693   1.00 52.98 ? 17  TYR A C   1 
ATOM   141  O O   . TYR A 1 26  ? 9.610   2.272   4.285   1.00 53.40 ? 17  TYR A O   1 
ATOM   142  C CB  . TYR A 1 26  ? 12.469  2.315   2.980   1.00 50.13 ? 17  TYR A CB  1 
ATOM   143  C CG  . TYR A 1 26  ? 13.732  1.626   2.521   1.00 49.48 ? 17  TYR A CG  1 
ATOM   144  C CD1 . TYR A 1 26  ? 14.973  1.980   3.049   1.00 49.08 ? 17  TYR A CD1 1 
ATOM   145  C CD2 . TYR A 1 26  ? 13.692  0.623   1.552   1.00 49.42 ? 17  TYR A CD2 1 
ATOM   146  C CE1 . TYR A 1 26  ? 16.137  1.352   2.630   1.00 48.69 ? 17  TYR A CE1 1 
ATOM   147  C CE2 . TYR A 1 26  ? 14.851  -0.010  1.126   1.00 49.15 ? 17  TYR A CE2 1 
ATOM   148  C CZ  . TYR A 1 26  ? 16.071  0.358   1.668   1.00 48.59 ? 17  TYR A CZ  1 
ATOM   149  O OH  . TYR A 1 26  ? 17.220  -0.270  1.249   1.00 47.88 ? 17  TYR A OH  1 
ATOM   150  N N   . GLU A 1 27  ? 10.880  3.752   5.434   1.00 56.82 ? 18  GLU A N   1 
ATOM   151  C CA  . GLU A 1 27  ? 9.838   4.752   5.678   1.00 60.02 ? 18  GLU A CA  1 
ATOM   152  C C   . GLU A 1 27  ? 10.294  6.084   5.109   1.00 61.82 ? 18  GLU A C   1 
ATOM   153  O O   . GLU A 1 27  ? 11.476  6.268   4.807   1.00 62.53 ? 18  GLU A O   1 
ATOM   154  C CB  . GLU A 1 27  ? 9.619   4.953   7.178   1.00 61.71 ? 18  GLU A CB  1 
ATOM   155  C CG  . GLU A 1 27  ? 9.027   3.770   7.923   1.00 63.57 ? 18  GLU A CG  1 
ATOM   156  C CD  . GLU A 1 27  ? 9.099   3.943   9.435   1.00 65.18 ? 18  GLU A CD  1 
ATOM   157  O OE1 . GLU A 1 27  ? 10.197  4.247   9.960   1.00 64.84 ? 18  GLU A OE1 1 
ATOM   158  O OE2 . GLU A 1 27  ? 8.058   3.768   10.102  1.00 65.79 ? 18  GLU A OE2 1 
ATOM   159  N N   . VAL A 1 28  ? 9.351   7.012   4.976   1.00 64.25 ? 19  VAL A N   1 
ATOM   160  C CA  . VAL A 1 28  ? 9.655   8.408   4.673   1.00 66.65 ? 19  VAL A CA  1 
ATOM   161  C C   . VAL A 1 28  ? 9.315   9.251   5.903   1.00 69.53 ? 19  VAL A C   1 
ATOM   162  O O   . VAL A 1 28  ? 8.232   9.112   6.474   1.00 69.99 ? 19  VAL A O   1 
ATOM   163  C CB  . VAL A 1 28  ? 8.882   8.906   3.429   1.00 66.08 ? 19  VAL A CB  1 
ATOM   164  C CG1 . VAL A 1 28  ? 9.008   10.419  3.256   1.00 65.77 ? 19  VAL A CG1 1 
ATOM   165  C CG2 . VAL A 1 28  ? 9.390   8.195   2.182   1.00 65.61 ? 19  VAL A CG2 1 
ATOM   166  N N   . ASP A 1 29  ? 10.259  10.101  6.315   1.00 72.87 ? 20  ASP A N   1 
ATOM   167  C CA  . ASP A 1 29  ? 9.987   11.158  7.291   1.00 75.52 ? 20  ASP A CA  1 
ATOM   168  C C   . ASP A 1 29  ? 9.173   12.230  6.576   1.00 76.45 ? 20  ASP A C   1 
ATOM   169  O O   . ASP A 1 29  ? 9.684   12.896  5.675   1.00 75.44 ? 20  ASP A O   1 
ATOM   170  C CB  . ASP A 1 29  ? 11.285  11.772  7.829   1.00 77.07 ? 20  ASP A CB  1 
ATOM   171  C CG  . ASP A 1 29  ? 12.107  10.799  8.664   1.00 78.53 ? 20  ASP A CG  1 
ATOM   172  O OD1 . ASP A 1 29  ? 11.750  9.601   8.747   1.00 80.17 ? 20  ASP A OD1 1 
ATOM   173  O OD2 . ASP A 1 29  ? 13.125  11.241  9.240   1.00 78.19 ? 20  ASP A OD2 1 
ATOM   174  N N   . HIS A 1 30  ? 7.913   12.396  6.978   1.00 78.05 ? 21  HIS A N   1 
ATOM   175  C CA  . HIS A 1 30  ? 6.984   13.292  6.273   1.00 79.20 ? 21  HIS A CA  1 
ATOM   176  C C   . HIS A 1 30  ? 7.214   14.783  6.558   1.00 80.39 ? 21  HIS A C   1 
ATOM   177  O O   . HIS A 1 30  ? 6.669   15.636  5.854   1.00 80.44 ? 21  HIS A O   1 
ATOM   178  C CB  . HIS A 1 30  ? 5.536   12.899  6.572   1.00 78.94 ? 21  HIS A CB  1 
ATOM   179  C CG  . HIS A 1 30  ? 5.202   11.500  6.159   1.00 79.07 ? 21  HIS A CG  1 
ATOM   180  N ND1 . HIS A 1 30  ? 5.182   11.101  4.839   1.00 78.89 ? 21  HIS A ND1 1 
ATOM   181  C CD2 . HIS A 1 30  ? 4.895   10.402  6.889   1.00 78.96 ? 21  HIS A CD2 1 
ATOM   182  C CE1 . HIS A 1 30  ? 4.873   9.817   4.775   1.00 78.79 ? 21  HIS A CE1 1 
ATOM   183  N NE2 . HIS A 1 30  ? 4.690   9.371   6.004   1.00 79.03 ? 21  HIS A NE2 1 
ATOM   184  N N   . GLU A 1 31  ? 8.018   15.089  7.579   1.00 82.01 ? 22  GLU A N   1 
ATOM   185  C CA  . GLU A 1 31  ? 8.454   16.459  7.855   1.00 83.03 ? 22  GLU A CA  1 
ATOM   186  C C   . GLU A 1 31  ? 9.504   16.898  6.832   1.00 81.64 ? 22  GLU A C   1 
ATOM   187  O O   . GLU A 1 31  ? 9.356   17.943  6.194   1.00 82.80 ? 22  GLU A O   1 
ATOM   188  C CB  . GLU A 1 31  ? 9.044   16.573  9.269   1.00 84.87 ? 22  GLU A CB  1 
ATOM   189  C CG  . GLU A 1 31  ? 8.099   16.198  10.412  1.00 86.88 ? 22  GLU A CG  1 
ATOM   190  C CD  . GLU A 1 31  ? 6.918   17.145  10.567  1.00 89.02 ? 22  GLU A CD  1 
ATOM   191  O OE1 . GLU A 1 31  ? 7.110   18.377  10.484  1.00 90.70 ? 22  GLU A OE1 1 
ATOM   192  O OE2 . GLU A 1 31  ? 5.790   16.653  10.791  1.00 89.89 ? 22  GLU A OE2 1 
ATOM   193  N N   . THR A 1 32  ? 10.550  16.083  6.677   1.00 79.32 ? 23  THR A N   1 
ATOM   194  C CA  . THR A 1 32  ? 11.701  16.397  5.814   1.00 77.08 ? 23  THR A CA  1 
ATOM   195  C C   . THR A 1 32  ? 11.580  15.869  4.374   1.00 74.26 ? 23  THR A C   1 
ATOM   196  O O   . THR A 1 32  ? 12.097  16.490  3.444   1.00 73.68 ? 23  THR A O   1 
ATOM   197  C CB  . THR A 1 32  ? 13.009  15.842  6.420   1.00 77.23 ? 23  THR A CB  1 
ATOM   198  O OG1 . THR A 1 32  ? 12.921  14.418  6.552   1.00 77.51 ? 23  THR A OG1 1 
ATOM   199  C CG2 . THR A 1 32  ? 13.276  16.454  7.791   1.00 77.38 ? 23  THR A CG2 1 
ATOM   200  N N   . GLY A 1 33  ? 10.908  14.731  4.201   1.00 71.89 ? 24  GLY A N   1 
ATOM   201  C CA  . GLY A 1 33  ? 10.840  14.024  2.915   1.00 68.55 ? 24  GLY A CA  1 
ATOM   202  C C   . GLY A 1 33  ? 11.974  13.031  2.685   1.00 66.18 ? 24  GLY A C   1 
ATOM   203  O O   . GLY A 1 33  ? 12.107  12.487  1.586   1.00 65.38 ? 24  GLY A O   1 
ATOM   204  N N   . ARG A 1 34  ? 12.783  12.783  3.719   1.00 63.37 ? 25  ARG A N   1 
ATOM   205  C CA  . ARG A 1 34  ? 13.944  11.894  3.626   1.00 61.02 ? 25  ARG A CA  1 
ATOM   206  C C   . ARG A 1 34  ? 13.519  10.439  3.773   1.00 59.10 ? 25  ARG A C   1 
ATOM   207  O O   . ARG A 1 34  ? 12.618  10.133  4.553   1.00 59.07 ? 25  ARG A O   1 
ATOM   208  C CB  . ARG A 1 34  ? 14.959  12.218  4.729   1.00 60.94 ? 25  ARG A CB  1 
ATOM   209  C CG  . ARG A 1 34  ? 15.582  13.606  4.651   1.00 60.84 ? 25  ARG A CG  1 
ATOM   210  C CD  . ARG A 1 34  ? 16.586  13.732  3.514   1.00 60.97 ? 25  ARG A CD  1 
ATOM   211  N NE  . ARG A 1 34  ? 17.691  12.779  3.635   1.00 61.13 ? 25  ARG A NE  1 
ATOM   212  C CZ  . ARG A 1 34  ? 18.717  12.878  4.487   1.00 61.02 ? 25  ARG A CZ  1 
ATOM   213  N NH1 . ARG A 1 34  ? 18.820  13.897  5.341   1.00 61.12 ? 25  ARG A NH1 1 
ATOM   214  N NH2 . ARG A 1 34  ? 19.656  11.934  4.490   1.00 61.00 ? 25  ARG A NH2 1 
ATOM   215  N N   . VAL A 1 35  ? 14.188  9.547   3.042   1.00 56.81 ? 26  VAL A N   1 
ATOM   216  C CA  . VAL A 1 35  ? 13.963  8.105   3.180   1.00 54.80 ? 26  VAL A CA  1 
ATOM   217  C C   . VAL A 1 35  ? 14.777  7.605   4.375   1.00 52.85 ? 26  VAL A C   1 
ATOM   218  O O   . VAL A 1 35  ? 15.945  7.965   4.533   1.00 51.40 ? 26  VAL A O   1 
ATOM   219  C CB  . VAL A 1 35  ? 14.360  7.322   1.907   1.00 54.92 ? 26  VAL A CB  1 
ATOM   220  C CG1 . VAL A 1 35  ? 14.059  5.834   2.074   1.00 54.92 ? 26  VAL A CG1 1 
ATOM   221  C CG2 . VAL A 1 35  ? 13.630  7.871   0.686   1.00 55.16 ? 26  VAL A CG2 1 
ATOM   222  N N   . ARG A 1 36  ? 14.144  6.773   5.201   1.00 51.36 ? 27  ARG A N   1 
ATOM   223  C CA  . ARG A 1 36  ? 14.754  6.205   6.402   1.00 50.26 ? 27  ARG A CA  1 
ATOM   224  C C   . ARG A 1 36  ? 14.590  4.691   6.383   1.00 49.36 ? 27  ARG A C   1 
ATOM   225  O O   . ARG A 1 36  ? 13.538  4.191   5.994   1.00 47.76 ? 27  ARG A O   1 
ATOM   226  C CB  . ARG A 1 36  ? 14.074  6.790   7.645   1.00 50.56 ? 27  ARG A CB  1 
ATOM   227  C CG  . ARG A 1 36  ? 14.433  6.123   8.970   1.00 51.20 ? 27  ARG A CG  1 
ATOM   228  C CD  . ARG A 1 36  ? 13.681  6.759   10.127  1.00 51.20 ? 27  ARG A CD  1 
ATOM   229  N NE  . ARG A 1 36  ? 14.134  8.125   10.381  1.00 51.41 ? 27  ARG A NE  1 
ATOM   230  C CZ  . ARG A 1 36  ? 15.262  8.462   11.010  1.00 51.81 ? 27  ARG A CZ  1 
ATOM   231  N NH1 . ARG A 1 36  ? 16.106  7.542   11.483  1.00 51.82 ? 27  ARG A NH1 1 
ATOM   232  N NH2 . ARG A 1 36  ? 15.556  9.750   11.169  1.00 52.31 ? 27  ARG A NH2 1 
ATOM   233  N N   . LEU A 1 37  ? 15.624  3.970   6.815   1.00 48.83 ? 28  LEU A N   1 
ATOM   234  C CA  . LEU A 1 37  ? 15.515  2.529   7.057   1.00 49.15 ? 28  LEU A CA  1 
ATOM   235  C C   . LEU A 1 37  ? 14.832  2.314   8.405   1.00 49.51 ? 28  LEU A C   1 
ATOM   236  O O   . LEU A 1 37  ? 15.395  2.659   9.443   1.00 48.85 ? 28  LEU A O   1 
ATOM   237  C CB  . LEU A 1 37  ? 16.896  1.859   7.058   1.00 49.12 ? 28  LEU A CB  1 
ATOM   238  C CG  . LEU A 1 37  ? 16.959  0.351   7.348   1.00 49.02 ? 28  LEU A CG  1 
ATOM   239  C CD1 . LEU A 1 37  ? 16.262  -0.452  6.262   1.00 49.41 ? 28  LEU A CD1 1 
ATOM   240  C CD2 . LEU A 1 37  ? 18.401  -0.106  7.497   1.00 48.79 ? 28  LEU A CD2 1 
ATOM   241  N N   . ASP A 1 38  ? 13.619  1.761   8.382   1.00 50.92 ? 29  ASP A N   1 
ATOM   242  C CA  . ASP A 1 38  ? 12.907  1.393   9.608   1.00 52.37 ? 29  ASP A CA  1 
ATOM   243  C C   . ASP A 1 38  ? 13.614  0.201   10.242  1.00 51.51 ? 29  ASP A C   1 
ATOM   244  O O   . ASP A 1 38  ? 14.110  0.299   11.366  1.00 50.64 ? 29  ASP A O   1 
ATOM   245  C CB  . ASP A 1 38  ? 11.433  1.065   9.310   1.00 54.27 ? 29  ASP A CB  1 
ATOM   246  C CG  . ASP A 1 38  ? 10.587  0.870   10.569  1.00 55.88 ? 29  ASP A CG  1 
ATOM   247  O OD1 . ASP A 1 38  ? 11.131  0.651   11.675  1.00 57.67 ? 29  ASP A OD1 1 
ATOM   248  O OD2 . ASP A 1 38  ? 9.347   0.925   10.443  1.00 57.62 ? 29  ASP A OD2 1 
ATOM   249  N N   . ARG A 1 39  ? 13.668  -0.911  9.507   1.00 51.07 ? 30  ARG A N   1 
ATOM   250  C CA  . ARG A 1 39  ? 14.326  -2.129  9.975   1.00 50.81 ? 30  ARG A CA  1 
ATOM   251  C C   . ARG A 1 39  ? 14.483  -3.178  8.881   1.00 48.85 ? 30  ARG A C   1 
ATOM   252  O O   . ARG A 1 39  ? 13.775  -3.164  7.873   1.00 48.68 ? 30  ARG A O   1 
ATOM   253  C CB  . ARG A 1 39  ? 13.555  -2.759  11.144  1.00 53.05 ? 30  ARG A CB  1 
ATOM   254  C CG  . ARG A 1 39  ? 12.133  -3.185  10.809  1.00 55.44 ? 30  ARG A CG  1 
ATOM   255  C CD  . ARG A 1 39  ? 11.327  -3.437  12.069  1.00 57.49 ? 30  ARG A CD  1 
ATOM   256  N NE  . ARG A 1 39  ? 10.013  -4.003  11.761  1.00 59.64 ? 30  ARG A NE  1 
ATOM   257  C CZ  . ARG A 1 39  ? 8.883   -3.314  11.582  1.00 61.17 ? 30  ARG A CZ  1 
ATOM   258  N NH1 . ARG A 1 39  ? 8.839   -1.982  11.681  1.00 62.07 ? 30  ARG A NH1 1 
ATOM   259  N NH2 . ARG A 1 39  ? 7.764   -3.979  11.300  1.00 62.03 ? 30  ARG A NH2 1 
ATOM   260  N N   . TYR A 1 40  ? 15.425  -4.084  9.109   1.00 46.78 ? 31  TYR A N   1 
ATOM   261  C CA  . TYR A 1 40  ? 15.546  -5.321  8.348   1.00 45.67 ? 31  TYR A CA  1 
ATOM   262  C C   . TYR A 1 40  ? 14.543  -6.286  8.966   1.00 45.34 ? 31  TYR A C   1 
ATOM   263  O O   . TYR A 1 40  ? 14.528  -6.450  10.188  1.00 46.04 ? 31  TYR A O   1 
ATOM   264  C CB  . TYR A 1 40  ? 16.973  -5.852  8.482   1.00 44.86 ? 31  TYR A CB  1 
ATOM   265  C CG  . TYR A 1 40  ? 17.295  -7.103  7.698   1.00 44.54 ? 31  TYR A CG  1 
ATOM   266  C CD1 . TYR A 1 40  ? 17.296  -7.100  6.305   1.00 44.15 ? 31  TYR A CD1 1 
ATOM   267  C CD2 . TYR A 1 40  ? 17.653  -8.285  8.352   1.00 44.70 ? 31  TYR A CD2 1 
ATOM   268  C CE1 . TYR A 1 40  ? 17.614  -8.243  5.583   1.00 44.19 ? 31  TYR A CE1 1 
ATOM   269  C CE2 . TYR A 1 40  ? 17.974  -9.433  7.640   1.00 44.52 ? 31  TYR A CE2 1 
ATOM   270  C CZ  . TYR A 1 40  ? 17.953  -9.406  6.258   1.00 44.16 ? 31  TYR A CZ  1 
ATOM   271  O OH  . TYR A 1 40  ? 18.272  -10.543 5.556   1.00 44.49 ? 31  TYR A OH  1 
ATOM   272  N N   . LEU A 1 41  ? 13.695  -6.908  8.147   1.00 44.57 ? 32  LEU A N   1 
ATOM   273  C CA  . LEU A 1 41  ? 12.611  -7.751  8.673   1.00 44.44 ? 32  LEU A CA  1 
ATOM   274  C C   . LEU A 1 41  ? 13.146  -8.961  9.436   1.00 44.68 ? 32  LEU A C   1 
ATOM   275  O O   . LEU A 1 41  ? 14.181  -9.526  9.079   1.00 45.04 ? 32  LEU A O   1 
ATOM   276  C CB  . LEU A 1 41  ? 11.671  -8.217  7.555   1.00 44.32 ? 32  LEU A CB  1 
ATOM   277  C CG  . LEU A 1 41  ? 10.869  -7.148  6.806   1.00 44.47 ? 32  LEU A CG  1 
ATOM   278  C CD1 . LEU A 1 41  ? 10.057  -7.794  5.694   1.00 44.35 ? 32  LEU A CD1 1 
ATOM   279  C CD2 . LEU A 1 41  ? 9.973   -6.353  7.743   1.00 44.44 ? 32  LEU A CD2 1 
ATOM   280  N N   . TYR A 1 42  ? 12.423  -9.343  10.485  1.00 44.99 ? 33  TYR A N   1 
ATOM   281  C CA  . TYR A 1 42  ? 12.819  -10.436 11.375  1.00 45.73 ? 33  TYR A CA  1 
ATOM   282  C C   . TYR A 1 42  ? 12.458  -11.813 10.820  1.00 45.41 ? 33  TYR A C   1 
ATOM   283  O O   . TYR A 1 42  ? 13.051  -12.814 11.226  1.00 45.89 ? 33  TYR A O   1 
ATOM   284  C CB  . TYR A 1 42  ? 12.198  -10.245 12.764  1.00 47.11 ? 33  TYR A CB  1 
ATOM   285  C CG  . TYR A 1 42  ? 12.759  -9.050  13.495  1.00 47.93 ? 33  TYR A CG  1 
ATOM   286  C CD1 . TYR A 1 42  ? 12.237  -7.775  13.289  1.00 49.01 ? 33  TYR A CD1 1 
ATOM   287  C CD2 . TYR A 1 42  ? 13.830  -9.186  14.378  1.00 48.80 ? 33  TYR A CD2 1 
ATOM   288  C CE1 . TYR A 1 42  ? 12.756  -6.672  13.950  1.00 50.00 ? 33  TYR A CE1 1 
ATOM   289  C CE2 . TYR A 1 42  ? 14.356  -8.087  15.044  1.00 49.85 ? 33  TYR A CE2 1 
ATOM   290  C CZ  . TYR A 1 42  ? 13.815  -6.832  14.825  1.00 49.83 ? 33  TYR A CZ  1 
ATOM   291  O OH  . TYR A 1 42  ? 14.323  -5.731  15.472  1.00 50.26 ? 33  TYR A OH  1 
ATOM   292  N N   . THR A 1 43  ? 11.483  -11.859 9.911   1.00 44.89 ? 34  THR A N   1 
ATOM   293  C CA  . THR A 1 43  ? 11.100  -13.090 9.221   1.00 44.27 ? 34  THR A CA  1 
ATOM   294  C C   . THR A 1 43  ? 11.770  -13.155 7.841   1.00 43.14 ? 34  THR A C   1 
ATOM   295  O O   . THR A 1 43  ? 12.116  -12.114 7.278   1.00 41.99 ? 34  THR A O   1 
ATOM   296  C CB  . THR A 1 43  ? 9.571   -13.166 9.047   1.00 44.39 ? 34  THR A CB  1 
ATOM   297  O OG1 . THR A 1 43  ? 9.103   -11.995 8.368   1.00 44.59 ? 34  THR A OG1 1 
ATOM   298  C CG2 . THR A 1 43  ? 8.885   -13.266 10.399  1.00 44.55 ? 34  THR A CG2 1 
ATOM   299  N N   . PRO A 1 44  ? 11.949  -14.374 7.287   1.00 42.62 ? 35  PRO A N   1 
ATOM   300  C CA  . PRO A 1 44  ? 12.517  -14.542 5.949   1.00 42.43 ? 35  PRO A CA  1 
ATOM   301  C C   . PRO A 1 44  ? 11.456  -14.335 4.856   1.00 42.16 ? 35  PRO A C   1 
ATOM   302  O O   . PRO A 1 44  ? 11.072  -15.274 4.153   1.00 40.88 ? 35  PRO A O   1 
ATOM   303  C CB  . PRO A 1 44  ? 13.025  -15.982 5.985   1.00 42.59 ? 35  PRO A CB  1 
ATOM   304  C CG  . PRO A 1 44  ? 12.023  -16.674 6.835   1.00 42.46 ? 35  PRO A CG  1 
ATOM   305  C CD  . PRO A 1 44  ? 11.661  -15.683 7.908   1.00 42.60 ? 35  PRO A CD  1 
ATOM   306  N N   . MET A 1 45  ? 10.998  -13.093 4.728   1.00 42.85 ? 36  MET A N   1 
ATOM   307  C CA  . MET A 1 45  ? 9.937   -12.729 3.793   1.00 43.44 ? 36  MET A CA  1 
ATOM   308  C C   . MET A 1 45  ? 10.365  -11.499 3.016   1.00 43.24 ? 36  MET A C   1 
ATOM   309  O O   . MET A 1 45  ? 11.163  -10.695 3.504   1.00 44.01 ? 36  MET A O   1 
ATOM   310  C CB  . MET A 1 45  ? 8.633   -12.452 4.547   1.00 43.71 ? 36  MET A CB  1 
ATOM   311  C CG  . MET A 1 45  ? 8.195   -13.601 5.443   1.00 43.93 ? 36  MET A CG  1 
ATOM   312  S SD  . MET A 1 45  ? 6.493   -13.481 6.025   1.00 43.95 ? 36  MET A SD  1 
ATOM   313  C CE  . MET A 1 45  ? 5.591   -14.008 4.569   1.00 44.22 ? 36  MET A CE  1 
ATOM   314  N N   . ALA A 1 46  ? 9.839   -11.372 1.802   1.00 42.86 ? 37  ALA A N   1 
ATOM   315  C CA  . ALA A 1 46  ? 10.128  -10.243 0.926   1.00 42.89 ? 37  ALA A CA  1 
ATOM   316  C C   . ALA A 1 46  ? 8.820   -9.572  0.529   1.00 43.07 ? 37  ALA A C   1 
ATOM   317  O O   . ALA A 1 46  ? 7.798   -10.249 0.375   1.00 42.46 ? 37  ALA A O   1 
ATOM   318  C CB  . ALA A 1 46  ? 10.878  -10.717 -0.305  1.00 42.80 ? 37  ALA A CB  1 
ATOM   319  N N   . TYR A 1 47  ? 8.854   -8.248  0.373   1.00 43.64 ? 38  TYR A N   1 
ATOM   320  C CA  . TYR A 1 47  ? 7.665   -7.474  -0.001  1.00 43.58 ? 38  TYR A CA  1 
ATOM   321  C C   . TYR A 1 47  ? 7.138   -7.940  -1.373  1.00 43.77 ? 38  TYR A C   1 
ATOM   322  O O   . TYR A 1 47  ? 7.885   -7.931  -2.353  1.00 44.04 ? 38  TYR A O   1 
ATOM   323  C CB  . TYR A 1 47  ? 7.948   -5.959  0.005   1.00 43.64 ? 38  TYR A CB  1 
ATOM   324  C CG  . TYR A 1 47  ? 7.737   -5.309  1.361   1.00 44.13 ? 38  TYR A CG  1 
ATOM   325  C CD1 . TYR A 1 47  ? 8.741   -5.318  2.334   1.00 44.82 ? 38  TYR A CD1 1 
ATOM   326  C CD2 . TYR A 1 47  ? 6.524   -4.695  1.677   1.00 44.27 ? 38  TYR A CD2 1 
ATOM   327  C CE1 . TYR A 1 47  ? 8.545   -4.727  3.578   1.00 44.65 ? 38  TYR A CE1 1 
ATOM   328  C CE2 . TYR A 1 47  ? 6.317   -4.105  2.916   1.00 44.79 ? 38  TYR A CE2 1 
ATOM   329  C CZ  . TYR A 1 47  ? 7.327   -4.130  3.864   1.00 45.24 ? 38  TYR A CZ  1 
ATOM   330  O OH  . TYR A 1 47  ? 7.119   -3.541  5.088   1.00 46.35 ? 38  TYR A OH  1 
ATOM   331  N N   . PRO A 1 48  ? 5.861   -8.371  -1.435  1.00 43.80 ? 39  PRO A N   1 
ATOM   332  C CA  . PRO A 1 48  ? 5.308   -8.993  -2.643  1.00 44.12 ? 39  PRO A CA  1 
ATOM   333  C C   . PRO A 1 48  ? 5.017   -8.027  -3.797  1.00 44.63 ? 39  PRO A C   1 
ATOM   334  O O   . PRO A 1 48  ? 5.012   -8.452  -4.955  1.00 44.51 ? 39  PRO A O   1 
ATOM   335  C CB  . PRO A 1 48  ? 4.011   -9.626  -2.137  1.00 44.29 ? 39  PRO A CB  1 
ATOM   336  C CG  . PRO A 1 48  ? 3.580   -8.734  -1.029  1.00 44.32 ? 39  PRO A CG  1 
ATOM   337  C CD  . PRO A 1 48  ? 4.845   -8.268  -0.369  1.00 44.00 ? 39  PRO A CD  1 
ATOM   338  N N   . THR A 1 49  ? 4.745   -6.759  -3.481  1.00 45.75 ? 40  THR A N   1 
ATOM   339  C CA  . THR A 1 49  ? 4.597   -5.700  -4.485  1.00 46.92 ? 40  THR A CA  1 
ATOM   340  C C   . THR A 1 49  ? 5.375   -4.466  -4.045  1.00 47.55 ? 40  THR A C   1 
ATOM   341  O O   . THR A 1 49  ? 5.873   -4.406  -2.916  1.00 48.02 ? 40  THR A O   1 
ATOM   342  C CB  . THR A 1 49  ? 3.120   -5.286  -4.679  1.00 47.12 ? 40  THR A CB  1 
ATOM   343  O OG1 . THR A 1 49  ? 2.639   -4.642  -3.493  1.00 48.22 ? 40  THR A OG1 1 
ATOM   344  C CG2 . THR A 1 49  ? 2.241   -6.491  -4.989  1.00 47.26 ? 40  THR A CG2 1 
ATOM   345  N N   . ASP A 1 50  ? 5.471   -3.485  -4.940  1.00 48.48 ? 41  ASP A N   1 
ATOM   346  C CA  . ASP A 1 50  ? 6.019   -2.176  -4.586  1.00 49.63 ? 41  ASP A CA  1 
ATOM   347  C C   . ASP A 1 50  ? 5.052   -1.477  -3.629  1.00 48.92 ? 41  ASP A C   1 
ATOM   348  O O   . ASP A 1 50  ? 3.841   -1.471  -3.852  1.00 49.10 ? 41  ASP A O   1 
ATOM   349  C CB  . ASP A 1 50  ? 6.284   -1.319  -5.831  1.00 51.24 ? 41  ASP A CB  1 
ATOM   350  C CG  . ASP A 1 50  ? 7.537   -1.755  -6.587  1.00 53.29 ? 41  ASP A CG  1 
ATOM   351  O OD1 . ASP A 1 50  ? 7.550   -2.873  -7.149  1.00 54.67 ? 41  ASP A OD1 1 
ATOM   352  O OD2 . ASP A 1 50  ? 8.509   -0.971  -6.629  1.00 54.71 ? 41  ASP A OD2 1 
ATOM   353  N N   . TYR A 1 51  ? 5.605   -0.909  -2.561  1.00 48.74 ? 42  TYR A N   1 
ATOM   354  C CA  . TYR A 1 51  ? 4.834   -0.410  -1.425  1.00 48.55 ? 42  TYR A CA  1 
ATOM   355  C C   . TYR A 1 51  ? 5.181   1.046   -1.169  1.00 48.02 ? 42  TYR A C   1 
ATOM   356  O O   . TYR A 1 51  ? 6.353   1.430   -1.198  1.00 47.55 ? 42  TYR A O   1 
ATOM   357  C CB  . TYR A 1 51  ? 5.163   -1.250  -0.191  1.00 49.03 ? 42  TYR A CB  1 
ATOM   358  C CG  . TYR A 1 51  ? 4.408   -0.899  1.075   1.00 49.95 ? 42  TYR A CG  1 
ATOM   359  C CD1 . TYR A 1 51  ? 4.845   0.127   1.918   1.00 51.09 ? 42  TYR A CD1 1 
ATOM   360  C CD2 . TYR A 1 51  ? 3.277   -1.614  1.451   1.00 50.92 ? 42  TYR A CD2 1 
ATOM   361  C CE1 . TYR A 1 51  ? 4.162   0.439   3.085   1.00 51.46 ? 42  TYR A CE1 1 
ATOM   362  C CE2 . TYR A 1 51  ? 2.587   -1.313  2.616   1.00 51.54 ? 42  TYR A CE2 1 
ATOM   363  C CZ  . TYR A 1 51  ? 3.031   -0.286  3.430   1.00 51.92 ? 42  TYR A CZ  1 
ATOM   364  O OH  . TYR A 1 51  ? 2.346   0.011   4.586   1.00 52.72 ? 42  TYR A OH  1 
ATOM   365  N N   . GLY A 1 52  ? 4.155   1.848   -0.902  1.00 48.26 ? 43  GLY A N   1 
ATOM   366  C CA  . GLY A 1 52  ? 4.333   3.267   -0.623  1.00 48.77 ? 43  GLY A CA  1 
ATOM   367  C C   . GLY A 1 52  ? 3.099   3.910   -0.027  1.00 49.34 ? 43  GLY A C   1 
ATOM   368  O O   . GLY A 1 52  ? 2.240   3.224   0.528   1.00 49.23 ? 43  GLY A O   1 
ATOM   369  N N   . PHE A 1 53  ? 3.022   5.232   -0.146  1.00 50.45 ? 44  PHE A N   1 
ATOM   370  C CA  . PHE A 1 53  ? 1.883   6.010   0.345   1.00 51.60 ? 44  PHE A CA  1 
ATOM   371  C C   . PHE A 1 53  ? 1.418   6.998   -0.717  1.00 52.12 ? 44  PHE A C   1 
ATOM   372  O O   . PHE A 1 53  ? 2.204   7.426   -1.564  1.00 50.51 ? 44  PHE A O   1 
ATOM   373  C CB  . PHE A 1 53  ? 2.243   6.750   1.642   1.00 51.42 ? 44  PHE A CB  1 
ATOM   374  C CG  . PHE A 1 53  ? 3.334   7.773   1.479   1.00 51.50 ? 44  PHE A CG  1 
ATOM   375  C CD1 . PHE A 1 53  ? 4.669   7.405   1.585   1.00 52.39 ? 44  PHE A CD1 1 
ATOM   376  C CD2 . PHE A 1 53  ? 3.028   9.108   1.223   1.00 51.91 ? 44  PHE A CD2 1 
ATOM   377  C CE1 . PHE A 1 53  ? 5.683   8.344   1.434   1.00 52.51 ? 44  PHE A CE1 1 
ATOM   378  C CE2 . PHE A 1 53  ? 4.035   10.052  1.071   1.00 52.08 ? 44  PHE A CE2 1 
ATOM   379  C CZ  . PHE A 1 53  ? 5.366   9.670   1.176   1.00 52.35 ? 44  PHE A CZ  1 
ATOM   380  N N   . ILE A 1 54  ? 0.139   7.361   -0.652  1.00 53.90 ? 45  ILE A N   1 
ATOM   381  C CA  . ILE A 1 54  ? -0.449  8.328   -1.577  1.00 55.25 ? 45  ILE A CA  1 
ATOM   382  C C   . ILE A 1 54  ? -0.096  9.730   -1.075  1.00 57.43 ? 45  ILE A C   1 
ATOM   383  O O   . ILE A 1 54  ? -0.260  10.028  0.110   1.00 57.43 ? 45  ILE A O   1 
ATOM   384  C CB  . ILE A 1 54  ? -1.983  8.151   -1.701  1.00 54.41 ? 45  ILE A CB  1 
ATOM   385  C CG1 . ILE A 1 54  ? -2.315  6.726   -2.167  1.00 54.08 ? 45  ILE A CG1 1 
ATOM   386  C CG2 . ILE A 1 54  ? -2.572  9.165   -2.681  1.00 54.52 ? 45  ILE A CG2 1 
ATOM   387  C CD1 . ILE A 1 54  ? -3.789  6.383   -2.145  1.00 54.38 ? 45  ILE A CD1 1 
ATOM   388  N N   . GLU A 1 55  ? 0.400   10.574  -1.981  1.00 61.01 ? 46  GLU A N   1 
ATOM   389  C CA  . GLU A 1 55  ? 0.765   11.956  -1.653  1.00 63.65 ? 46  GLU A CA  1 
ATOM   390  C C   . GLU A 1 55  ? -0.475  12.784  -1.313  1.00 65.35 ? 46  GLU A C   1 
ATOM   391  O O   . GLU A 1 55  ? -1.539  12.591  -1.911  1.00 65.27 ? 46  GLU A O   1 
ATOM   392  C CB  . GLU A 1 55  ? 1.519   12.612  -2.820  1.00 64.31 ? 46  GLU A CB  1 
ATOM   393  C CG  . GLU A 1 55  ? 2.959   12.140  -2.992  1.00 65.19 ? 46  GLU A CG  1 
ATOM   394  C CD  . GLU A 1 55  ? 3.930   12.777  -2.005  1.00 66.47 ? 46  GLU A CD  1 
ATOM   395  O OE1 . GLU A 1 55  ? 3.876   14.010  -1.803  1.00 67.09 ? 46  GLU A OE1 1 
ATOM   396  O OE2 . GLU A 1 55  ? 4.769   12.046  -1.438  1.00 67.14 ? 46  GLU A OE2 1 
ATOM   397  N N   . ASP A 1 56  ? -0.322  13.693  -0.348  1.00 66.63 ? 47  ASP A N   1 
ATOM   398  C CA  . ASP A 1 56  ? -1.384  14.616  0.081   1.00 68.00 ? 47  ASP A CA  1 
ATOM   399  C C   . ASP A 1 56  ? -2.649  13.889  0.565   1.00 67.37 ? 47  ASP A C   1 
ATOM   400  O O   . ASP A 1 56  ? -3.762  14.186  0.121   1.00 67.18 ? 47  ASP A O   1 
ATOM   401  C CB  . ASP A 1 56  ? -1.715  15.624  -1.034  1.00 69.53 ? 47  ASP A CB  1 
ATOM   402  C CG  . ASP A 1 56  ? -0.489  16.380  -1.523  1.00 70.80 ? 47  ASP A CG  1 
ATOM   403  O OD1 . ASP A 1 56  ? 0.257   16.924  -0.680  1.00 71.76 ? 47  ASP A OD1 1 
ATOM   404  O OD2 . ASP A 1 56  ? -0.274  16.433  -2.753  1.00 71.43 ? 47  ASP A OD2 1 
ATOM   405  N N   . THR A 1 57  ? -2.452  12.926  1.465   1.00 66.41 ? 48  THR A N   1 
ATOM   406  C CA  . THR A 1 57  ? -3.550  12.207  2.116   1.00 65.83 ? 48  THR A CA  1 
ATOM   407  C C   . THR A 1 57  ? -3.283  12.068  3.610   1.00 65.68 ? 48  THR A C   1 
ATOM   408  O O   . THR A 1 57  ? -2.130  12.085  4.052   1.00 64.14 ? 48  THR A O   1 
ATOM   409  C CB  . THR A 1 57  ? -3.760  10.796  1.522   1.00 65.65 ? 48  THR A CB  1 
ATOM   410  O OG1 . THR A 1 57  ? -2.537  10.050  1.589   1.00 65.25 ? 48  THR A OG1 1 
ATOM   411  C CG2 . THR A 1 57  ? -4.227  10.882  0.077   1.00 65.78 ? 48  THR A CG2 1 
ATOM   412  N N   . LEU A 1 58  ? -4.366  11.940  4.373   1.00 66.95 ? 49  LEU A N   1 
ATOM   413  C CA  . LEU A 1 58  ? -4.308  11.685  5.808   1.00 68.38 ? 49  LEU A CA  1 
ATOM   414  C C   . LEU A 1 58  ? -5.346  10.609  6.122   1.00 69.01 ? 49  LEU A C   1 
ATOM   415  O O   . LEU A 1 58  ? -6.548  10.879  6.138   1.00 68.53 ? 49  LEU A O   1 
ATOM   416  C CB  . LEU A 1 58  ? -4.573  12.978  6.587   1.00 68.98 ? 49  LEU A CB  1 
ATOM   417  C CG  . LEU A 1 58  ? -4.407  12.964  8.110   1.00 69.83 ? 49  LEU A CG  1 
ATOM   418  C CD1 . LEU A 1 58  ? -3.032  12.461  8.522   1.00 70.13 ? 49  LEU A CD1 1 
ATOM   419  C CD2 . LEU A 1 58  ? -4.649  14.359  8.666   1.00 69.75 ? 49  LEU A CD2 1 
ATOM   420  N N   . GLY A 1 59  ? -4.874  9.384   6.344   1.00 70.55 ? 50  GLY A N   1 
ATOM   421  C CA  . GLY A 1 59  ? -5.742  8.215   6.447   1.00 72.54 ? 50  GLY A CA  1 
ATOM   422  C C   . GLY A 1 59  ? -6.516  8.084   7.744   1.00 73.70 ? 50  GLY A C   1 
ATOM   423  O O   . GLY A 1 59  ? -6.520  8.989   8.582   1.00 73.82 ? 50  GLY A O   1 
ATOM   424  N N   . ASP A 1 60  ? -7.151  6.924   7.908   1.00 75.15 ? 51  ASP A N   1 
ATOM   425  C CA  . ASP A 1 60  ? -7.982  6.628   9.082   1.00 76.33 ? 51  ASP A CA  1 
ATOM   426  C C   . ASP A 1 60  ? -7.198  6.437   10.397  1.00 77.48 ? 51  ASP A C   1 
ATOM   427  O O   . ASP A 1 60  ? -7.819  6.290   11.451  1.00 79.89 ? 51  ASP A O   1 
ATOM   428  C CB  . ASP A 1 60  ? -8.848  5.379   8.823   1.00 76.29 ? 51  ASP A CB  1 
ATOM   429  C CG  . ASP A 1 60  ? -9.896  5.586   7.725   1.00 76.64 ? 51  ASP A CG  1 
ATOM   430  O OD1 . ASP A 1 60  ? -10.383 6.720   7.534   1.00 76.97 ? 51  ASP A OD1 1 
ATOM   431  O OD2 . ASP A 1 60  ? -10.253 4.592   7.059   1.00 76.91 ? 51  ASP A OD2 1 
ATOM   432  N N   . ASP A 1 61  ? -5.862  6.431   10.340  1.00 78.06 ? 52  ASP A N   1 
ATOM   433  C CA  . ASP A 1 61  ? -5.014  6.267   11.532  1.00 78.29 ? 52  ASP A CA  1 
ATOM   434  C C   . ASP A 1 61  ? -4.103  7.467   11.845  1.00 77.14 ? 52  ASP A C   1 
ATOM   435  O O   . ASP A 1 61  ? -3.226  7.363   12.708  1.00 75.97 ? 52  ASP A O   1 
ATOM   436  C CB  . ASP A 1 61  ? -4.169  4.992   11.392  1.00 80.65 ? 52  ASP A CB  1 
ATOM   437  C CG  . ASP A 1 61  ? -3.100  5.097   10.302  1.00 82.34 ? 52  ASP A CG  1 
ATOM   438  O OD1 . ASP A 1 61  ? -3.386  5.667   9.225   1.00 82.71 ? 52  ASP A OD1 1 
ATOM   439  O OD2 . ASP A 1 61  ? -1.974  4.600   10.524  1.00 83.15 ? 52  ASP A OD2 1 
ATOM   440  N N   . GLY A 1 62  ? -4.303  8.589   11.154  1.00 76.46 ? 53  GLY A N   1 
ATOM   441  C CA  . GLY A 1 62  ? -3.485  9.789   11.361  1.00 76.45 ? 53  GLY A CA  1 
ATOM   442  C C   . GLY A 1 62  ? -2.166  9.850   10.599  1.00 75.72 ? 53  GLY A C   1 
ATOM   443  O O   . GLY A 1 62  ? -1.425  10.824  10.747  1.00 75.56 ? 53  GLY A O   1 
ATOM   444  N N   . ASP A 1 63  ? -1.868  8.821   9.800   1.00 74.94 ? 54  ASP A N   1 
ATOM   445  C CA  . ASP A 1 63  ? -0.715  8.814   8.892   1.00 73.54 ? 54  ASP A CA  1 
ATOM   446  C C   . ASP A 1 63  ? -1.231  8.788   7.451   1.00 70.01 ? 54  ASP A C   1 
ATOM   447  O O   . ASP A 1 63  ? -2.423  8.542   7.233   1.00 68.78 ? 54  ASP A O   1 
ATOM   448  C CB  . ASP A 1 63  ? 0.173   7.592   9.161   1.00 75.80 ? 54  ASP A CB  1 
ATOM   449  C CG  . ASP A 1 63  ? 1.014   7.737   10.425  1.00 78.29 ? 54  ASP A CG  1 
ATOM   450  O OD1 . ASP A 1 63  ? 1.616   8.814   10.635  1.00 79.41 ? 54  ASP A OD1 1 
ATOM   451  O OD2 . ASP A 1 63  ? 1.090   6.761   11.202  1.00 79.66 ? 54  ASP A OD2 1 
ATOM   452  N N   . PRO A 1 64  ? -0.351  9.048   6.459   1.00 66.55 ? 55  PRO A N   1 
ATOM   453  C CA  . PRO A 1 64  ? -0.807  8.991   5.062   1.00 63.70 ? 55  PRO A CA  1 
ATOM   454  C C   . PRO A 1 64  ? -1.287  7.603   4.631   1.00 60.24 ? 55  PRO A C   1 
ATOM   455  O O   . PRO A 1 64  ? -0.835  6.591   5.174   1.00 59.48 ? 55  PRO A O   1 
ATOM   456  C CB  . PRO A 1 64  ? 0.434   9.408   4.263   1.00 64.32 ? 55  PRO A CB  1 
ATOM   457  C CG  . PRO A 1 64  ? 1.249   10.198  5.220   1.00 65.45 ? 55  PRO A CG  1 
ATOM   458  C CD  . PRO A 1 64  ? 1.042   9.529   6.546   1.00 66.17 ? 55  PRO A CD  1 
ATOM   459  N N   . LEU A 1 65  ? -2.197  7.576   3.662   1.00 57.49 ? 56  LEU A N   1 
ATOM   460  C CA  . LEU A 1 65  ? -2.829  6.338   3.218   1.00 55.88 ? 56  LEU A CA  1 
ATOM   461  C C   . LEU A 1 65  ? -1.850  5.488   2.403   1.00 54.59 ? 56  LEU A C   1 
ATOM   462  O O   . LEU A 1 65  ? -1.299  5.957   1.406   1.00 53.56 ? 56  LEU A O   1 
ATOM   463  C CB  . LEU A 1 65  ? -4.082  6.660   2.393   1.00 55.52 ? 56  LEU A CB  1 
ATOM   464  C CG  . LEU A 1 65  ? -4.996  5.512   1.958   1.00 55.64 ? 56  LEU A CG  1 
ATOM   465  C CD1 . LEU A 1 65  ? -5.452  4.665   3.139   1.00 55.73 ? 56  LEU A CD1 1 
ATOM   466  C CD2 . LEU A 1 65  ? -6.194  6.077   1.209   1.00 55.45 ? 56  LEU A CD2 1 
ATOM   467  N N   . ASP A 1 66  ? -1.636  4.247   2.845   1.00 53.80 ? 57  ASP A N   1 
ATOM   468  C CA  . ASP A 1 66  ? -0.698  3.325   2.197   1.00 53.48 ? 57  ASP A CA  1 
ATOM   469  C C   . ASP A 1 66  ? -1.258  2.765   0.890   1.00 51.97 ? 57  ASP A C   1 
ATOM   470  O O   . ASP A 1 66  ? -2.474  2.697   0.706   1.00 51.71 ? 57  ASP A O   1 
ATOM   471  C CB  . ASP A 1 66  ? -0.332  2.166   3.139   1.00 55.07 ? 57  ASP A CB  1 
ATOM   472  C CG  . ASP A 1 66  ? 0.480   2.619   4.351   1.00 56.60 ? 57  ASP A CG  1 
ATOM   473  O OD1 . ASP A 1 66  ? 1.298   3.557   4.222   1.00 57.91 ? 57  ASP A OD1 1 
ATOM   474  O OD2 . ASP A 1 66  ? 0.312   2.019   5.435   1.00 57.49 ? 57  ASP A OD2 1 
ATOM   475  N N   . ALA A 1 67  ? -0.354  2.359   0.000   1.00 50.78 ? 58  ALA A N   1 
ATOM   476  C CA  . ALA A 1 67  ? -0.714  1.887   -1.338  1.00 49.71 ? 58  ALA A CA  1 
ATOM   477  C C   . ALA A 1 67  ? 0.225   0.786   -1.836  1.00 48.95 ? 58  ALA A C   1 
ATOM   478  O O   . ALA A 1 67  ? 1.441   0.877   -1.666  1.00 49.98 ? 58  ALA A O   1 
ATOM   479  C CB  . ALA A 1 67  ? -0.710  3.050   -2.318  1.00 49.57 ? 58  ALA A CB  1 
ATOM   480  N N   . LEU A 1 68  ? -0.360  -0.245  -2.445  1.00 47.57 ? 59  LEU A N   1 
ATOM   481  C CA  . LEU A 1 68  ? 0.372   -1.309  -3.129  1.00 46.49 ? 59  LEU A CA  1 
ATOM   482  C C   . LEU A 1 68  ? 0.218   -1.087  -4.631  1.00 45.96 ? 59  LEU A C   1 
ATOM   483  O O   . LEU A 1 68  ? -0.903  -0.961  -5.121  1.00 46.10 ? 59  LEU A O   1 
ATOM   484  C CB  . LEU A 1 68  ? -0.213  -2.674  -2.760  1.00 46.44 ? 59  LEU A CB  1 
ATOM   485  C CG  . LEU A 1 68  ? -0.267  -3.040  -1.274  1.00 46.51 ? 59  LEU A CG  1 
ATOM   486  C CD1 . LEU A 1 68  ? -1.238  -4.184  -1.034  1.00 46.60 ? 59  LEU A CD1 1 
ATOM   487  C CD2 . LEU A 1 68  ? 1.110   -3.403  -0.755  1.00 46.78 ? 59  LEU A CD2 1 
ATOM   488  N N   . VAL A 1 69  ? 1.334   -1.037  -5.357  1.00 45.33 ? 60  VAL A N   1 
ATOM   489  C CA  . VAL A 1 69  ? 1.310   -0.781  -6.801  1.00 44.63 ? 60  VAL A CA  1 
ATOM   490  C C   . VAL A 1 69  ? 1.903   -1.974  -7.541  1.00 44.23 ? 60  VAL A C   1 
ATOM   491  O O   . VAL A 1 69  ? 3.041   -2.359  -7.283  1.00 43.47 ? 60  VAL A O   1 
ATOM   492  C CB  . VAL A 1 69  ? 2.096   0.497   -7.167  1.00 44.59 ? 60  VAL A CB  1 
ATOM   493  C CG1 . VAL A 1 69  ? 1.830   0.892   -8.618  1.00 45.00 ? 60  VAL A CG1 1 
ATOM   494  C CG2 . VAL A 1 69  ? 1.726   1.642   -6.232  1.00 44.55 ? 60  VAL A CG2 1 
ATOM   495  N N   . LEU A 1 70  ? 1.124   -2.551  -8.456  1.00 44.70 ? 61  LEU A N   1 
ATOM   496  C CA  . LEU A 1 70  ? 1.583   -3.667  -9.282  1.00 45.66 ? 61  LEU A CA  1 
ATOM   497  C C   . LEU A 1 70  ? 2.435   -3.139  -10.434 1.00 46.38 ? 61  LEU A C   1 
ATOM   498  O O   . LEU A 1 70  ? 1.919   -2.475  -11.330 1.00 46.67 ? 61  LEU A O   1 
ATOM   499  C CB  . LEU A 1 70  ? 0.394   -4.458  -9.838  1.00 45.55 ? 61  LEU A CB  1 
ATOM   500  C CG  . LEU A 1 70  ? -0.553  -5.091  -8.816  1.00 45.83 ? 61  LEU A CG  1 
ATOM   501  C CD1 . LEU A 1 70  ? -1.778  -5.657  -9.514  1.00 46.03 ? 61  LEU A CD1 1 
ATOM   502  C CD2 . LEU A 1 70  ? 0.148   -6.175  -8.012  1.00 45.82 ? 61  LEU A CD2 1 
ATOM   503  N N   . LEU A 1 71  ? 3.736   -3.430  -10.398 1.00 47.26 ? 62  LEU A N   1 
ATOM   504  C CA  . LEU A 1 71  ? 4.675   -2.991  -11.433 1.00 47.80 ? 62  LEU A CA  1 
ATOM   505  C C   . LEU A 1 71  ? 5.362   -4.191  -12.093 1.00 47.97 ? 62  LEU A C   1 
ATOM   506  O O   . LEU A 1 71  ? 5.614   -5.196  -11.425 1.00 48.48 ? 62  LEU A O   1 
ATOM   507  C CB  . LEU A 1 71  ? 5.731   -2.059  -10.830 1.00 47.67 ? 62  LEU A CB  1 
ATOM   508  C CG  . LEU A 1 71  ? 5.223   -0.737  -10.248 1.00 47.87 ? 62  LEU A CG  1 
ATOM   509  C CD1 . LEU A 1 71  ? 6.359   0.026   -9.586  1.00 48.07 ? 62  LEU A CD1 1 
ATOM   510  C CD2 . LEU A 1 71  ? 4.570   0.127   -11.317 1.00 47.85 ? 62  LEU A CD2 1 
ATOM   511  N N   . PRO A 1 72  ? 5.661   -4.094  -13.407 1.00 47.69 ? 63  PRO A N   1 
ATOM   512  C CA  . PRO A 1 72  ? 6.416   -5.165  -14.071 1.00 48.23 ? 63  PRO A CA  1 
ATOM   513  C C   . PRO A 1 72  ? 7.874   -5.251  -13.617 1.00 48.65 ? 63  PRO A C   1 
ATOM   514  O O   . PRO A 1 72  ? 8.418   -6.352  -13.530 1.00 48.64 ? 63  PRO A O   1 
ATOM   515  C CB  . PRO A 1 72  ? 6.333   -4.792  -15.557 1.00 48.09 ? 63  PRO A CB  1 
ATOM   516  C CG  . PRO A 1 72  ? 6.067   -3.332  -15.578 1.00 48.11 ? 63  PRO A CG  1 
ATOM   517  C CD  . PRO A 1 72  ? 5.252   -3.041  -14.357 1.00 47.70 ? 63  PRO A CD  1 
ATOM   518  N N   . GLN A 1 73  ? 8.491   -4.101  -13.346 1.00 49.85 ? 64  GLN A N   1 
ATOM   519  C CA  . GLN A 1 73  ? 9.853   -4.032  -12.820 1.00 51.35 ? 64  GLN A CA  1 
ATOM   520  C C   . GLN A 1 73  ? 9.871   -3.071  -11.621 1.00 50.91 ? 64  GLN A C   1 
ATOM   521  O O   . GLN A 1 73  ? 9.217   -2.027  -11.671 1.00 50.13 ? 64  GLN A O   1 
ATOM   522  C CB  . GLN A 1 73  ? 10.812  -3.548  -13.911 1.00 53.31 ? 64  GLN A CB  1 
ATOM   523  C CG  . GLN A 1 73  ? 12.177  -4.214  -13.878 1.00 55.44 ? 64  GLN A CG  1 
ATOM   524  C CD  . GLN A 1 73  ? 13.165  -3.556  -14.823 1.00 57.68 ? 64  GLN A CD  1 
ATOM   525  O OE1 . GLN A 1 73  ? 13.554  -4.135  -15.840 1.00 57.79 ? 64  GLN A OE1 1 
ATOM   526  N NE2 . GLN A 1 73  ? 13.572  -2.331  -14.495 1.00 58.22 ? 64  GLN A NE2 1 
ATOM   527  N N   . PRO A 1 74  ? 10.609  -3.414  -10.539 1.00 51.35 ? 65  PRO A N   1 
ATOM   528  C CA  . PRO A 1 74  ? 10.623  -2.515  -9.371  1.00 50.99 ? 65  PRO A CA  1 
ATOM   529  C C   . PRO A 1 74  ? 11.308  -1.167  -9.615  1.00 50.45 ? 65  PRO A C   1 
ATOM   530  O O   . PRO A 1 74  ? 12.134  -1.044  -10.522 1.00 50.26 ? 65  PRO A O   1 
ATOM   531  C CB  . PRO A 1 74  ? 11.403  -3.312  -8.313  1.00 51.26 ? 65  PRO A CB  1 
ATOM   532  C CG  . PRO A 1 74  ? 11.383  -4.723  -8.781  1.00 51.64 ? 65  PRO A CG  1 
ATOM   533  C CD  . PRO A 1 74  ? 11.374  -4.646  -10.274 1.00 51.66 ? 65  PRO A CD  1 
ATOM   534  N N   . VAL A 1 75  ? 10.955  -0.184  -8.787  1.00 49.97 ? 66  VAL A N   1 
ATOM   535  C CA  . VAL A 1 75  ? 11.553  1.159   -8.822  1.00 50.73 ? 66  VAL A CA  1 
ATOM   536  C C   . VAL A 1 75  ? 12.429  1.343   -7.579  1.00 51.46 ? 66  VAL A C   1 
ATOM   537  O O   . VAL A 1 75  ? 12.605  0.401   -6.808  1.00 53.21 ? 66  VAL A O   1 
ATOM   538  C CB  . VAL A 1 75  ? 10.479  2.275   -8.944  1.00 50.44 ? 66  VAL A CB  1 
ATOM   539  C CG1 . VAL A 1 75  ? 9.663   2.087   -10.214 1.00 50.51 ? 66  VAL A CG1 1 
ATOM   540  C CG2 . VAL A 1 75  ? 9.557   2.334   -7.728  1.00 50.53 ? 66  VAL A CG2 1 
ATOM   541  N N   . PHE A 1 76  ? 12.990  2.540   -7.400  1.00 51.26 ? 67  PHE A N   1 
ATOM   542  C CA  . PHE A 1 76  ? 13.803  2.867   -6.220  1.00 50.97 ? 67  PHE A CA  1 
ATOM   543  C C   . PHE A 1 76  ? 12.962  3.601   -5.169  1.00 50.12 ? 67  PHE A C   1 
ATOM   544  O O   . PHE A 1 76  ? 11.925  4.175   -5.507  1.00 50.43 ? 67  PHE A O   1 
ATOM   545  C CB  . PHE A 1 76  ? 14.998  3.731   -6.631  1.00 51.27 ? 67  PHE A CB  1 
ATOM   546  C CG  . PHE A 1 76  ? 15.891  3.080   -7.651  1.00 52.17 ? 67  PHE A CG  1 
ATOM   547  C CD1 . PHE A 1 76  ? 15.642  3.229   -9.014  1.00 52.59 ? 67  PHE A CD1 1 
ATOM   548  C CD2 . PHE A 1 76  ? 16.978  2.306   -7.252  1.00 53.01 ? 67  PHE A CD2 1 
ATOM   549  C CE1 . PHE A 1 76  ? 16.463  2.624   -9.959  1.00 52.77 ? 67  PHE A CE1 1 
ATOM   550  C CE2 . PHE A 1 76  ? 17.802  1.699   -8.191  1.00 53.12 ? 67  PHE A CE2 1 
ATOM   551  C CZ  . PHE A 1 76  ? 17.544  1.858   -9.547  1.00 53.07 ? 67  PHE A CZ  1 
ATOM   552  N N   . PRO A 1 77  ? 13.392  3.576   -3.887  1.00 49.41 ? 68  PRO A N   1 
ATOM   553  C CA  . PRO A 1 77  ? 12.716  4.366   -2.848  1.00 49.19 ? 68  PRO A CA  1 
ATOM   554  C C   . PRO A 1 77  ? 12.684  5.867   -3.153  1.00 48.86 ? 68  PRO A C   1 
ATOM   555  O O   . PRO A 1 77  ? 13.697  6.426   -3.578  1.00 49.97 ? 68  PRO A O   1 
ATOM   556  C CB  . PRO A 1 77  ? 13.563  4.101   -1.600  1.00 49.10 ? 68  PRO A CB  1 
ATOM   557  C CG  . PRO A 1 77  ? 14.139  2.752   -1.823  1.00 49.09 ? 68  PRO A CG  1 
ATOM   558  C CD  . PRO A 1 77  ? 14.394  2.661   -3.301  1.00 49.26 ? 68  PRO A CD  1 
ATOM   559  N N   . GLY A 1 78  ? 11.526  6.494   -2.940  1.00 47.72 ? 69  GLY A N   1 
ATOM   560  C CA  . GLY A 1 78  ? 11.332  7.925   -3.194  1.00 46.77 ? 69  GLY A CA  1 
ATOM   561  C C   . GLY A 1 78  ? 10.734  8.291   -4.546  1.00 46.28 ? 69  GLY A C   1 
ATOM   562  O O   . GLY A 1 78  ? 10.409  9.457   -4.773  1.00 46.90 ? 69  GLY A O   1 
ATOM   563  N N   . VAL A 1 79  ? 10.575  7.313   -5.439  1.00 45.84 ? 70  VAL A N   1 
ATOM   564  C CA  . VAL A 1 79  ? 10.094  7.568   -6.801  1.00 45.64 ? 70  VAL A CA  1 
ATOM   565  C C   . VAL A 1 79  ? 8.566   7.722   -6.819  1.00 45.56 ? 70  VAL A C   1 
ATOM   566  O O   . VAL A 1 79  ? 7.854   6.989   -6.129  1.00 44.38 ? 70  VAL A O   1 
ATOM   567  C CB  . VAL A 1 79  ? 10.538  6.443   -7.771  1.00 45.91 ? 70  VAL A CB  1 
ATOM   568  C CG1 . VAL A 1 79  ? 9.952   6.644   -9.167  1.00 46.04 ? 70  VAL A CG1 1 
ATOM   569  C CG2 . VAL A 1 79  ? 12.060  6.380   -7.848  1.00 45.83 ? 70  VAL A CG2 1 
ATOM   570  N N   . LEU A 1 80  ? 8.083   8.682   -7.610  1.00 46.06 ? 71  LEU A N   1 
ATOM   571  C CA  . LEU A 1 80  ? 6.645   8.910   -7.803  1.00 46.44 ? 71  LEU A CA  1 
ATOM   572  C C   . LEU A 1 80  ? 6.106   8.031   -8.926  1.00 46.69 ? 71  LEU A C   1 
ATOM   573  O O   . LEU A 1 80  ? 6.783   7.825   -9.934  1.00 47.42 ? 71  LEU A O   1 
ATOM   574  C CB  . LEU A 1 80  ? 6.361   10.377  -8.145  1.00 46.69 ? 71  LEU A CB  1 
ATOM   575  C CG  . LEU A 1 80  ? 6.523   11.408  -7.025  1.00 47.30 ? 71  LEU A CG  1 
ATOM   576  C CD1 . LEU A 1 80  ? 6.547   12.816  -7.600  1.00 47.15 ? 71  LEU A CD1 1 
ATOM   577  C CD2 . LEU A 1 80  ? 5.411   11.274  -5.996  1.00 47.47 ? 71  LEU A CD2 1 
ATOM   578  N N   . VAL A 1 81  ? 4.888   7.519   -8.742  1.00 46.83 ? 72  VAL A N   1 
ATOM   579  C CA  . VAL A 1 81  ? 4.195   6.732   -9.766  1.00 47.01 ? 72  VAL A CA  1 
ATOM   580  C C   . VAL A 1 81  ? 2.733   7.166   -9.817  1.00 46.79 ? 72  VAL A C   1 
ATOM   581  O O   . VAL A 1 81  ? 2.037   7.121   -8.800  1.00 47.16 ? 72  VAL A O   1 
ATOM   582  C CB  . VAL A 1 81  ? 4.253   5.209   -9.483  1.00 47.48 ? 72  VAL A CB  1 
ATOM   583  C CG1 . VAL A 1 81  ? 3.804   4.419   -10.706 1.00 47.84 ? 72  VAL A CG1 1 
ATOM   584  C CG2 . VAL A 1 81  ? 5.655   4.774   -9.076  1.00 48.29 ? 72  VAL A CG2 1 
ATOM   585  N N   . ALA A 1 82  ? 2.276   7.589   -10.995 1.00 46.29 ? 73  ALA A N   1 
ATOM   586  C CA  . ALA A 1 82  ? 0.863   7.889   -11.219 1.00 45.75 ? 73  ALA A CA  1 
ATOM   587  C C   . ALA A 1 82  ? 0.099   6.573   -11.264 1.00 45.48 ? 73  ALA A C   1 
ATOM   588  O O   . ALA A 1 82  ? 0.383   5.720   -12.105 1.00 45.46 ? 73  ALA A O   1 
ATOM   589  C CB  . ALA A 1 82  ? 0.674   8.660   -12.516 1.00 45.61 ? 73  ALA A CB  1 
ATOM   590  N N   . ALA A 1 83  ? -0.861  6.414   -10.355 1.00 45.22 ? 74  ALA A N   1 
ATOM   591  C CA  . ALA A 1 83  ? -1.564  5.145   -10.158 1.00 44.91 ? 74  ALA A CA  1 
ATOM   592  C C   . ALA A 1 83  ? -3.074  5.345   -10.108 1.00 44.32 ? 74  ALA A C   1 
ATOM   593  O O   . ALA A 1 83  ? -3.548  6.459   -9.874  1.00 45.71 ? 74  ALA A O   1 
ATOM   594  C CB  . ALA A 1 83  ? -1.080  4.491   -8.874  1.00 44.73 ? 74  ALA A CB  1 
ATOM   595  N N   . ARG A 1 84  ? -3.818  4.262   -10.341 1.00 43.45 ? 75  ARG A N   1 
ATOM   596  C CA  . ARG A 1 84  ? -5.273  4.244   -10.155 1.00 43.54 ? 75  ARG A CA  1 
ATOM   597  C C   . ARG A 1 84  ? -5.686  3.014   -9.343  1.00 44.23 ? 75  ARG A C   1 
ATOM   598  O O   . ARG A 1 84  ? -5.105  1.943   -9.518  1.00 43.82 ? 75  ARG A O   1 
ATOM   599  C CB  . ARG A 1 84  ? -6.015  4.282   -11.497 1.00 43.22 ? 75  ARG A CB  1 
ATOM   600  C CG  . ARG A 1 84  ? -5.779  3.102   -12.429 1.00 43.06 ? 75  ARG A CG  1 
ATOM   601  C CD  . ARG A 1 84  ? -6.650  3.208   -13.673 1.00 42.55 ? 75  ARG A CD  1 
ATOM   602  N NE  . ARG A 1 84  ? -6.362  2.142   -14.634 1.00 42.23 ? 75  ARG A NE  1 
ATOM   603  C CZ  . ARG A 1 84  ? -6.787  0.878   -14.547 1.00 42.98 ? 75  ARG A CZ  1 
ATOM   604  N NH1 . ARG A 1 84  ? -7.548  0.462   -13.531 1.00 43.39 ? 75  ARG A NH1 1 
ATOM   605  N NH2 . ARG A 1 84  ? -6.442  0.008   -15.493 1.00 43.35 ? 75  ARG A NH2 1 
ATOM   606  N N   . PRO A 1 85  ? -6.695  3.160   -8.459  1.00 45.29 ? 76  PRO A N   1 
ATOM   607  C CA  . PRO A 1 85  ? -7.057  2.065   -7.566  1.00 45.44 ? 76  PRO A CA  1 
ATOM   608  C C   . PRO A 1 85  ? -7.927  1.016   -8.258  1.00 45.90 ? 76  PRO A C   1 
ATOM   609  O O   . PRO A 1 85  ? -8.713  1.358   -9.143  1.00 46.87 ? 76  PRO A O   1 
ATOM   610  C CB  . PRO A 1 85  ? -7.847  2.775   -6.471  1.00 45.88 ? 76  PRO A CB  1 
ATOM   611  C CG  . PRO A 1 85  ? -8.530  3.890   -7.187  1.00 45.91 ? 76  PRO A CG  1 
ATOM   612  C CD  . PRO A 1 85  ? -7.642  4.286   -8.336  1.00 45.57 ? 76  PRO A CD  1 
ATOM   613  N N   . VAL A 1 86  ? -7.759  -0.245  -7.865  1.00 45.83 ? 77  VAL A N   1 
ATOM   614  C CA  . VAL A 1 86  ? -8.601  -1.354  -8.343  1.00 45.68 ? 77  VAL A CA  1 
ATOM   615  C C   . VAL A 1 86  ? -9.200  -2.188  -7.198  1.00 45.47 ? 77  VAL A C   1 
ATOM   616  O O   . VAL A 1 86  ? -9.831  -3.216  -7.445  1.00 45.73 ? 77  VAL A O   1 
ATOM   617  C CB  . VAL A 1 86  ? -7.823  -2.277  -9.322  1.00 45.79 ? 77  VAL A CB  1 
ATOM   618  C CG1 . VAL A 1 86  ? -7.358  -1.486  -10.539 1.00 45.53 ? 77  VAL A CG1 1 
ATOM   619  C CG2 . VAL A 1 86  ? -6.635  -2.962  -8.643  1.00 45.74 ? 77  VAL A CG2 1 
ATOM   620  N N   . GLY A 1 87  ? -9.033  -1.729  -5.959  1.00 45.24 ? 78  GLY A N   1 
ATOM   621  C CA  . GLY A 1 87  ? -9.364  -2.521  -4.775  1.00 45.02 ? 78  GLY A CA  1 
ATOM   622  C C   . GLY A 1 87  ? -8.593  -2.035  -3.566  1.00 45.51 ? 78  GLY A C   1 
ATOM   623  O O   . GLY A 1 87  ? -7.835  -1.068  -3.657  1.00 45.88 ? 78  GLY A O   1 
ATOM   624  N N   . MET A 1 88  ? -8.786  -2.703  -2.433  1.00 46.67 ? 79  MET A N   1 
ATOM   625  C CA  . MET A 1 88  ? -8.113  -2.325  -1.190  1.00 48.21 ? 79  MET A CA  1 
ATOM   626  C C   . MET A 1 88  ? -8.006  -3.509  -0.233  1.00 48.64 ? 79  MET A C   1 
ATOM   627  O O   . MET A 1 88  ? -8.916  -4.336  -0.149  1.00 48.92 ? 79  MET A O   1 
ATOM   628  C CB  . MET A 1 88  ? -8.855  -1.158  -0.527  1.00 49.55 ? 79  MET A CB  1 
ATOM   629  C CG  . MET A 1 88  ? -8.331  -0.749  0.846   1.00 50.86 ? 79  MET A CG  1 
ATOM   630  S SD  . MET A 1 88  ? -8.915  0.874   1.369   1.00 52.04 ? 79  MET A SD  1 
ATOM   631  C CE  . MET A 1 88  ? -10.680 0.573   1.465   1.00 52.34 ? 79  MET A CE  1 
ATOM   632  N N   . PHE A 1 89  ? -6.878  -3.578  0.471   1.00 49.44 ? 80  PHE A N   1 
ATOM   633  C CA  . PHE A 1 89  ? -6.639  -4.575  1.503   1.00 50.52 ? 80  PHE A CA  1 
ATOM   634  C C   . PHE A 1 89  ? -6.897  -3.933  2.861   1.00 53.01 ? 80  PHE A C   1 
ATOM   635  O O   . PHE A 1 89  ? -6.173  -3.025  3.270   1.00 52.95 ? 80  PHE A O   1 
ATOM   636  C CB  . PHE A 1 89  ? -5.200  -5.088  1.424   1.00 49.99 ? 80  PHE A CB  1 
ATOM   637  C CG  . PHE A 1 89  ? -4.891  -6.179  2.409   1.00 48.89 ? 80  PHE A CG  1 
ATOM   638  C CD1 . PHE A 1 89  ? -5.535  -7.408  2.323   1.00 48.50 ? 80  PHE A CD1 1 
ATOM   639  C CD2 . PHE A 1 89  ? -3.959  -5.982  3.423   1.00 48.42 ? 80  PHE A CD2 1 
ATOM   640  C CE1 . PHE A 1 89  ? -5.259  -8.420  3.229   1.00 48.65 ? 80  PHE A CE1 1 
ATOM   641  C CE2 . PHE A 1 89  ? -3.677  -6.991  4.331   1.00 48.81 ? 80  PHE A CE2 1 
ATOM   642  C CZ  . PHE A 1 89  ? -4.327  -8.212  4.235   1.00 48.81 ? 80  PHE A CZ  1 
ATOM   643  N N   . ARG A 1 90  ? -7.931  -4.411  3.547   1.00 56.62 ? 81  ARG A N   1 
ATOM   644  C CA  . ARG A 1 90  ? -8.359  -3.856  4.828   1.00 60.45 ? 81  ARG A CA  1 
ATOM   645  C C   . ARG A 1 90  ? -7.757  -4.688  5.954   1.00 60.72 ? 81  ARG A C   1 
ATOM   646  O O   . ARG A 1 90  ? -7.874  -5.911  5.935   1.00 60.43 ? 81  ARG A O   1 
ATOM   647  C CB  . ARG A 1 90  ? -9.895  -3.865  4.909   1.00 63.52 ? 81  ARG A CB  1 
ATOM   648  C CG  . ARG A 1 90  ? -10.492 -2.647  5.602   1.00 66.97 ? 81  ARG A CG  1 
ATOM   649  C CD  . ARG A 1 90  ? -11.925 -2.356  5.160   1.00 69.91 ? 81  ARG A CD  1 
ATOM   650  N NE  . ARG A 1 90  ? -12.097 -0.971  4.710   1.00 73.20 ? 81  ARG A NE  1 
ATOM   651  C CZ  . ARG A 1 90  ? -13.228 -0.461  4.216   1.00 75.61 ? 81  ARG A CZ  1 
ATOM   652  N NH1 . ARG A 1 90  ? -14.332 -1.205  4.108   1.00 75.83 ? 81  ARG A NH1 1 
ATOM   653  N NH2 . ARG A 1 90  ? -13.259 0.815   3.831   1.00 76.03 ? 81  ARG A NH2 1 
ATOM   654  N N   . MET A 1 91  ? -7.100  -4.034  6.913   1.00 62.73 ? 82  MET A N   1 
ATOM   655  C CA  . MET A 1 91  ? -6.518  -4.729  8.070   1.00 65.64 ? 82  MET A CA  1 
ATOM   656  C C   . MET A 1 91  ? -6.365  -3.824  9.293   1.00 66.20 ? 82  MET A C   1 
ATOM   657  O O   . MET A 1 91  ? -6.253  -2.602  9.167   1.00 64.52 ? 82  MET A O   1 
ATOM   658  C CB  . MET A 1 91  ? -5.163  -5.359  7.706   1.00 67.69 ? 82  MET A CB  1 
ATOM   659  C CG  . MET A 1 91  ? -4.027  -4.376  7.434   1.00 69.61 ? 82  MET A CG  1 
ATOM   660  S SD  . MET A 1 91  ? -2.409  -5.177  7.440   1.00 71.65 ? 82  MET A SD  1 
ATOM   661  C CE  . MET A 1 91  ? -1.412  -3.933  8.261   1.00 71.67 ? 82  MET A CE  1 
ATOM   662  N N   . VAL A 1 92  ? -6.348  -4.454  10.467  1.00 68.77 ? 83  VAL A N   1 
ATOM   663  C CA  . VAL A 1 92  ? -6.139  -3.772  11.744  1.00 71.52 ? 83  VAL A CA  1 
ATOM   664  C C   . VAL A 1 92  ? -4.928  -4.407  12.436  1.00 73.14 ? 83  VAL A C   1 
ATOM   665  O O   . VAL A 1 92  ? -4.850  -5.631  12.549  1.00 72.53 ? 83  VAL A O   1 
ATOM   666  C CB  . VAL A 1 92  ? -7.393  -3.869  12.648  1.00 72.33 ? 83  VAL A CB  1 
ATOM   667  C CG1 . VAL A 1 92  ? -7.179  -3.167  13.987  1.00 72.51 ? 83  VAL A CG1 1 
ATOM   668  C CG2 . VAL A 1 92  ? -8.605  -3.276  11.939  1.00 72.66 ? 83  VAL A CG2 1 
ATOM   669  N N   . ASP A 1 93  ? -3.996  -3.570  12.890  1.00 75.63 ? 84  ASP A N   1 
ATOM   670  C CA  . ASP A 1 93  ? -2.778  -4.020  13.574  1.00 78.66 ? 84  ASP A CA  1 
ATOM   671  C C   . ASP A 1 93  ? -2.593  -3.237  14.888  1.00 80.39 ? 84  ASP A C   1 
ATOM   672  O O   . ASP A 1 93  ? -3.528  -2.572  15.343  1.00 80.39 ? 84  ASP A O   1 
ATOM   673  C CB  . ASP A 1 93  ? -1.567  -3.897  12.625  1.00 80.32 ? 84  ASP A CB  1 
ATOM   674  C CG  . ASP A 1 93  ? -1.205  -2.457  12.294  1.00 81.39 ? 84  ASP A CG  1 
ATOM   675  O OD1 . ASP A 1 93  ? -2.111  -1.600  12.234  1.00 84.06 ? 84  ASP A OD1 1 
ATOM   676  O OD2 . ASP A 1 93  ? -0.004  -2.185  12.079  1.00 81.47 ? 84  ASP A OD2 1 
ATOM   677  N N   . GLU A 1 94  ? -1.413  -3.336  15.506  1.00 82.92 ? 85  GLU A N   1 
ATOM   678  C CA  . GLU A 1 94  ? -1.112  -2.603  16.752  1.00 84.37 ? 85  GLU A CA  1 
ATOM   679  C C   . GLU A 1 94  ? -1.187  -1.066  16.639  1.00 85.44 ? 85  GLU A C   1 
ATOM   680  O O   . GLU A 1 94  ? -1.447  -0.393  17.637  1.00 84.90 ? 85  GLU A O   1 
ATOM   681  C CB  . GLU A 1 94  ? 0.240   -3.045  17.358  1.00 85.20 ? 85  GLU A CB  1 
ATOM   682  C CG  . GLU A 1 94  ? 1.515   -2.521  16.688  1.00 85.42 ? 85  GLU A CG  1 
ATOM   683  C CD  . GLU A 1 94  ? 1.901   -3.240  15.404  1.00 85.64 ? 85  GLU A CD  1 
ATOM   684  O OE1 . GLU A 1 94  ? 1.158   -4.136  14.944  1.00 84.97 ? 85  GLU A OE1 1 
ATOM   685  O OE2 . GLU A 1 94  ? 2.963   -2.898  14.848  1.00 85.30 ? 85  GLU A OE2 1 
ATOM   686  N N   . HIS A 1 95  ? -0.941  -0.524  15.445  1.00 88.00 ? 86  HIS A N   1 
ATOM   687  C CA  . HIS A 1 95  ? -1.183  0.902   15.162  1.00 90.31 ? 86  HIS A CA  1 
ATOM   688  C C   . HIS A 1 95  ? -2.667  1.268   15.301  1.00 88.26 ? 86  HIS A C   1 
ATOM   689  O O   . HIS A 1 95  ? -3.010  2.300   15.881  1.00 88.42 ? 86  HIS A O   1 
ATOM   690  C CB  . HIS A 1 95  ? -0.746  1.277   13.735  1.00 93.84 ? 86  HIS A CB  1 
ATOM   691  C CG  . HIS A 1 95  ? 0.733   1.227   13.505  1.00 97.52 ? 86  HIS A CG  1 
ATOM   692  N ND1 . HIS A 1 95  ? 1.643   1.819   14.354  1.00 99.61 ? 86  HIS A ND1 1 
ATOM   693  C CD2 . HIS A 1 95  ? 1.457   0.690   12.493  1.00 98.68 ? 86  HIS A CD2 1 
ATOM   694  C CE1 . HIS A 1 95  ? 2.865   1.628   13.888  1.00 99.71 ? 86  HIS A CE1 1 
ATOM   695  N NE2 . HIS A 1 95  ? 2.780   0.947   12.761  1.00 99.60 ? 86  HIS A NE2 1 
ATOM   696  N N   . GLY A 1 96  ? -3.526  0.405   14.762  1.00 85.01 ? 87  GLY A N   1 
ATOM   697  C CA  . GLY A 1 96  ? -4.963  0.658   14.629  1.00 82.08 ? 87  GLY A CA  1 
ATOM   698  C C   . GLY A 1 96  ? -5.381  0.183   13.250  1.00 79.94 ? 87  GLY A C   1 
ATOM   699  O O   . GLY A 1 96  ? -4.960  -0.889  12.817  1.00 79.43 ? 87  GLY A O   1 
ATOM   700  N N   . GLY A 1 97  ? -6.192  0.977   12.553  1.00 77.96 ? 88  GLY A N   1 
ATOM   701  C CA  . GLY A 1 97  ? -6.506  0.718   11.145  1.00 76.39 ? 88  GLY A CA  1 
ATOM   702  C C   . GLY A 1 97  ? -5.270  0.961   10.297  1.00 75.39 ? 88  GLY A C   1 
ATOM   703  O O   . GLY A 1 97  ? -4.485  1.865   10.590  1.00 75.61 ? 88  GLY A O   1 
ATOM   704  N N   . ASP A 1 98  ? -5.081  0.148   9.262   1.00 73.60 ? 89  ASP A N   1 
ATOM   705  C CA  . ASP A 1 98  ? -3.865  0.219   8.445   1.00 71.74 ? 89  ASP A CA  1 
ATOM   706  C C   . ASP A 1 98  ? -4.119  -0.380  7.061   1.00 67.38 ? 89  ASP A C   1 
ATOM   707  O O   . ASP A 1 98  ? -3.490  -1.360  6.656   1.00 65.94 ? 89  ASP A O   1 
ATOM   708  C CB  . ASP A 1 98  ? -2.706  -0.482  9.181   1.00 73.72 ? 89  ASP A CB  1 
ATOM   709  C CG  . ASP A 1 98  ? -1.330  -0.128  8.619   1.00 76.51 ? 89  ASP A CG  1 
ATOM   710  O OD1 . ASP A 1 98  ? -1.185  0.905   7.926   1.00 77.08 ? 89  ASP A OD1 1 
ATOM   711  O OD2 . ASP A 1 98  ? -0.379  -0.895  8.889   1.00 78.52 ? 89  ASP A OD2 1 
ATOM   712  N N   . ASP A 1 99  ? -5.048  0.243   6.342   1.00 63.49 ? 90  ASP A N   1 
ATOM   713  C CA  . ASP A 1 99  ? -5.513  -0.255  5.047   1.00 61.21 ? 90  ASP A CA  1 
ATOM   714  C C   . ASP A 1 99  ? -4.536  0.105   3.932   1.00 58.52 ? 90  ASP A C   1 
ATOM   715  O O   . ASP A 1 99  ? -3.873  1.143   3.993   1.00 58.70 ? 90  ASP A O   1 
ATOM   716  C CB  . ASP A 1 99  ? -6.899  0.312   4.716   1.00 62.02 ? 90  ASP A CB  1 
ATOM   717  C CG  . ASP A 1 99  ? -7.937  0.018   5.796   1.00 63.04 ? 90  ASP A CG  1 
ATOM   718  O OD1 . ASP A 1 99  ? -7.687  -0.839  6.672   1.00 63.15 ? 90  ASP A OD1 1 
ATOM   719  O OD2 . ASP A 1 99  ? -9.015  0.649   5.766   1.00 63.46 ? 90  ASP A OD2 1 
ATOM   720  N N   . LYS A 1 100 ? -4.461  -0.759  2.917   1.00 55.79 ? 91  LYS A N   1 
ATOM   721  C CA  . LYS A 1 100 ? -3.588  -0.562  1.757   1.00 54.25 ? 91  LYS A CA  1 
ATOM   722  C C   . LYS A 1 100 ? -4.398  -0.616  0.466   1.00 52.35 ? 91  LYS A C   1 
ATOM   723  O O   . LYS A 1 100 ? -5.039  -1.628  0.181   1.00 51.36 ? 91  LYS A O   1 
ATOM   724  C CB  . LYS A 1 100 ? -2.505  -1.642  1.706   1.00 54.47 ? 91  LYS A CB  1 
ATOM   725  C CG  . LYS A 1 100 ? -1.446  -1.548  2.797   1.00 54.62 ? 91  LYS A CG  1 
ATOM   726  C CD  . LYS A 1 100 ? -1.664  -2.562  3.908   1.00 54.56 ? 91  LYS A CD  1 
ATOM   727  C CE  . LYS A 1 100 ? -0.503  -2.553  4.893   1.00 54.79 ? 91  LYS A CE  1 
ATOM   728  N NZ  . LYS A 1 100 ? -0.379  -1.261  5.625   1.00 54.55 ? 91  LYS A NZ  1 
ATOM   729  N N   . VAL A 1 101 ? -4.340  0.458   -0.320  1.00 50.98 ? 92  VAL A N   1 
ATOM   730  C CA  . VAL A 1 101 ? -5.062  0.543   -1.590  1.00 50.26 ? 92  VAL A CA  1 
ATOM   731  C C   . VAL A 1 101 ? -4.243  -0.162  -2.672  1.00 49.35 ? 92  VAL A C   1 
ATOM   732  O O   . VAL A 1 101 ? -3.082  0.180   -2.890  1.00 48.86 ? 92  VAL A O   1 
ATOM   733  C CB  . VAL A 1 101 ? -5.317  2.012   -2.004  1.00 50.64 ? 92  VAL A CB  1 
ATOM   734  C CG1 . VAL A 1 101 ? -6.097  2.083   -3.313  1.00 50.81 ? 92  VAL A CG1 1 
ATOM   735  C CG2 . VAL A 1 101 ? -6.066  2.757   -0.902  1.00 51.06 ? 92  VAL A CG2 1 
ATOM   736  N N   . LEU A 1 102 ? -4.849  -1.140  -3.343  1.00 48.18 ? 93  LEU A N   1 
ATOM   737  C CA  . LEU A 1 102 ? -4.194  -1.852  -4.438  1.00 47.74 ? 93  LEU A CA  1 
ATOM   738  C C   . LEU A 1 102 ? -4.364  -1.049  -5.719  1.00 47.20 ? 93  LEU A C   1 
ATOM   739  O O   . LEU A 1 102 ? -5.484  -0.679  -6.071  1.00 48.02 ? 93  LEU A O   1 
ATOM   740  C CB  . LEU A 1 102 ? -4.793  -3.251  -4.610  1.00 47.80 ? 93  LEU A CB  1 
ATOM   741  C CG  . LEU A 1 102 ? -4.123  -4.184  -5.626  1.00 48.01 ? 93  LEU A CG  1 
ATOM   742  C CD1 . LEU A 1 102 ? -2.664  -4.446  -5.275  1.00 47.94 ? 93  LEU A CD1 1 
ATOM   743  C CD2 . LEU A 1 102 ? -4.896  -5.491  -5.708  1.00 48.17 ? 93  LEU A CD2 1 
ATOM   744  N N   . CYS A 1 103 ? -3.253  -0.786  -6.408  1.00 46.95 ? 94  CYS A N   1 
ATOM   745  C CA  . CYS A 1 103 ? -3.244  0.068   -7.599  1.00 47.07 ? 94  CYS A CA  1 
ATOM   746  C C   . CYS A 1 103 ? -2.478  -0.547  -8.768  1.00 45.79 ? 94  CYS A C   1 
ATOM   747  O O   . CYS A 1 103 ? -1.689  -1.481  -8.597  1.00 44.63 ? 94  CYS A O   1 
ATOM   748  C CB  . CYS A 1 103 ? -2.619  1.431   -7.283  1.00 47.79 ? 94  CYS A CB  1 
ATOM   749  S SG  . CYS A 1 103 ? -3.090  2.170   -5.704  1.00 51.10 ? 94  CYS A SG  1 
ATOM   750  N N   . VAL A 1 104 ? -2.725  0.014   -9.950  1.00 45.02 ? 95  VAL A N   1 
ATOM   751  C CA  . VAL A 1 104 ? -1.963  -0.278  -11.167 1.00 44.91 ? 95  VAL A CA  1 
ATOM   752  C C   . VAL A 1 104 ? -1.517  1.060   -11.774 1.00 45.36 ? 95  VAL A C   1 
ATOM   753  O O   . VAL A 1 104 ? -2.064  2.100   -11.405 1.00 45.46 ? 95  VAL A O   1 
ATOM   754  C CB  . VAL A 1 104 ? -2.783  -1.110  -12.182 1.00 44.84 ? 95  VAL A CB  1 
ATOM   755  C CG1 . VAL A 1 104 ? -3.134  -2.466  -11.587 1.00 44.80 ? 95  VAL A CG1 1 
ATOM   756  C CG2 . VAL A 1 104 ? -4.050  -0.384  -12.629 1.00 45.40 ? 95  VAL A CG2 1 
ATOM   757  N N   . PRO A 1 105 ? -0.520  1.048   -12.687 1.00 45.84 ? 96  PRO A N   1 
ATOM   758  C CA  . PRO A 1 105 ? -0.083  2.307   -13.309 1.00 46.27 ? 96  PRO A CA  1 
ATOM   759  C C   . PRO A 1 105 ? -1.168  2.959   -14.165 1.00 46.65 ? 96  PRO A C   1 
ATOM   760  O O   . PRO A 1 105 ? -1.756  2.299   -15.025 1.00 46.38 ? 96  PRO A O   1 
ATOM   761  C CB  . PRO A 1 105 ? 1.108   1.885   -14.182 1.00 46.41 ? 96  PRO A CB  1 
ATOM   762  C CG  . PRO A 1 105 ? 1.578   0.604   -13.597 1.00 46.30 ? 96  PRO A CG  1 
ATOM   763  C CD  . PRO A 1 105 ? 0.348   -0.076  -13.080 1.00 46.15 ? 96  PRO A CD  1 
ATOM   764  N N   . ALA A 1 106 ? -1.423  4.242   -13.914 1.00 47.30 ? 97  ALA A N   1 
ATOM   765  C CA  . ALA A 1 106 ? -2.439  4.999   -14.640 1.00 47.48 ? 97  ALA A CA  1 
ATOM   766  C C   . ALA A 1 106 ? -1.908  5.413   -16.005 1.00 48.11 ? 97  ALA A C   1 
ATOM   767  O O   . ALA A 1 106 ? -0.723  5.722   -16.150 1.00 48.39 ? 97  ALA A O   1 
ATOM   768  C CB  . ALA A 1 106 ? -2.856  6.227   -13.845 1.00 47.46 ? 97  ALA A CB  1 
ATOM   769  N N   . GLY A 1 107 ? -2.793  5.415   -16.999 1.00 48.71 ? 98  GLY A N   1 
ATOM   770  C CA  . GLY A 1 107 ? -2.434  5.780   -18.367 1.00 49.42 ? 98  GLY A CA  1 
ATOM   771  C C   . GLY A 1 107 ? -1.579  4.762   -19.102 1.00 50.27 ? 98  GLY A C   1 
ATOM   772  O O   . GLY A 1 107 ? -0.915  5.111   -20.079 1.00 52.04 ? 98  GLY A O   1 
ATOM   773  N N   . ASP A 1 108 ? -1.600  3.508   -18.645 1.00 50.93 ? 99  ASP A N   1 
ATOM   774  C CA  . ASP A 1 108 ? -0.859  2.415   -19.272 1.00 51.57 ? 99  ASP A CA  1 
ATOM   775  C C   . ASP A 1 108 ? -1.886  1.415   -19.819 1.00 50.42 ? 99  ASP A C   1 
ATOM   776  O O   . ASP A 1 108 ? -2.605  0.792   -19.037 1.00 50.40 ? 99  ASP A O   1 
ATOM   777  C CB  . ASP A 1 108 ? 0.066   1.744   -18.244 1.00 52.65 ? 99  ASP A CB  1 
ATOM   778  C CG  . ASP A 1 108 ? 1.081   0.790   -18.878 1.00 53.54 ? 99  ASP A CG  1 
ATOM   779  O OD1 . ASP A 1 108 ? 0.813   0.221   -19.960 1.00 53.44 ? 99  ASP A OD1 1 
ATOM   780  O OD2 . ASP A 1 108 ? 2.162   0.596   -18.281 1.00 54.09 ? 99  ASP A OD2 1 
ATOM   781  N N   . PRO A 1 109 ? -1.956  1.249   -21.158 1.00 49.79 ? 100 PRO A N   1 
ATOM   782  C CA  . PRO A 1 109 ? -2.974  0.358   -21.733 1.00 49.48 ? 100 PRO A CA  1 
ATOM   783  C C   . PRO A 1 109 ? -2.777  -1.137  -21.440 1.00 49.14 ? 100 PRO A C   1 
ATOM   784  O O   . PRO A 1 109 ? -3.714  -1.918  -21.608 1.00 50.29 ? 100 PRO A O   1 
ATOM   785  C CB  . PRO A 1 109 ? -2.877  0.633   -23.239 1.00 49.20 ? 100 PRO A CB  1 
ATOM   786  C CG  . PRO A 1 109 ? -1.479  1.083   -23.450 1.00 49.56 ? 100 PRO A CG  1 
ATOM   787  C CD  . PRO A 1 109 ? -1.086  1.825   -22.203 1.00 49.76 ? 100 PRO A CD  1 
ATOM   788  N N   . ARG A 1 110 ? -1.581  -1.522  -20.996 1.00 48.52 ? 101 ARG A N   1 
ATOM   789  C CA  . ARG A 1 110 ? -1.289  -2.910  -20.626 1.00 48.27 ? 101 ARG A CA  1 
ATOM   790  C C   . ARG A 1 110 ? -2.011  -3.376  -19.349 1.00 48.28 ? 101 ARG A C   1 
ATOM   791  O O   . ARG A 1 110 ? -2.101  -4.581  -19.104 1.00 48.19 ? 101 ARG A O   1 
ATOM   792  C CB  . ARG A 1 110 ? 0.226   -3.111  -20.488 1.00 48.20 ? 101 ARG A CB  1 
ATOM   793  C CG  . ARG A 1 110 ? 0.987   -2.906  -21.793 1.00 48.60 ? 101 ARG A CG  1 
ATOM   794  C CD  . ARG A 1 110 ? 2.495   -2.866  -21.592 1.00 49.15 ? 101 ARG A CD  1 
ATOM   795  N NE  . ARG A 1 110 ? 2.924   -1.647  -20.906 1.00 49.04 ? 101 ARG A NE  1 
ATOM   796  C CZ  . ARG A 1 110 ? 4.189   -1.249  -20.752 1.00 49.05 ? 101 ARG A CZ  1 
ATOM   797  N NH1 . ARG A 1 110 ? 5.207   -1.959  -21.241 1.00 49.31 ? 101 ARG A NH1 1 
ATOM   798  N NH2 . ARG A 1 110 ? 4.438   -0.117  -20.101 1.00 49.51 ? 101 ARG A NH2 1 
ATOM   799  N N   . TRP A 1 111 ? -2.510  -2.433  -18.544 1.00 48.65 ? 102 TRP A N   1 
ATOM   800  C CA  . TRP A 1 111 ? -3.293  -2.737  -17.338 1.00 49.34 ? 102 TRP A CA  1 
ATOM   801  C C   . TRP A 1 111 ? -4.795  -2.416  -17.465 1.00 51.27 ? 102 TRP A C   1 
ATOM   802  O O   . TRP A 1 111 ? -5.505  -2.403  -16.453 1.00 50.47 ? 102 TRP A O   1 
ATOM   803  C CB  . TRP A 1 111 ? -2.702  -1.976  -16.149 1.00 48.40 ? 102 TRP A CB  1 
ATOM   804  C CG  . TRP A 1 111 ? -1.309  -2.384  -15.823 1.00 47.69 ? 102 TRP A CG  1 
ATOM   805  C CD1 . TRP A 1 111 ? -0.157  -1.819  -16.288 1.00 47.45 ? 102 TRP A CD1 1 
ATOM   806  C CD2 . TRP A 1 111 ? -0.915  -3.458  -14.967 1.00 46.98 ? 102 TRP A CD2 1 
ATOM   807  N NE1 . TRP A 1 111 ? 0.933   -2.471  -15.766 1.00 47.21 ? 102 TRP A NE1 1 
ATOM   808  C CE2 . TRP A 1 111 ? 0.497   -3.483  -14.952 1.00 46.80 ? 102 TRP A CE2 1 
ATOM   809  C CE3 . TRP A 1 111 ? -1.619  -4.404  -14.207 1.00 46.90 ? 102 TRP A CE3 1 
ATOM   810  C CZ2 . TRP A 1 111 ? 1.224   -4.419  -14.205 1.00 46.78 ? 102 TRP A CZ2 1 
ATOM   811  C CZ3 . TRP A 1 111 ? -0.897  -5.337  -13.464 1.00 46.91 ? 102 TRP A CZ3 1 
ATOM   812  C CH2 . TRP A 1 111 ? 0.512   -5.335  -13.469 1.00 46.96 ? 102 TRP A CH2 1 
ATOM   813  N N   . ASP A 1 112 ? -5.283  -2.189  -18.687 1.00 53.53 ? 103 ASP A N   1 
ATOM   814  C CA  . ASP A 1 112 ? -6.685  -1.782  -18.897 1.00 56.10 ? 103 ASP A CA  1 
ATOM   815  C C   . ASP A 1 112 ? -7.724  -2.856  -18.552 1.00 56.36 ? 103 ASP A C   1 
ATOM   816  O O   . ASP A 1 112 ? -8.853  -2.513  -18.207 1.00 56.06 ? 103 ASP A O   1 
ATOM   817  C CB  . ASP A 1 112 ? -6.914  -1.279  -20.334 1.00 58.02 ? 103 ASP A CB  1 
ATOM   818  C CG  . ASP A 1 112 ? -6.405  0.147   -20.558 1.00 60.05 ? 103 ASP A CG  1 
ATOM   819  O OD1 . ASP A 1 112 ? -5.886  0.782   -19.612 1.00 60.96 ? 103 ASP A OD1 1 
ATOM   820  O OD2 . ASP A 1 112 ? -6.526  0.637   -21.703 1.00 61.79 ? 103 ASP A OD2 1 
ATOM   821  N N   . HIS A 1 113 ? -7.352  -4.134  -18.632 1.00 57.82 ? 104 HIS A N   1 
ATOM   822  C CA  . HIS A 1 113 ? -8.250  -5.225  -18.216 1.00 59.33 ? 104 HIS A CA  1 
ATOM   823  C C   . HIS A 1 113 ? -8.342  -5.421  -16.691 1.00 57.27 ? 104 HIS A C   1 
ATOM   824  O O   . HIS A 1 113 ? -9.175  -6.203  -16.228 1.00 57.24 ? 104 HIS A O   1 
ATOM   825  C CB  . HIS A 1 113 ? -7.866  -6.548  -18.898 1.00 62.48 ? 104 HIS A CB  1 
ATOM   826  C CG  . HIS A 1 113 ? -7.968  -6.521  -20.396 1.00 66.77 ? 104 HIS A CG  1 
ATOM   827  N ND1 . HIS A 1 113 ? -8.876  -5.734  -21.076 1.00 69.04 ? 104 HIS A ND1 1 
ATOM   828  C CD2 . HIS A 1 113 ? -7.290  -7.212  -21.343 1.00 68.83 ? 104 HIS A CD2 1 
ATOM   829  C CE1 . HIS A 1 113 ? -8.739  -5.928  -22.376 1.00 70.04 ? 104 HIS A CE1 1 
ATOM   830  N NE2 . HIS A 1 113 ? -7.784  -6.821  -22.565 1.00 70.48 ? 104 HIS A NE2 1 
ATOM   831  N N   . VAL A 1 114 ? -7.496  -4.728  -15.925 1.00 54.99 ? 105 VAL A N   1 
ATOM   832  C CA  . VAL A 1 114 ? -7.577  -4.720  -14.464 1.00 53.74 ? 105 VAL A CA  1 
ATOM   833  C C   . VAL A 1 114 ? -8.315  -3.451  -14.025 1.00 53.60 ? 105 VAL A C   1 
ATOM   834  O O   . VAL A 1 114 ? -7.723  -2.371  -13.948 1.00 52.97 ? 105 VAL A O   1 
ATOM   835  C CB  . VAL A 1 114 ? -6.176  -4.797  -13.810 1.00 53.38 ? 105 VAL A CB  1 
ATOM   836  C CG1 . VAL A 1 114 ? -6.296  -5.037  -12.309 1.00 53.15 ? 105 VAL A CG1 1 
ATOM   837  C CG2 . VAL A 1 114 ? -5.343  -5.900  -14.449 1.00 52.73 ? 105 VAL A CG2 1 
ATOM   838  N N   . GLN A 1 115 ? -9.615  -3.593  -13.765 1.00 53.89 ? 106 GLN A N   1 
ATOM   839  C CA  . GLN A 1 115 ? -10.473 -2.486  -13.322 1.00 53.50 ? 106 GLN A CA  1 
ATOM   840  C C   . GLN A 1 115 ? -10.996 -2.634  -11.884 1.00 54.15 ? 106 GLN A C   1 
ATOM   841  O O   . GLN A 1 115 ? -11.178 -1.626  -11.198 1.00 54.27 ? 106 GLN A O   1 
ATOM   842  C CB  . GLN A 1 115 ? -11.648 -2.318  -14.292 1.00 52.91 ? 106 GLN A CB  1 
ATOM   843  C CG  . GLN A 1 115 ? -11.243 -1.925  -15.710 1.00 52.79 ? 106 GLN A CG  1 
ATOM   844  C CD  . GLN A 1 115 ? -10.608 -0.542  -15.797 1.00 53.25 ? 106 GLN A CD  1 
ATOM   845  O OE1 . GLN A 1 115 ? -11.033 0.396   -15.121 1.00 53.91 ? 106 GLN A OE1 1 
ATOM   846  N NE2 . GLN A 1 115 ? -9.588  -0.409  -16.640 1.00 52.80 ? 106 GLN A NE2 1 
ATOM   847  N N   . ASP A 1 116 ? -11.244 -3.867  -11.436 1.00 54.41 ? 107 ASP A N   1 
ATOM   848  C CA  . ASP A 1 116 ? -11.727 -4.121  -10.071 1.00 54.88 ? 107 ASP A CA  1 
ATOM   849  C C   . ASP A 1 116 ? -11.022 -5.339  -9.455  1.00 54.43 ? 107 ASP A C   1 
ATOM   850  O O   . ASP A 1 116 ? -10.272 -6.043  -10.136 1.00 53.24 ? 107 ASP A O   1 
ATOM   851  C CB  . ASP A 1 116 ? -13.255 -4.310  -10.079 1.00 55.54 ? 107 ASP A CB  1 
ATOM   852  C CG  . ASP A 1 116 ? -13.947 -3.624  -8.900  1.00 56.61 ? 107 ASP A CG  1 
ATOM   853  O OD1 . ASP A 1 116 ? -13.437 -3.706  -7.760  1.00 56.83 ? 107 ASP A OD1 1 
ATOM   854  O OD2 . ASP A 1 116 ? -15.011 -3.005  -9.115  1.00 57.44 ? 107 ASP A OD2 1 
ATOM   855  N N   . ILE A 1 117 ? -11.273 -5.573  -8.165  1.00 54.25 ? 108 ILE A N   1 
ATOM   856  C CA  . ILE A 1 117 ? -10.593 -6.625  -7.391  1.00 54.44 ? 108 ILE A CA  1 
ATOM   857  C C   . ILE A 1 117 ? -10.790 -8.048  -7.949  1.00 54.47 ? 108 ILE A C   1 
ATOM   858  O O   . ILE A 1 117 ? -9.905  -8.894  -7.805  1.00 54.68 ? 108 ILE A O   1 
ATOM   859  C CB  . ILE A 1 117 ? -10.988 -6.562  -5.884  1.00 55.05 ? 108 ILE A CB  1 
ATOM   860  C CG1 . ILE A 1 117 ? -9.993  -7.328  -4.997  1.00 55.48 ? 108 ILE A CG1 1 
ATOM   861  C CG2 . ILE A 1 117 ? -12.408 -7.073  -5.652  1.00 54.87 ? 108 ILE A CG2 1 
ATOM   862  C CD1 . ILE A 1 117 ? -8.612  -6.709  -4.927  1.00 55.66 ? 108 ILE A CD1 1 
ATOM   863  N N   . GLY A 1 118 ? -11.935 -8.297  -8.589  1.00 54.24 ? 109 GLY A N   1 
ATOM   864  C CA  . GLY A 1 118 ? -12.193 -9.567  -9.277  1.00 54.11 ? 109 GLY A CA  1 
ATOM   865  C C   . GLY A 1 118 ? -11.266 -9.871  -10.452 1.00 54.31 ? 109 GLY A C   1 
ATOM   866  O O   . GLY A 1 118 ? -11.041 -11.039 -10.778 1.00 53.54 ? 109 GLY A O   1 
ATOM   867  N N   . ASP A 1 119 ? -10.730 -8.826  -11.084 1.00 54.66 ? 110 ASP A N   1 
ATOM   868  C CA  . ASP A 1 119 ? -9.791  -8.980  -12.205 1.00 55.04 ? 110 ASP A CA  1 
ATOM   869  C C   . ASP A 1 119 ? -8.384  -9.418  -11.771 1.00 54.97 ? 110 ASP A C   1 
ATOM   870  O O   . ASP A 1 119 ? -7.614  -9.899  -12.603 1.00 55.05 ? 110 ASP A O   1 
ATOM   871  C CB  . ASP A 1 119 ? -9.684  -7.678  -13.014 1.00 55.68 ? 110 ASP A CB  1 
ATOM   872  C CG  . ASP A 1 119 ? -11.028 -7.197  -13.550 1.00 56.28 ? 110 ASP A CG  1 
ATOM   873  O OD1 . ASP A 1 119 ? -11.888 -8.041  -13.879 1.00 57.68 ? 110 ASP A OD1 1 
ATOM   874  O OD2 . ASP A 1 119 ? -11.219 -5.964  -13.642 1.00 56.01 ? 110 ASP A OD2 1 
ATOM   875  N N   . VAL A 1 120 ? -8.048  -9.240  -10.490 1.00 54.40 ? 111 VAL A N   1 
ATOM   876  C CA  . VAL A 1 120 ? -6.750  -9.663  -9.951  1.00 53.64 ? 111 VAL A CA  1 
ATOM   877  C C   . VAL A 1 120 ? -6.858  -11.137 -9.536  1.00 52.93 ? 111 VAL A C   1 
ATOM   878  O O   . VAL A 1 120 ? -7.812  -11.496 -8.844  1.00 53.47 ? 111 VAL A O   1 
ATOM   879  C CB  . VAL A 1 120 ? -6.319  -8.809  -8.735  1.00 53.72 ? 111 VAL A CB  1 
ATOM   880  C CG1 . VAL A 1 120 ? -4.928  -9.213  -8.251  1.00 53.72 ? 111 VAL A CG1 1 
ATOM   881  C CG2 . VAL A 1 120 ? -6.339  -7.325  -9.086  1.00 53.54 ? 111 VAL A CG2 1 
ATOM   882  N N   . PRO A 1 121 ? -5.890  -11.993 -9.945  1.00 52.36 ? 112 PRO A N   1 
ATOM   883  C CA  . PRO A 1 121 ? -5.988  -13.420 -9.600  1.00 52.02 ? 112 PRO A CA  1 
ATOM   884  C C   . PRO A 1 121 ? -5.905  -13.703 -8.101  1.00 52.20 ? 112 PRO A C   1 
ATOM   885  O O   . PRO A 1 121 ? -5.257  -12.957 -7.362  1.00 52.52 ? 112 PRO A O   1 
ATOM   886  C CB  . PRO A 1 121 ? -4.787  -14.053 -10.318 1.00 51.84 ? 112 PRO A CB  1 
ATOM   887  C CG  . PRO A 1 121 ? -4.356  -13.060 -11.334 1.00 51.96 ? 112 PRO A CG  1 
ATOM   888  C CD  . PRO A 1 121 ? -4.689  -11.722 -10.758 1.00 52.26 ? 112 PRO A CD  1 
ATOM   889  N N   . ALA A 1 122 ? -6.553  -14.785 -7.677  1.00 51.99 ? 113 ALA A N   1 
ATOM   890  C CA  . ALA A 1 122 ? -6.611  -15.167 -6.266  1.00 52.11 ? 113 ALA A CA  1 
ATOM   891  C C   . ALA A 1 122 ? -5.232  -15.463 -5.684  1.00 52.11 ? 113 ALA A C   1 
ATOM   892  O O   . ALA A 1 122 ? -4.971  -15.124 -4.531  1.00 53.57 ? 113 ALA A O   1 
ATOM   893  C CB  . ALA A 1 122 ? -7.531  -16.366 -6.077  1.00 51.85 ? 113 ALA A CB  1 
ATOM   894  N N   . PHE A 1 123 ? -4.357  -16.083 -6.478  1.00 51.32 ? 114 PHE A N   1 
ATOM   895  C CA  . PHE A 1 123 ? -3.003  -16.423 -6.016  1.00 51.28 ? 114 PHE A CA  1 
ATOM   896  C C   . PHE A 1 123 ? -2.164  -15.194 -5.633  1.00 50.61 ? 114 PHE A C   1 
ATOM   897  O O   . PHE A 1 123 ? -1.390  -15.257 -4.676  1.00 51.82 ? 114 PHE A O   1 
ATOM   898  C CB  . PHE A 1 123 ? -2.264  -17.323 -7.034  1.00 51.18 ? 114 PHE A CB  1 
ATOM   899  C CG  . PHE A 1 123 ? -1.817  -16.617 -8.294  1.00 51.45 ? 114 PHE A CG  1 
ATOM   900  C CD1 . PHE A 1 123 ? -0.629  -15.885 -8.318  1.00 51.39 ? 114 PHE A CD1 1 
ATOM   901  C CD2 . PHE A 1 123 ? -2.554  -16.725 -9.473  1.00 51.40 ? 114 PHE A CD2 1 
ATOM   902  C CE1 . PHE A 1 123 ? -0.209  -15.247 -9.476  1.00 51.01 ? 114 PHE A CE1 1 
ATOM   903  C CE2 . PHE A 1 123 ? -2.131  -16.093 -10.637 1.00 51.19 ? 114 PHE A CE2 1 
ATOM   904  C CZ  . PHE A 1 123 ? -0.958  -15.352 -10.636 1.00 50.92 ? 114 PHE A CZ  1 
ATOM   905  N N   . GLU A 1 124 ? -2.354  -14.100 -6.322  1.00 49.42 ? 115 GLU A N   1 
ATOM   906  C CA  . GLU A 1 124 ? -1.651  -12.893 -6.023  1.00 48.62 ? 115 GLU A CA  1 
ATOM   907  C C   . GLU A 1 124 ? -2.189  -12.219 -4.792  1.00 47.87 ? 115 GLU A C   1 
ATOM   908  O O   . GLU A 1 124 ? -1.454  -11.757 -3.979  1.00 48.03 ? 115 GLU A O   1 
ATOM   909  C CB  . GLU A 1 124 ? -1.778  -11.973 -7.206  1.00 20.00 ? 115 GLU A CB  1 
ATOM   910  C CG  . GLU A 1 124 ? -0.991  -10.703 -7.071  1.00 20.00 ? 115 GLU A CG  1 
ATOM   911  C CD  . GLU A 1 124 ? 0.463   -10.895 -7.380  1.00 20.00 ? 115 GLU A CD  1 
ATOM   912  O OE1 . GLU A 1 124 ? 0.771   -11.761 -8.215  1.00 20.00 ? 115 GLU A OE1 1 
ATOM   913  O OE2 . GLU A 1 124 ? 1.296   -10.182 -6.790  1.00 20.00 ? 115 GLU A OE2 1 
ATOM   914  N N   . LEU A 1 125 ? -3.495  -12.151 -4.674  1.00 47.33 ? 116 LEU A N   1 
ATOM   915  C CA  . LEU A 1 125 ? -4.157  -11.579 -3.494  1.00 46.63 ? 116 LEU A CA  1 
ATOM   916  C C   . LEU A 1 125 ? -3.883  -12.403 -2.235  1.00 45.73 ? 116 LEU A C   1 
ATOM   917  O O   . LEU A 1 125 ? -3.670  -11.838 -1.163  1.00 45.51 ? 116 LEU A O   1 
ATOM   918  C CB  . LEU A 1 125 ? -5.669  -11.456 -3.721  1.00 46.50 ? 116 LEU A CB  1 
ATOM   919  C CG  . LEU A 1 125 ? -6.136  -10.554 -4.870  1.00 46.60 ? 116 LEU A CG  1 
ATOM   920  C CD1 . LEU A 1 125 ? -7.636  -10.708 -5.077  1.00 46.52 ? 116 LEU A CD1 1 
ATOM   921  C CD2 . LEU A 1 125 ? -5.778  -9.094  -4.627  1.00 46.68 ? 116 LEU A CD2 1 
ATOM   922  N N   . ASP A 1 126 ? -3.890  -13.728 -2.372  1.00 46.07 ? 117 ASP A N   1 
ATOM   923  C CA  . ASP A 1 126 ? -3.521  -14.636 -1.275  1.00 46.57 ? 117 ASP A CA  1 
ATOM   924  C C   . ASP A 1 126 ? -2.078  -14.418 -0.809  1.00 45.53 ? 117 ASP A C   1 
ATOM   925  O O   . ASP A 1 126 ? -1.808  -14.421 0.392   1.00 45.17 ? 117 ASP A O   1 
ATOM   926  C CB  . ASP A 1 126 ? -3.706  -16.108 -1.687  1.00 47.72 ? 117 ASP A CB  1 
ATOM   927  C CG  . ASP A 1 126 ? -5.176  -16.519 -1.809  1.00 49.05 ? 117 ASP A CG  1 
ATOM   928  O OD1 . ASP A 1 126 ? -6.078  -15.687 -1.561  1.00 49.63 ? 117 ASP A OD1 1 
ATOM   929  O OD2 . ASP A 1 126 ? -5.426  -17.691 -2.166  1.00 49.98 ? 117 ASP A OD2 1 
ATOM   930  N N   . ALA A 1 127 ? -1.166  -14.229 -1.761  1.00 44.58 ? 118 ALA A N   1 
ATOM   931  C CA  . ALA A 1 127 ? 0.247   -13.983 -1.458  1.00 43.85 ? 118 ALA A CA  1 
ATOM   932  C C   . ALA A 1 127 ? 0.460   -12.655 -0.734  1.00 43.01 ? 118 ALA A C   1 
ATOM   933  O O   . ALA A 1 127 ? 1.228   -12.591 0.225   1.00 42.78 ? 118 ALA A O   1 
ATOM   934  C CB  . ALA A 1 127 ? 1.082   -14.028 -2.730  1.00 43.78 ? 118 ALA A CB  1 
ATOM   935  N N   . ILE A 1 128 ? -0.222  -11.605 -1.189  1.00 42.30 ? 119 ILE A N   1 
ATOM   936  C CA  . ILE A 1 128 ? -0.145  -10.285 -0.546  1.00 42.66 ? 119 ILE A CA  1 
ATOM   937  C C   . ILE A 1 128 ? -0.699  -10.354 0.880   1.00 43.11 ? 119 ILE A C   1 
ATOM   938  O O   . ILE A 1 128 ? -0.093  -9.815  1.808   1.00 42.38 ? 119 ILE A O   1 
ATOM   939  C CB  . ILE A 1 128 ? -0.879  -9.195  -1.369  1.00 42.44 ? 119 ILE A CB  1 
ATOM   940  C CG1 . ILE A 1 128 ? -0.136  -8.932  -2.685  1.00 42.77 ? 119 ILE A CG1 1 
ATOM   941  C CG2 . ILE A 1 128 ? -0.996  -7.891  -0.579  1.00 42.32 ? 119 ILE A CG2 1 
ATOM   942  C CD1 . ILE A 1 128 ? -0.983  -8.285  -3.760  1.00 42.94 ? 119 ILE A CD1 1 
ATOM   943  N N   . LYS A 1 129 ? -1.845  -11.018 1.038   1.00 44.18 ? 120 LYS A N   1 
ATOM   944  C CA  . LYS A 1 129 ? -2.437  -11.271 2.358   1.00 45.16 ? 120 LYS A CA  1 
ATOM   945  C C   . LYS A 1 129 ? -1.471  -12.019 3.275   1.00 44.61 ? 120 LYS A C   1 
ATOM   946  O O   . LYS A 1 129 ? -1.302  -11.645 4.432   1.00 45.28 ? 120 LYS A O   1 
ATOM   947  C CB  . LYS A 1 129 ? -3.739  -12.069 2.222   1.00 46.39 ? 120 LYS A CB  1 
ATOM   948  C CG  . LYS A 1 129 ? -4.512  -12.241 3.522   1.00 47.98 ? 120 LYS A CG  1 
ATOM   949  C CD  A LYS A 1 129 ? -5.799  -13.019 3.302   1.00 49.40 ? 120 LYS A CD  1 
ATOM   950  C CE  A LYS A 1 129 ? -6.471  -13.343 4.627   1.00 50.64 ? 120 LYS A CE  1 
ATOM   951  N NZ  A LYS A 1 129 ? -7.649  -14.234 4.447   1.00 51.69 ? 120 LYS A NZ  1 
ATOM   952  N N   . HIS A 1 130 ? -0.841  -13.066 2.742   1.00 44.14 ? 121 HIS A N   1 
ATOM   953  C CA  . HIS A 1 130 ? 0.111   -13.888 3.501   1.00 44.07 ? 121 HIS A CA  1 
ATOM   954  C C   . HIS A 1 130 ? 1.294   -13.083 4.058   1.00 43.54 ? 121 HIS A C   1 
ATOM   955  O O   . HIS A 1 130 ? 1.720   -13.322 5.191   1.00 42.98 ? 121 HIS A O   1 
ATOM   956  C CB  . HIS A 1 130 ? 0.633   -15.042 2.637   1.00 44.32 ? 121 HIS A CB  1 
ATOM   957  C CG  . HIS A 1 130 ? 1.405   -16.069 3.404   1.00 44.41 ? 121 HIS A CG  1 
ATOM   958  N ND1 . HIS A 1 130 ? 2.764   -15.979 3.609   1.00 44.73 ? 121 HIS A ND1 1 
ATOM   959  C CD2 . HIS A 1 130 ? 1.007   -17.209 4.017   1.00 44.63 ? 121 HIS A CD2 1 
ATOM   960  C CE1 . HIS A 1 130 ? 3.172   -17.018 4.314   1.00 44.78 ? 121 HIS A CE1 1 
ATOM   961  N NE2 . HIS A 1 130 ? 2.124   -17.780 4.576   1.00 44.96 ? 121 HIS A NE2 1 
ATOM   962  N N   . PHE A 1 131 ? 1.814   -12.139 3.271   1.00 42.85 ? 122 PHE A N   1 
ATOM   963  C CA  . PHE A 1 131 ? 2.920   -11.290 3.721   1.00 42.64 ? 122 PHE A CA  1 
ATOM   964  C C   . PHE A 1 131 ? 2.530   -10.494 4.958   1.00 42.83 ? 122 PHE A C   1 
ATOM   965  O O   . PHE A 1 131 ? 3.178   -10.602 5.998   1.00 42.50 ? 122 PHE A O   1 
ATOM   966  C CB  . PHE A 1 131 ? 3.382   -10.322 2.624   1.00 42.36 ? 122 PHE A CB  1 
ATOM   967  C CG  . PHE A 1 131 ? 4.508   -9.422  3.054   1.00 42.18 ? 122 PHE A CG  1 
ATOM   968  C CD1 . PHE A 1 131 ? 5.823   -9.879  3.034   1.00 42.29 ? 122 PHE A CD1 1 
ATOM   969  C CD2 . PHE A 1 131 ? 4.258   -8.125  3.499   1.00 42.36 ? 122 PHE A CD2 1 
ATOM   970  C CE1 . PHE A 1 131 ? 6.865   -9.057  3.441   1.00 42.24 ? 122 PHE A CE1 1 
ATOM   971  C CE2 . PHE A 1 131 ? 5.296   -7.301  3.907   1.00 42.28 ? 122 PHE A CE2 1 
ATOM   972  C CZ  . PHE A 1 131 ? 6.602   -7.768  3.878   1.00 42.10 ? 122 PHE A CZ  1 
ATOM   973  N N   . PHE A 1 132 ? 1.464   -9.707  4.835   1.00 43.17 ? 123 PHE A N   1 
ATOM   974  C CA  . PHE A 1 132 ? 1.038   -8.808  5.913   1.00 43.46 ? 123 PHE A CA  1 
ATOM   975  C C   . PHE A 1 132 ? 0.531   -9.538  7.159   1.00 43.82 ? 123 PHE A C   1 
ATOM   976  O O   . PHE A 1 132 ? 0.654   -9.011  8.264   1.00 44.70 ? 123 PHE A O   1 
ATOM   977  C CB  . PHE A 1 132 ? 0.018   -7.785  5.401   1.00 43.16 ? 123 PHE A CB  1 
ATOM   978  C CG  . PHE A 1 132 ? 0.619   -6.761  4.479   1.00 42.92 ? 123 PHE A CG  1 
ATOM   979  C CD1 . PHE A 1 132 ? 1.499   -5.800  4.976   1.00 42.89 ? 123 PHE A CD1 1 
ATOM   980  C CD2 . PHE A 1 132 ? 0.334   -6.764  3.119   1.00 43.00 ? 123 PHE A CD2 1 
ATOM   981  C CE1 . PHE A 1 132 ? 2.076   -4.861  4.135   1.00 42.91 ? 123 PHE A CE1 1 
ATOM   982  C CE2 . PHE A 1 132 ? 0.905   -5.823  2.273   1.00 43.56 ? 123 PHE A CE2 1 
ATOM   983  C CZ  . PHE A 1 132 ? 1.778   -4.870  2.781   1.00 43.23 ? 123 PHE A CZ  1 
ATOM   984  N N   . VAL A 1 133 ? -0.007  -10.745 6.983   1.00 44.22 ? 124 VAL A N   1 
ATOM   985  C CA  . VAL A 1 133 ? -0.406  -11.596 8.111   1.00 45.02 ? 124 VAL A CA  1 
ATOM   986  C C   . VAL A 1 133 ? 0.796   -12.143 8.898   1.00 45.63 ? 124 VAL A C   1 
ATOM   987  O O   . VAL A 1 133 ? 0.732   -12.220 10.126  1.00 45.55 ? 124 VAL A O   1 
ATOM   988  C CB  . VAL A 1 133 ? -1.358  -12.738 7.658   1.00 45.53 ? 124 VAL A CB  1 
ATOM   989  C CG1 . VAL A 1 133 ? -1.585  -13.769 8.763   1.00 45.55 ? 124 VAL A CG1 1 
ATOM   990  C CG2 . VAL A 1 133 ? -2.698  -12.158 7.224   1.00 45.86 ? 124 VAL A CG2 1 
ATOM   991  N N   . HIS A 1 134 ? 1.881   -12.498 8.204   1.00 46.67 ? 125 HIS A N   1 
ATOM   992  C CA  . HIS A 1 134 ? 2.993   -13.250 8.810   1.00 47.43 ? 125 HIS A CA  1 
ATOM   993  C C   . HIS A 1 134 ? 4.326   -12.514 9.004   1.00 47.82 ? 125 HIS A C   1 
ATOM   994  O O   . HIS A 1 134 ? 5.175   -13.006 9.748   1.00 48.22 ? 125 HIS A O   1 
ATOM   995  C CB  . HIS A 1 134 ? 3.242   -14.525 7.998   1.00 47.82 ? 125 HIS A CB  1 
ATOM   996  C CG  . HIS A 1 134 ? 2.129   -15.520 8.091   1.00 48.65 ? 125 HIS A CG  1 
ATOM   997  N ND1 . HIS A 1 134 ? 1.895   -16.265 9.227   1.00 49.08 ? 125 HIS A ND1 1 
ATOM   998  C CD2 . HIS A 1 134 ? 1.182   -15.889 7.197   1.00 48.74 ? 125 HIS A CD2 1 
ATOM   999  C CE1 . HIS A 1 134 ? 0.852   -17.050 9.028   1.00 49.20 ? 125 HIS A CE1 1 
ATOM   1000 N NE2 . HIS A 1 134 ? 0.401   -16.841 7.804   1.00 49.39 ? 125 HIS A NE2 1 
ATOM   1001 N N   . TYR A 1 135 ? 4.530   -11.362 8.363   1.00 48.30 ? 126 TYR A N   1 
ATOM   1002 C CA  . TYR A 1 135 ? 5.864   -10.722 8.375   1.00 49.87 ? 126 TYR A CA  1 
ATOM   1003 C C   . TYR A 1 135 ? 6.330   -10.188 9.739   1.00 50.98 ? 126 TYR A C   1 
ATOM   1004 O O   . TYR A 1 135 ? 7.534   -10.018 9.943   1.00 50.95 ? 126 TYR A O   1 
ATOM   1005 C CB  . TYR A 1 135 ? 6.009   -9.658  7.269   1.00 50.41 ? 126 TYR A CB  1 
ATOM   1006 C CG  . TYR A 1 135 ? 5.515   -8.256  7.583   1.00 51.63 ? 126 TYR A CG  1 
ATOM   1007 C CD1 . TYR A 1 135 ? 4.156   -7.981  7.736   1.00 52.59 ? 126 TYR A CD1 1 
ATOM   1008 C CD2 . TYR A 1 135 ? 6.413   -7.190  7.680   1.00 52.64 ? 126 TYR A CD2 1 
ATOM   1009 C CE1 . TYR A 1 135 ? 3.708   -6.694  8.001   1.00 53.35 ? 126 TYR A CE1 1 
ATOM   1010 C CE2 . TYR A 1 135 ? 5.975   -5.900  7.944   1.00 53.29 ? 126 TYR A CE2 1 
ATOM   1011 C CZ  . TYR A 1 135 ? 4.623   -5.655  8.104   1.00 53.94 ? 126 TYR A CZ  1 
ATOM   1012 O OH  . TYR A 1 135 ? 4.184   -4.378  8.369   1.00 55.52 ? 126 TYR A OH  1 
ATOM   1013 N N   . LYS A 1 136 ? 5.392   -9.956  10.662  1.00 52.41 ? 127 LYS A N   1 
ATOM   1014 C CA  . LYS A 1 136 ? 5.714   -9.542  12.035  1.00 53.53 ? 127 LYS A CA  1 
ATOM   1015 C C   . LYS A 1 136 ? 5.505   -10.660 13.081  1.00 53.34 ? 127 LYS A C   1 
ATOM   1016 O O   . LYS A 1 136 ? 5.340   -10.369 14.269  1.00 53.82 ? 127 LYS A O   1 
ATOM   1017 C CB  . LYS A 1 136 ? 4.889   -8.301  12.403  1.00 54.92 ? 127 LYS A CB  1 
ATOM   1018 C CG  . LYS A 1 136 ? 5.098   -7.120  11.463  1.00 56.24 ? 127 LYS A CG  1 
ATOM   1019 C CD  . LYS A 1 136 ? 4.295   -5.898  11.885  1.00 57.54 ? 127 LYS A CD  1 
ATOM   1020 C CE  . LYS A 1 136 ? 2.810   -6.059  11.589  1.00 58.71 ? 127 LYS A CE  1 
ATOM   1021 N NZ  . LYS A 1 136 ? 2.051   -4.800  11.830  1.00 59.86 ? 127 LYS A NZ  1 
ATOM   1022 N N   . ASP A 1 137 ? 5.538   -11.926 12.649  1.00 53.09 ? 128 ASP A N   1 
ATOM   1023 C CA  . ASP A 1 137 ? 5.360   -13.075 13.558  1.00 53.10 ? 128 ASP A CA  1 
ATOM   1024 C C   . ASP A 1 137 ? 6.424   -13.168 14.656  1.00 54.23 ? 128 ASP A C   1 
ATOM   1025 O O   . ASP A 1 137 ? 6.116   -13.583 15.773  1.00 55.02 ? 128 ASP A O   1 
ATOM   1026 C CB  . ASP A 1 137 ? 5.345   -14.408 12.782  1.00 52.56 ? 128 ASP A CB  1 
ATOM   1027 C CG  . ASP A 1 137 ? 4.019   -14.682 12.071  1.00 52.20 ? 128 ASP A CG  1 
ATOM   1028 O OD1 . ASP A 1 137 ? 2.998   -14.023 12.367  1.00 52.25 ? 128 ASP A OD1 1 
ATOM   1029 O OD2 . ASP A 1 137 ? 4.004   -15.584 11.207  1.00 51.18 ? 128 ASP A OD2 1 
ATOM   1030 N N   . LEU A 1 138 ? 7.663   -12.796 14.334  1.00 56.16 ? 129 LEU A N   1 
ATOM   1031 C CA  . LEU A 1 138 ? 8.783   -12.873 15.284  1.00 57.66 ? 129 LEU A CA  1 
ATOM   1032 C C   . LEU A 1 138 ? 9.056   -11.567 16.051  1.00 59.53 ? 129 LEU A C   1 
ATOM   1033 O O   . LEU A 1 138 ? 9.985   -11.518 16.861  1.00 59.46 ? 129 LEU A O   1 
ATOM   1034 C CB  . LEU A 1 138 ? 10.052  -13.337 14.559  1.00 57.27 ? 129 LEU A CB  1 
ATOM   1035 C CG  . LEU A 1 138 ? 9.985   -14.734 13.934  1.00 57.28 ? 129 LEU A CG  1 
ATOM   1036 C CD1 . LEU A 1 138 ? 11.193  -14.968 13.043  1.00 57.25 ? 129 LEU A CD1 1 
ATOM   1037 C CD2 . LEU A 1 138 ? 9.884   -15.818 14.999  1.00 57.22 ? 129 LEU A CD2 1 
ATOM   1038 N N   . GLU A 1 139 ? 8.258   -10.526 15.803  1.00 62.15 ? 130 GLU A N   1 
ATOM   1039 C CA  . GLU A 1 139 ? 8.324   -9.281  16.574  1.00 63.95 ? 130 GLU A CA  1 
ATOM   1040 C C   . GLU A 1 139 ? 7.289   -9.339  17.697  1.00 66.48 ? 130 GLU A C   1 
ATOM   1041 O O   . GLU A 1 139 ? 6.097   -9.487  17.417  1.00 66.37 ? 130 GLU A O   1 
ATOM   1042 C CB  . GLU A 1 139 ? 8.048   -8.076  15.674  1.00 63.42 ? 130 GLU A CB  1 
ATOM   1043 C CG  . GLU A 1 139 ? 9.014   -7.956  14.508  1.00 63.05 ? 130 GLU A CG  1 
ATOM   1044 C CD  . GLU A 1 139 ? 8.925   -6.618  13.801  1.00 63.21 ? 130 GLU A CD  1 
ATOM   1045 O OE1 . GLU A 1 139 ? 8.583   -6.596  12.601  1.00 62.19 ? 130 GLU A OE1 1 
ATOM   1046 O OE2 . GLU A 1 139 ? 9.195   -5.584  14.449  1.00 64.31 ? 130 GLU A OE2 1 
ATOM   1047 N N   . PRO A 1 140 ? 7.734   -9.231  18.970  1.00 70.41 ? 131 PRO A N   1 
ATOM   1048 C CA  . PRO A 1 140 ? 6.805   -9.366  20.099  1.00 71.40 ? 131 PRO A CA  1 
ATOM   1049 C C   . PRO A 1 140 ? 5.951   -8.114  20.310  1.00 71.73 ? 131 PRO A C   1 
ATOM   1050 O O   . PRO A 1 140 ? 6.435   -6.994  20.129  1.00 71.34 ? 131 PRO A O   1 
ATOM   1051 C CB  . PRO A 1 140 ? 7.740   -9.590  21.288  1.00 71.48 ? 131 PRO A CB  1 
ATOM   1052 C CG  . PRO A 1 140 ? 8.971   -8.832  20.928  1.00 72.00 ? 131 PRO A CG  1 
ATOM   1053 C CD  . PRO A 1 140 ? 9.101   -8.915  19.430  1.00 71.13 ? 131 PRO A CD  1 
ATOM   1054 N N   . GLY A 1 141 ? 4.691   -8.317  20.690  1.00 72.42 ? 132 GLY A N   1 
ATOM   1055 C CA  . GLY A 1 141 ? 3.736   -7.222  20.851  1.00 73.92 ? 132 GLY A CA  1 
ATOM   1056 C C   . GLY A 1 141 ? 3.285   -6.582  19.545  1.00 75.42 ? 132 GLY A C   1 
ATOM   1057 O O   . GLY A 1 141 ? 2.859   -5.423  19.540  1.00 74.70 ? 132 GLY A O   1 
ATOM   1058 N N   . LYS A 1 142 ? 3.378   -7.332  18.444  1.00 76.86 ? 133 LYS A N   1 
ATOM   1059 C CA  . LYS A 1 142 ? 2.942   -6.876  17.124  1.00 76.92 ? 133 LYS A CA  1 
ATOM   1060 C C   . LYS A 1 142 ? 2.135   -7.983  16.460  1.00 77.94 ? 133 LYS A C   1 
ATOM   1061 O O   . LYS A 1 142 ? 2.614   -9.109  16.324  1.00 78.61 ? 133 LYS A O   1 
ATOM   1062 C CB  . LYS A 1 142 ? 4.140   -6.509  16.245  1.00 76.04 ? 133 LYS A CB  1 
ATOM   1063 C CG  . LYS A 1 142 ? 5.046   -5.444  16.839  1.00 75.75 ? 133 LYS A CG  1 
ATOM   1064 C CD  . LYS A 1 142 ? 5.866   -4.739  15.769  1.00 75.27 ? 133 LYS A CD  1 
ATOM   1065 C CE  . LYS A 1 142 ? 6.957   -3.877  16.383  1.00 75.47 ? 133 LYS A CE  1 
ATOM   1066 N NZ  . LYS A 1 142 ? 7.726   -3.138  15.344  1.00 75.73 ? 133 LYS A NZ  1 
ATOM   1067 N N   . PHE A 1 143 ? 0.910   -7.647  16.060  1.00 79.81 ? 134 PHE A N   1 
ATOM   1068 C CA  . PHE A 1 143 ? -0.020  -8.590  15.440  1.00 81.22 ? 134 PHE A CA  1 
ATOM   1069 C C   . PHE A 1 143 ? -0.719  -7.914  14.267  1.00 80.79 ? 134 PHE A C   1 
ATOM   1070 O O   . PHE A 1 143 ? -0.528  -6.718  14.035  1.00 78.61 ? 134 PHE A O   1 
ATOM   1071 C CB  . PHE A 1 143 ? -1.063  -9.056  16.468  1.00 82.08 ? 134 PHE A CB  1 
ATOM   1072 C CG  . PHE A 1 143 ? -1.922  -7.941  17.015  1.00 83.75 ? 134 PHE A CG  1 
ATOM   1073 C CD1 . PHE A 1 143 ? -1.526  -7.225  18.141  1.00 84.74 ? 134 PHE A CD1 1 
ATOM   1074 C CD2 . PHE A 1 143 ? -3.126  -7.600  16.398  1.00 84.93 ? 134 PHE A CD2 1 
ATOM   1075 C CE1 . PHE A 1 143 ? -2.311  -6.194  18.642  1.00 84.64 ? 134 PHE A CE1 1 
ATOM   1076 C CE2 . PHE A 1 143 ? -3.913  -6.568  16.893  1.00 85.23 ? 134 PHE A CE2 1 
ATOM   1077 C CZ  . PHE A 1 143 ? -3.507  -5.865  18.018  1.00 84.80 ? 134 PHE A CZ  1 
ATOM   1078 N N   . VAL A 1 144 ? -1.512  -8.690  13.528  1.00 81.49 ? 135 VAL A N   1 
ATOM   1079 C CA  . VAL A 1 144 ? -2.538  -8.142  12.631  1.00 82.04 ? 135 VAL A CA  1 
ATOM   1080 C C   . VAL A 1 144 ? -3.808  -8.993  12.717  1.00 81.82 ? 135 VAL A C   1 
ATOM   1081 O O   . VAL A 1 144 ? -3.746  -10.193 12.995  1.00 81.17 ? 135 VAL A O   1 
ATOM   1082 C CB  . VAL A 1 144 ? -2.082  -8.037  11.148  1.00 82.03 ? 135 VAL A CB  1 
ATOM   1083 C CG1 . VAL A 1 144 ? -0.752  -7.299  11.014  1.00 81.82 ? 135 VAL A CG1 1 
ATOM   1084 C CG2 . VAL A 1 144 ? -1.993  -9.402  10.490  1.00 82.12 ? 135 VAL A CG2 1 
ATOM   1085 N N   . LYS A 1 145 ? -4.951  -8.359  12.474  1.00 82.62 ? 136 LYS A N   1 
ATOM   1086 C CA  . LYS A 1 145 ? -6.243  -9.049  12.425  1.00 82.77 ? 136 LYS A CA  1 
ATOM   1087 C C   . LYS A 1 145 ? -7.228  -8.300  11.525  1.00 81.03 ? 136 LYS A C   1 
ATOM   1088 O O   . LYS A 1 145 ? -6.959  -7.173  11.099  1.00 80.49 ? 136 LYS A O   1 
ATOM   1089 C CB  . LYS A 1 145 ? -6.818  -9.233  13.837  1.00 84.17 ? 136 LYS A CB  1 
ATOM   1090 C CG  . LYS A 1 145 ? -6.752  -7.997  14.724  1.00 85.86 ? 136 LYS A CG  1 
ATOM   1091 C CD  . LYS A 1 145 ? -7.794  -8.051  15.835  1.00 87.51 ? 136 LYS A CD  1 
ATOM   1092 C CE  . LYS A 1 145 ? -7.467  -7.090  16.968  1.00 87.98 ? 136 LYS A CE  1 
ATOM   1093 N NZ  . LYS A 1 145 ? -8.602  -6.952  17.923  1.00 88.00 ? 136 LYS A NZ  1 
ATOM   1094 N N   . ALA A 1 146 ? -8.355  -8.949  11.235  1.00 78.93 ? 137 ALA A N   1 
ATOM   1095 C CA  . ALA A 1 146 ? -9.390  -8.422  10.337  1.00 77.25 ? 137 ALA A CA  1 
ATOM   1096 C C   . ALA A 1 146 ? -8.867  -8.166  8.914   1.00 75.97 ? 137 ALA A C   1 
ATOM   1097 O O   . ALA A 1 146 ? -9.179  -7.143  8.300   1.00 78.10 ? 137 ALA A O   1 
ATOM   1098 C CB  . ALA A 1 146 ? -10.027 -7.165  10.930  1.00 77.08 ? 137 ALA A CB  1 
ATOM   1099 N N   . ALA A 1 147 ? -8.082  -9.113  8.397   1.00 72.74 ? 138 ALA A N   1 
ATOM   1100 C CA  . ALA A 1 147 ? -7.530  -9.025  7.043   1.00 71.24 ? 138 ALA A CA  1 
ATOM   1101 C C   . ALA A 1 147 ? -8.618  -9.356  6.023   1.00 70.05 ? 138 ALA A C   1 
ATOM   1102 O O   . ALA A 1 147 ? -9.198  -10.442 6.072   1.00 70.68 ? 138 ALA A O   1 
ATOM   1103 C CB  . ALA A 1 147 ? -6.354  -9.974  6.885   1.00 71.62 ? 138 ALA A CB  1 
ATOM   1104 N N   . ASP A 1 148 ? -8.888  -8.428  5.103   1.00 67.95 ? 139 ASP A N   1 
ATOM   1105 C CA  . ASP A 1 148 ? -10.016 -8.560  4.176   1.00 66.68 ? 139 ASP A CA  1 
ATOM   1106 C C   . ASP A 1 148 ? -9.808  -7.738  2.901   1.00 62.96 ? 139 ASP A C   1 
ATOM   1107 O O   . ASP A 1 148 ? -9.427  -6.570  2.977   1.00 62.90 ? 139 ASP A O   1 
ATOM   1108 C CB  . ASP A 1 148 ? -11.304 -8.104  4.878   1.00 69.23 ? 139 ASP A CB  1 
ATOM   1109 C CG  . ASP A 1 148 ? -12.561 -8.683  4.250   1.00 71.37 ? 139 ASP A CG  1 
ATOM   1110 O OD1 . ASP A 1 148 ? -12.638 -9.920  4.084   1.00 73.12 ? 139 ASP A OD1 1 
ATOM   1111 O OD2 . ASP A 1 148 ? -13.485 -7.898  3.943   1.00 72.34 ? 139 ASP A OD2 1 
ATOM   1112 N N   . TRP A 1 149 ? -10.064 -8.347  1.743   1.00 59.43 ? 140 TRP A N   1 
ATOM   1113 C CA  . TRP A 1 149 ? -10.018 -7.642  0.454   1.00 56.50 ? 140 TRP A CA  1 
ATOM   1114 C C   . TRP A 1 149 ? -11.378 -7.026  0.138   1.00 55.93 ? 140 TRP A C   1 
ATOM   1115 O O   . TRP A 1 149 ? -12.404 -7.697  0.260   1.00 56.38 ? 140 TRP A O   1 
ATOM   1116 C CB  . TRP A 1 149 ? -9.612  -8.591  -0.677  1.00 54.90 ? 140 TRP A CB  1 
ATOM   1117 C CG  . TRP A 1 149 ? -8.167  -8.951  -0.646  1.00 54.01 ? 140 TRP A CG  1 
ATOM   1118 C CD1 . TRP A 1 149 ? -7.620  -10.109 -0.176  1.00 53.46 ? 140 TRP A CD1 1 
ATOM   1119 C CD2 . TRP A 1 149 ? -7.075  -8.142  -1.093  1.00 52.73 ? 140 TRP A CD2 1 
ATOM   1120 N NE1 . TRP A 1 149 ? -6.253  -10.074 -0.308  1.00 52.61 ? 140 TRP A NE1 1 
ATOM   1121 C CE2 . TRP A 1 149 ? -5.892  -8.878  -0.869  1.00 52.32 ? 140 TRP A CE2 1 
ATOM   1122 C CE3 . TRP A 1 149 ? -6.980  -6.866  -1.666  1.00 52.65 ? 140 TRP A CE3 1 
ATOM   1123 C CZ2 . TRP A 1 149 ? -4.627  -8.381  -1.196  1.00 52.35 ? 140 TRP A CZ2 1 
ATOM   1124 C CZ3 . TRP A 1 149 ? -5.721  -6.371  -1.997  1.00 52.05 ? 140 TRP A CZ3 1 
ATOM   1125 C CH2 . TRP A 1 149 ? -4.560  -7.129  -1.757  1.00 51.90 ? 140 TRP A CH2 1 
ATOM   1126 N N   . VAL A 1 150 ? -11.374 -5.754  -0.268  1.00 55.22 ? 141 VAL A N   1 
ATOM   1127 C CA  . VAL A 1 150 ? -12.597 -5.046  -0.669  1.00 55.16 ? 141 VAL A CA  1 
ATOM   1128 C C   . VAL A 1 150 ? -12.438 -4.454  -2.072  1.00 55.59 ? 141 VAL A C   1 
ATOM   1129 O O   . VAL A 1 150 ? -11.322 -4.323  -2.581  1.00 55.42 ? 141 VAL A O   1 
ATOM   1130 C CB  . VAL A 1 150 ? -13.019 -3.955  0.354   1.00 54.80 ? 141 VAL A CB  1 
ATOM   1131 C CG1 . VAL A 1 150 ? -13.245 -4.574  1.728   1.00 54.59 ? 141 VAL A CG1 1 
ATOM   1132 C CG2 . VAL A 1 150 ? -12.004 -2.822  0.446   1.00 54.43 ? 141 VAL A CG2 1 
ATOM   1133 N N   . ASP A 1 151 ? -13.569 -4.094  -2.676  1.00 56.11 ? 142 ASP A N   1 
ATOM   1134 C CA  . ASP A 1 151 ? -13.626 -3.675  -4.086  1.00 56.91 ? 142 ASP A CA  1 
ATOM   1135 C C   . ASP A 1 151 ? -13.152 -2.228  -4.313  1.00 56.77 ? 142 ASP A C   1 
ATOM   1136 O O   . ASP A 1 151 ? -12.767 -1.539  -3.364  1.00 55.60 ? 142 ASP A O   1 
ATOM   1137 C CB  . ASP A 1 151 ? -15.042 -3.915  -4.657  1.00 58.36 ? 142 ASP A CB  1 
ATOM   1138 C CG  . ASP A 1 151 ? -16.114 -3.008  -4.039  1.00 58.72 ? 142 ASP A CG  1 
ATOM   1139 O OD1 . ASP A 1 151 ? -15.827 -2.249  -3.087  1.00 59.69 ? 142 ASP A OD1 1 
ATOM   1140 O OD2 . ASP A 1 151 ? -17.266 -3.072  -4.514  1.00 59.22 ? 142 ASP A OD2 1 
ATOM   1141 N N   . ARG A 1 152 ? -13.177 -1.786  -5.572  1.00 57.10 ? 143 ARG A N   1 
ATOM   1142 C CA  . ARG A 1 152 ? -12.707 -0.445  -5.957  1.00 57.72 ? 143 ARG A CA  1 
ATOM   1143 C C   . ARG A 1 152 ? -13.544 0.698   -5.367  1.00 58.83 ? 143 ARG A C   1 
ATOM   1144 O O   . ARG A 1 152 ? -12.987 1.710   -4.939  1.00 59.28 ? 143 ARG A O   1 
ATOM   1145 C CB  . ARG A 1 152 ? -12.673 -0.300  -7.484  1.00 57.39 ? 143 ARG A CB  1 
ATOM   1146 C CG  . ARG A 1 152 ? -11.826 0.886   -7.953  1.00 57.11 ? 143 ARG A CG  1 
ATOM   1147 C CD  . ARG A 1 152 ? -12.017 1.320   -9.416  1.00 56.62 ? 143 ARG A CD  1 
ATOM   1148 N NE  . ARG A 1 152 ? -13.189 0.759   -10.098 1.00 57.35 ? 143 ARG A NE  1 
ATOM   1149 C CZ  . ARG A 1 152 ? -13.351 0.724   -11.424 1.00 58.36 ? 143 ARG A CZ  1 
ATOM   1150 N NH1 . ARG A 1 152 ? -12.443 1.239   -12.259 1.00 58.15 ? 143 ARG A NH1 1 
ATOM   1151 N NH2 . ARG A 1 152 ? -14.454 0.173   -11.928 1.00 58.95 ? 143 ARG A NH2 1 
ATOM   1152 N N   . ALA A 1 153 ? -14.868 0.544   -5.369  1.00 59.90 ? 144 ALA A N   1 
ATOM   1153 C CA  . ALA A 1 153 ? -15.781 1.558   -4.819  1.00 60.76 ? 144 ALA A CA  1 
ATOM   1154 C C   . ALA A 1 153 ? -15.445 1.909   -3.368  1.00 62.25 ? 144 ALA A C   1 
ATOM   1155 O O   . ALA A 1 153 ? -15.459 3.080   -2.984  1.00 62.60 ? 144 ALA A O   1 
ATOM   1156 C CB  . ALA A 1 153 ? -17.224 1.085   -4.921  1.00 60.76 ? 144 ALA A CB  1 
ATOM   1157 N N   . GLU A 1 154 ? -15.132 0.881   -2.582  1.00 64.11 ? 145 GLU A N   1 
ATOM   1158 C CA  . GLU A 1 154 ? -14.711 1.051   -1.189  1.00 65.92 ? 145 GLU A CA  1 
ATOM   1159 C C   . GLU A 1 154 ? -13.338 1.730   -1.094  1.00 64.64 ? 145 GLU A C   1 
ATOM   1160 O O   . GLU A 1 154 ? -13.115 2.566   -0.214  1.00 65.70 ? 145 GLU A O   1 
ATOM   1161 C CB  . GLU A 1 154 ? -14.674 -0.307  -0.474  1.00 68.67 ? 145 GLU A CB  1 
ATOM   1162 C CG  . GLU A 1 154 ? -15.017 -0.248  1.006   1.00 71.93 ? 145 GLU A CG  1 
ATOM   1163 C CD  . GLU A 1 154 ? -16.497 -0.470  1.279   1.00 74.26 ? 145 GLU A CD  1 
ATOM   1164 O OE1 . GLU A 1 154 ? -16.818 -1.268  2.187   1.00 76.76 ? 145 GLU A OE1 1 
ATOM   1165 O OE2 . GLU A 1 154 ? -17.338 0.144   0.586   1.00 75.56 ? 145 GLU A OE2 1 
ATOM   1166 N N   . ALA A 1 155 ? -12.426 1.354   -1.993  1.00 63.24 ? 146 ALA A N   1 
ATOM   1167 C CA  . ALA A 1 155 ? -11.088 1.958   -2.072  1.00 62.16 ? 146 ALA A CA  1 
ATOM   1168 C C   . ALA A 1 155 ? -11.142 3.437   -2.459  1.00 61.77 ? 146 ALA A C   1 
ATOM   1169 O O   . ALA A 1 155 ? -10.488 4.268   -1.825  1.00 60.52 ? 146 ALA A O   1 
ATOM   1170 C CB  . ALA A 1 155 ? -10.213 1.192   -3.056  1.00 61.49 ? 146 ALA A CB  1 
ATOM   1171 N N   . GLU A 1 156 ? -11.916 3.753   -3.497  1.00 62.24 ? 147 GLU A N   1 
ATOM   1172 C CA  . GLU A 1 156 ? -12.119 5.145   -3.930  1.00 62.70 ? 147 GLU A CA  1 
ATOM   1173 C C   . GLU A 1 156 ? -12.728 6.026   -2.834  1.00 61.71 ? 147 GLU A C   1 
ATOM   1174 O O   . GLU A 1 156 ? -12.372 7.199   -2.716  1.00 61.75 ? 147 GLU A O   1 
ATOM   1175 C CB  . GLU A 1 156 ? -12.994 5.215   -5.190  1.00 63.82 ? 147 GLU A CB  1 
ATOM   1176 C CG  . GLU A 1 156 ? -12.298 4.736   -6.463  1.00 65.11 ? 147 GLU A CG  1 
ATOM   1177 C CD  . GLU A 1 156 ? -12.842 5.372   -7.736  1.00 66.36 ? 147 GLU A CD  1 
ATOM   1178 O OE1 . GLU A 1 156 ? -13.156 6.582   -7.733  1.00 69.10 ? 147 GLU A OE1 1 
ATOM   1179 O OE2 . GLU A 1 156 ? -12.938 4.663   -8.760  1.00 66.12 ? 147 GLU A OE2 1 
ATOM   1180 N N   . ALA A 1 157 ? -13.636 5.457   -2.042  1.00 60.35 ? 148 ALA A N   1 
ATOM   1181 C CA  . ALA A 1 157 ? -14.250 6.172   -0.919  1.00 59.95 ? 148 ALA A CA  1 
ATOM   1182 C C   . ALA A 1 157 ? -13.238 6.547   0.170   1.00 59.86 ? 148 ALA A C   1 
ATOM   1183 O O   . ALA A 1 157 ? -13.285 7.664   0.694   1.00 59.52 ? 148 ALA A O   1 
ATOM   1184 C CB  . ALA A 1 157 ? -15.384 5.349   -0.324  1.00 59.81 ? 148 ALA A CB  1 
ATOM   1185 N N   . GLU A 1 158 ? -12.335 5.624   0.505   1.00 60.05 ? 149 GLU A N   1 
ATOM   1186 C CA  . GLU A 1 158 ? -11.306 5.880   1.527   1.00 60.75 ? 149 GLU A CA  1 
ATOM   1187 C C   . GLU A 1 158 ? -10.244 6.876   1.061   1.00 60.55 ? 149 GLU A C   1 
ATOM   1188 O O   . GLU A 1 158 ? -9.733  7.650   1.870   1.00 59.50 ? 149 GLU A O   1 
ATOM   1189 C CB  . GLU A 1 158 ? -10.646 4.580   2.002   1.00 61.64 ? 149 GLU A CB  1 
ATOM   1190 C CG  . GLU A 1 158 ? -9.734  4.777   3.214   1.00 62.62 ? 149 GLU A CG  1 
ATOM   1191 C CD  . GLU A 1 158 ? -9.435  3.500   3.988   1.00 63.90 ? 149 GLU A CD  1 
ATOM   1192 O OE1 . GLU A 1 158 ? -8.367  3.444   4.636   1.00 63.72 ? 149 GLU A OE1 1 
ATOM   1193 O OE2 . GLU A 1 158 ? -10.259 2.561   3.970   1.00 65.15 ? 149 GLU A OE2 1 
ATOM   1194 N N   . VAL A 1 159 ? -9.913  6.845   -0.231  1.00 61.61 ? 150 VAL A N   1 
ATOM   1195 C CA  . VAL A 1 159 ? -9.033  7.853   -0.832  1.00 62.80 ? 150 VAL A CA  1 
ATOM   1196 C C   . VAL A 1 159 ? -9.697  9.229   -0.751  1.00 64.05 ? 150 VAL A C   1 
ATOM   1197 O O   . VAL A 1 159 ? -9.065  10.198  -0.330  1.00 63.59 ? 150 VAL A O   1 
ATOM   1198 C CB  . VAL A 1 159 ? -8.679  7.515   -2.306  1.00 62.83 ? 150 VAL A CB  1 
ATOM   1199 C CG1 . VAL A 1 159 ? -7.973  8.681   -2.997  1.00 62.66 ? 150 VAL A CG1 1 
ATOM   1200 C CG2 . VAL A 1 159 ? -7.804  6.270   -2.373  1.00 62.75 ? 150 VAL A CG2 1 
ATOM   1201 N N   . GLN A 1 160 ? -10.971 9.291   -1.140  1.00 66.74 ? 151 GLN A N   1 
ATOM   1202 C CA  . GLN A 1 160 ? -11.736 10.548  -1.174  1.00 69.37 ? 151 GLN A CA  1 
ATOM   1203 C C   . GLN A 1 160 ? -11.744 11.268  0.179   1.00 68.21 ? 151 GLN A C   1 
ATOM   1204 O O   . GLN A 1 160 ? -11.423 12.455  0.251   1.00 68.25 ? 151 GLN A O   1 
ATOM   1205 C CB  . GLN A 1 160 ? -13.180 10.292  -1.636  1.00 72.44 ? 151 GLN A CB  1 
ATOM   1206 C CG  . GLN A 1 160 ? -13.907 11.525  -2.157  1.00 76.09 ? 151 GLN A CG  1 
ATOM   1207 C CD  . GLN A 1 160 ? -13.405 11.961  -3.527  1.00 79.18 ? 151 GLN A CD  1 
ATOM   1208 O OE1 . GLN A 1 160 ? -13.579 11.243  -4.516  1.00 80.49 ? 151 GLN A OE1 1 
ATOM   1209 N NE2 . GLN A 1 160 ? -12.777 13.137  -3.593  1.00 79.87 ? 151 GLN A NE2 1 
ATOM   1210 N N   . ARG A 1 161 ? -12.099 10.541  1.236   1.00 66.94 ? 152 ARG A N   1 
ATOM   1211 C CA  . ARG A 1 161 ? -12.156 11.115  2.590   1.00 66.76 ? 152 ARG A CA  1 
ATOM   1212 C C   . ARG A 1 161 ? -10.773 11.400  3.196   1.00 66.40 ? 152 ARG A C   1 
ATOM   1213 O O   . ARG A 1 161 ? -10.639 12.304  4.026   1.00 66.68 ? 152 ARG A O   1 
ATOM   1214 C CB  . ARG A 1 161 ? -13.006 10.246  3.534   1.00 66.80 ? 152 ARG A CB  1 
ATOM   1215 C CG  . ARG A 1 161 ? -12.422 8.895   3.923   1.00 67.07 ? 152 ARG A CG  1 
ATOM   1216 C CD  . ARG A 1 161 ? -13.321 8.194   4.931   1.00 66.81 ? 152 ARG A CD  1 
ATOM   1217 N NE  . ARG A 1 161 ? -12.800 6.879   5.316   1.00 66.26 ? 152 ARG A NE  1 
ATOM   1218 C CZ  . ARG A 1 161 ? -13.099 5.713   4.734   1.00 65.61 ? 152 ARG A CZ  1 
ATOM   1219 N NH1 . ARG A 1 161 ? -13.940 5.633   3.697   1.00 64.43 ? 152 ARG A NH1 1 
ATOM   1220 N NH2 . ARG A 1 161 ? -12.540 4.596   5.199   1.00 64.43 ? 152 ARG A NH2 1 
ATOM   1221 N N   . SER A 1 162 ? -9.761  10.631  2.793   1.00 65.87 ? 153 SER A N   1 
ATOM   1222 C CA  . SER A 1 162 ? -8.376  10.881  3.218   1.00 65.98 ? 153 SER A CA  1 
ATOM   1223 C C   . SER A 1 162 ? -7.796  12.163  2.609   1.00 66.41 ? 153 SER A C   1 
ATOM   1224 O O   . SER A 1 162 ? -6.926  12.796  3.211   1.00 64.94 ? 153 SER A O   1 
ATOM   1225 C CB  . SER A 1 162 ? -7.476  9.690   2.879   1.00 65.68 ? 153 SER A CB  1 
ATOM   1226 O OG  . SER A 1 162 ? -7.885  8.529   3.581   1.00 65.11 ? 153 SER A OG  1 
ATOM   1227 N N   . VAL A 1 163 ? -8.266  12.527  1.414   1.00 67.85 ? 154 VAL A N   1 
ATOM   1228 C CA  . VAL A 1 163 ? -7.933  13.818  0.802   1.00 69.25 ? 154 VAL A CA  1 
ATOM   1229 C C   . VAL A 1 163 ? -8.662  14.955  1.532   1.00 70.42 ? 154 VAL A C   1 
ATOM   1230 O O   . VAL A 1 163 ? -8.068  16.008  1.772   1.00 69.87 ? 154 VAL A O   1 
ATOM   1231 C CB  . VAL A 1 163 ? -8.251  13.837  -0.717  1.00 69.41 ? 154 VAL A CB  1 
ATOM   1232 C CG1 . VAL A 1 163 ? -8.078  15.234  -1.310  1.00 69.33 ? 154 VAL A CG1 1 
ATOM   1233 C CG2 . VAL A 1 163 ? -7.355  12.851  -1.456  1.00 69.04 ? 154 VAL A CG2 1 
ATOM   1234 N N   . GLU A 1 164 ? -9.936  14.739  1.876   1.00 72.43 ? 155 GLU A N   1 
ATOM   1235 C CA  . GLU A 1 164 ? -10.707 15.711  2.674   1.00 74.34 ? 155 GLU A CA  1 
ATOM   1236 C C   . GLU A 1 164 ? -10.051 15.977  4.032   1.00 74.98 ? 155 GLU A C   1 
ATOM   1237 O O   . GLU A 1 164 ? -9.860  17.135  4.408   1.00 75.97 ? 155 GLU A O   1 
ATOM   1238 C CB  . GLU A 1 164 ? -12.170 15.262  2.883   1.00 75.97 ? 155 GLU A CB  1 
ATOM   1239 C CG  . GLU A 1 164 ? -13.167 15.781  1.844   1.00 78.19 ? 155 GLU A CG  1 
ATOM   1240 C CD  . GLU A 1 164 ? -13.757 14.696  0.955   1.00 80.54 ? 155 GLU A CD  1 
ATOM   1241 O OE1 . GLU A 1 164 ? -14.378 13.752  1.492   1.00 82.19 ? 155 GLU A OE1 1 
ATOM   1242 O OE2 . GLU A 1 164 ? -13.625 14.798  -0.284  1.00 81.65 ? 155 GLU A OE2 1 
ATOM   1243 N N   . ARG A 1 165 ? -9.718  14.906  4.753   1.00 75.54 ? 156 ARG A N   1 
ATOM   1244 C CA  . ARG A 1 165 ? -8.995  15.009  6.037   1.00 76.69 ? 156 ARG A CA  1 
ATOM   1245 C C   . ARG A 1 165 ? -7.675  15.778  5.928   1.00 77.80 ? 156 ARG A C   1 
ATOM   1246 O O   . ARG A 1 165 ? -7.315  16.524  6.841   1.00 78.63 ? 156 ARG A O   1 
ATOM   1247 C CB  . ARG A 1 165 ? -8.713  13.620  6.641   1.00 77.43 ? 156 ARG A CB  1 
ATOM   1248 C CG  . ARG A 1 165 ? -9.650  13.206  7.768   1.00 78.57 ? 156 ARG A CG  1 
ATOM   1249 C CD  . ARG A 1 165 ? -9.102  11.997  8.514   1.00 79.82 ? 156 ARG A CD  1 
ATOM   1250 N NE  . ARG A 1 165 ? -8.977  10.835  7.631   1.00 81.58 ? 156 ARG A NE  1 
ATOM   1251 C CZ  . ARG A 1 165 ? -9.952  9.970   7.335   1.00 83.33 ? 156 ARG A CZ  1 
ATOM   1252 N NH1 . ARG A 1 165 ? -11.179 10.089  7.852   1.00 84.47 ? 156 ARG A NH1 1 
ATOM   1253 N NH2 . ARG A 1 165 ? -9.693  8.962   6.503   1.00 83.06 ? 156 ARG A NH2 1 
ATOM   1254 N N   . PHE A 1 166 ? -6.959  15.582  4.821   1.00 78.67 ? 157 PHE A N   1 
ATOM   1255 C CA  . PHE A 1 166 ? -5.688  16.269  4.579   1.00 79.66 ? 157 PHE A CA  1 
ATOM   1256 C C   . PHE A 1 166 ? -5.872  17.765  4.316   1.00 81.19 ? 157 PHE A C   1 
ATOM   1257 O O   . PHE A 1 166 ? -5.101  18.582  4.826   1.00 81.53 ? 157 PHE A O   1 
ATOM   1258 C CB  . PHE A 1 166 ? -4.942  15.621  3.406   1.00 79.23 ? 157 PHE A CB  1 
ATOM   1259 C CG  . PHE A 1 166 ? -3.583  16.214  3.151   1.00 77.94 ? 157 PHE A CG  1 
ATOM   1260 C CD1 . PHE A 1 166 ? -2.504  15.883  3.966   1.00 77.77 ? 157 PHE A CD1 1 
ATOM   1261 C CD2 . PHE A 1 166 ? -3.381  17.112  2.106   1.00 77.49 ? 157 PHE A CD2 1 
ATOM   1262 C CE1 . PHE A 1 166 ? -1.248  16.430  3.741   1.00 77.82 ? 157 PHE A CE1 1 
ATOM   1263 C CE2 . PHE A 1 166 ? -2.128  17.663  1.875   1.00 77.28 ? 157 PHE A CE2 1 
ATOM   1264 C CZ  . PHE A 1 166 ? -1.060  17.322  2.693   1.00 77.54 ? 157 PHE A CZ  1 
ATOM   1265 N N   . LYS A 1 167 ? -6.876  18.112  3.510   1.00 83.61 ? 158 LYS A N   1 
ATOM   1266 C CA  . LYS A 1 167 ? -7.194  19.518  3.211   1.00 84.39 ? 158 LYS A CA  1 
ATOM   1267 C C   . LYS A 1 167 ? -7.632  20.300  4.455   1.00 84.33 ? 158 LYS A C   1 
ATOM   1268 O O   . LYS A 1 167 ? -7.347  21.493  4.565   1.00 84.69 ? 158 LYS A O   1 
ATOM   1269 C CB  . LYS A 1 167 ? -8.258  19.619  2.110   1.00 84.99 ? 158 LYS A CB  1 
ATOM   1270 C CG  . LYS A 1 167 ? -7.740  19.245  0.729   1.00 85.13 ? 158 LYS A CG  1 
ATOM   1271 C CD  . LYS A 1 167 ? -8.870  19.109  -0.279  1.00 85.34 ? 158 LYS A CD  1 
ATOM   1272 C CE  . LYS A 1 167 ? -8.346  18.902  -1.693  1.00 85.29 ? 158 LYS A CE  1 
ATOM   1273 N NZ  . LYS A 1 167 ? -7.897  20.172  -2.329  1.00 85.37 ? 158 LYS A NZ  1 
ATOM   1274 N N   . ALA A 1 168 ? -8.312  19.626  5.384   1.00 84.12 ? 159 ALA A N   1 
ATOM   1275 C CA  . ALA A 1 168 ? -8.590  20.186  6.712   1.00 84.07 ? 159 ALA A CA  1 
ATOM   1276 C C   . ALA A 1 168 ? -7.306  20.197  7.557   1.00 84.59 ? 159 ALA A C   1 
ATOM   1277 O O   . ALA A 1 168 ? -7.129  19.366  8.453   1.00 83.54 ? 159 ALA A O   1 
ATOM   1278 C CB  . ALA A 1 168 ? -9.692  19.393  7.408   1.00 83.63 ? 159 ALA A CB  1 
ATOM   1279 N N   . GLY A 1 169 ? -6.423  21.150  7.257   1.00 84.78 ? 160 GLY A N   1 
ATOM   1280 C CA  . GLY A 1 169 ? -5.090  21.230  7.864   1.00 84.40 ? 160 GLY A CA  1 
ATOM   1281 C C   . GLY A 1 169 ? -4.034  21.643  6.853   1.00 84.14 ? 160 GLY A C   1 
ATOM   1282 O O   . GLY A 1 169 ? -3.673  22.816  6.761   1.00 82.99 ? 160 GLY A O   1 
HETATM 1283 C C11 . 6RT B 2 .   ? 1.448   -7.187  -16.725 1.00 80.94 ? 201 6RT A C11 1 
HETATM 1284 C C12 . 6RT B 2 .   ? 3.120   -5.188  -17.494 1.00 81.06 ? 201 6RT A C12 1 
HETATM 1285 C C13 . 6RT B 2 .   ? 3.808   -6.536  -17.895 1.00 81.01 ? 201 6RT A C13 1 
HETATM 1286 C C14 . 6RT B 2 .   ? -0.831  -7.752  -16.779 1.00 82.74 ? 201 6RT A C14 1 
HETATM 1287 N N1  . 6RT B 2 .   ? 1.635   -8.010  -15.659 1.00 80.79 ? 201 6RT A N1  1 
HETATM 1288 C C16 . 6RT B 2 .   ? -3.454  -7.159  -17.175 1.00 83.45 ? 201 6RT A C16 1 
HETATM 1289 C C15 . 6RT B 2 .   ? -3.025  -8.108  -18.341 1.00 83.82 ? 201 6RT A C15 1 
HETATM 1290 N N3  . 6RT B 2 .   ? 0.217   -7.055  -17.289 1.00 81.61 ? 201 6RT A N3  1 
HETATM 1291 N N4  . 6RT B 2 .   ? -2.120  -7.662  -17.321 1.00 83.64 ? 201 6RT A N4  1 
HETATM 1292 N N5  . 6RT B 2 .   ? -0.633  -8.570  -15.722 1.00 82.63 ? 201 6RT A N5  1 
HETATM 1293 N N2  . 6RT B 2 .   ? 2.532   -6.472  -17.248 1.00 80.99 ? 201 6RT A N2  1 
HETATM 1294 C C   . 6RT B 2 .   ? 0.588   -8.707  -15.149 1.00 81.95 ? 201 6RT A C   1 
HETATM 1295 C C1  . 6RT B 2 .   ? 0.773   -9.621  -13.975 1.00 82.37 ? 201 6RT A C1  1 
HETATM 1296 N N   . 6RT B 2 .   ? -0.146  -10.214 -13.199 1.00 81.71 ? 201 6RT A N   1 
HETATM 1297 C C4  . 6RT B 2 .   ? 0.349   -10.976 -12.227 1.00 82.82 ? 201 6RT A C4  1 
HETATM 1298 C C3  . 6RT B 2 .   ? 1.721   -10.884 -12.369 1.00 83.52 ? 201 6RT A C3  1 
HETATM 1299 C C2  . 6RT B 2 .   ? 1.987   -10.049 -13.448 1.00 83.39 ? 201 6RT A C2  1 
HETATM 1300 C C5  . 6RT B 2 .   ? -1.466  -10.061 -13.368 1.00 79.73 ? 201 6RT A C5  1 
HETATM 1301 C C10 . 6RT B 2 .   ? -2.169  -8.998  -12.781 1.00 78.32 ? 201 6RT A C10 1 
HETATM 1302 C C9  . 6RT B 2 .   ? -3.542  -8.818  -12.959 1.00 78.03 ? 201 6RT A C9  1 
HETATM 1303 C C8  . 6RT B 2 .   ? -4.260  -9.710  -13.750 1.00 78.51 ? 201 6RT A C8  1 
HETATM 1304 C C7  . 6RT B 2 .   ? -3.595  -10.776 -14.350 1.00 78.94 ? 201 6RT A C7  1 
HETATM 1305 C C6  . 6RT B 2 .   ? -2.222  -10.941 -14.159 1.00 79.41 ? 201 6RT A C6  1 
HETATM 1306 P P1  . POP C 3 .   ? 4.895   -1.582  11.527  0.80 89.46 ? 202 POP A P1  1 
HETATM 1307 O O1  . POP C 3 .   ? 5.824   -0.806  12.433  0.80 88.41 ? 202 POP A O1  1 
HETATM 1308 O O2  . POP C 3 .   ? 5.575   -2.618  10.668  0.80 88.93 ? 202 POP A O2  1 
HETATM 1309 O O3  . POP C 3 .   ? 3.652   -2.087  12.210  0.80 87.78 ? 202 POP A O3  1 
HETATM 1310 O O   . POP C 3 .   ? 4.354   -0.474  10.477  0.80 91.63 ? 202 POP A O   1 
HETATM 1311 P P2  . POP C 3 .   ? 3.451   -0.796  9.167   0.80 92.20 ? 202 POP A P2  1 
HETATM 1312 O O4  . POP C 3 .   ? 2.391   0.281   9.187   0.80 92.27 ? 202 POP A O4  1 
HETATM 1313 O O5  . POP C 3 .   ? 4.413   -0.665  8.011   0.80 90.23 ? 202 POP A O5  1 
HETATM 1314 O O6  . POP C 3 .   ? 2.901   -2.191  9.360   0.80 91.57 ? 202 POP A O6  1 
HETATM 1315 O O   . HOH D 4 .   ? 9.856   -8.320  10.612  1.00 47.42 ? 301 HOH A O   1 
HETATM 1316 O O   . HOH D 4 .   ? -16.203 -1.421  -6.855  1.00 47.36 ? 302 HOH A O   1 
HETATM 1317 O O   . HOH D 4 .   ? 3.973   8.688   -12.952 1.00 47.86 ? 303 HOH A O   1 
HETATM 1318 O O   . HOH D 4 .   ? 4.261   2.278   -17.192 1.00 37.88 ? 304 HOH A O   1 
HETATM 1319 O O   . HOH D 4 .   ? -16.070 -5.110  -1.559  1.00 41.73 ? 305 HOH A O   1 
HETATM 1320 O O   . HOH D 4 .   ? 19.728  -3.834  6.633   1.00 42.11 ? 306 HOH A O   1 
HETATM 1321 O O   . HOH D 4 .   ? 5.060   -4.427  -7.745  1.00 42.66 ? 307 HOH A O   1 
HETATM 1322 O O   . HOH D 4 .   ? 2.016   5.503   -14.530 1.00 51.91 ? 308 HOH A O   1 
HETATM 1323 O O   . HOH D 4 .   ? -3.080  -15.891 2.601   1.00 43.47 ? 309 HOH A O   1 
HETATM 1324 O O   . HOH D 4 .   ? 2.418   -9.805  10.601  1.00 44.14 ? 310 HOH A O   1 
HETATM 1325 O O   . HOH D 4 .   ? 3.494   1.851   6.670   1.00 62.50 ? 311 HOH A O   1 
HETATM 1326 O O   . HOH D 4 .   ? -11.067 -11.194 1.646   1.00 51.12 ? 312 HOH A O   1 
HETATM 1327 O O   . HOH D 4 .   ? -13.650 5.511   -11.594 1.00 43.74 ? 313 HOH A O   1 
HETATM 1328 O O   . HOH D 4 .   ? 5.115   4.363   5.947   1.00 51.90 ? 314 HOH A O   1 
HETATM 1329 O O   . HOH D 4 .   ? -5.686  4.179   14.088  0.50 72.36 ? 315 HOH A O   1 
HETATM 1330 O O   . HOH D 4 .   ? 4.534   -12.691 -9.168  1.00 30.27 ? 316 HOH A O   1 
# 
loop_
_pdbx_poly_seq_scheme.asym_id 
_pdbx_poly_seq_scheme.entity_id 
_pdbx_poly_seq_scheme.seq_id 
_pdbx_poly_seq_scheme.mon_id 
_pdbx_poly_seq_scheme.ndb_seq_num 
_pdbx_poly_seq_scheme.pdb_seq_num 
_pdbx_poly_seq_scheme.auth_seq_num 
_pdbx_poly_seq_scheme.pdb_mon_id 
_pdbx_poly_seq_scheme.auth_mon_id 
_pdbx_poly_seq_scheme.pdb_strand_id 
_pdbx_poly_seq_scheme.pdb_ins_code 
_pdbx_poly_seq_scheme.hetero 
A 1 1   MET 1   -8  ?   ?   ?   A . n 
A 1 2   ALA 2   -7  ?   ?   ?   A . n 
A 1 3   HIS 3   -6  ?   ?   ?   A . n 
A 1 4   HIS 4   -5  ?   ?   ?   A . n 
A 1 5   HIS 5   -4  ?   ?   ?   A . n 
A 1 6   HIS 6   -3  ?   ?   ?   A . n 
A 1 7   HIS 7   -2  ?   ?   ?   A . n 
A 1 8   HIS 8   -1  ?   ?   ?   A . n 
A 1 9   ALA 9   0   0   ALA ALA A . n 
A 1 10  MET 10  1   1   MET MET A . n 
A 1 11  GLN 11  2   2   GLN GLN A . n 
A 1 12  PHE 12  3   3   PHE PHE A . n 
A 1 13  ASP 13  4   4   ASP ASP A . n 
A 1 14  VAL 14  5   5   VAL VAL A . n 
A 1 15  THR 15  6   6   THR THR A . n 
A 1 16  ILE 16  7   7   ILE ILE A . n 
A 1 17  GLU 17  8   8   GLU GLU A . n 
A 1 18  ILE 18  9   9   ILE ILE A . n 
A 1 19  PRO 19  10  10  PRO PRO A . n 
A 1 20  LYS 20  11  11  LYS LYS A . n 
A 1 21  GLY 21  12  12  GLY GLY A . n 
A 1 22  GLN 22  13  13  GLN GLN A . n 
A 1 23  ARG 23  14  14  ARG ARG A . n 
A 1 24  ASN 24  15  15  ASN ASN A . n 
A 1 25  LYS 25  16  16  LYS LYS A . n 
A 1 26  TYR 26  17  17  TYR TYR A . n 
A 1 27  GLU 27  18  18  GLU GLU A . n 
A 1 28  VAL 28  19  19  VAL VAL A . n 
A 1 29  ASP 29  20  20  ASP ASP A . n 
A 1 30  HIS 30  21  21  HIS HIS A . n 
A 1 31  GLU 31  22  22  GLU GLU A . n 
A 1 32  THR 32  23  23  THR THR A . n 
A 1 33  GLY 33  24  24  GLY GLY A . n 
A 1 34  ARG 34  25  25  ARG ARG A . n 
A 1 35  VAL 35  26  26  VAL VAL A . n 
A 1 36  ARG 36  27  27  ARG ARG A . n 
A 1 37  LEU 37  28  28  LEU LEU A . n 
A 1 38  ASP 38  29  29  ASP ASP A . n 
A 1 39  ARG 39  30  30  ARG ARG A . n 
A 1 40  TYR 40  31  31  TYR TYR A . n 
A 1 41  LEU 41  32  32  LEU LEU A . n 
A 1 42  TYR 42  33  33  TYR TYR A . n 
A 1 43  THR 43  34  34  THR THR A . n 
A 1 44  PRO 44  35  35  PRO PRO A . n 
A 1 45  MET 45  36  36  MET MET A . n 
A 1 46  ALA 46  37  37  ALA ALA A . n 
A 1 47  TYR 47  38  38  TYR TYR A . n 
A 1 48  PRO 48  39  39  PRO PRO A . n 
A 1 49  THR 49  40  40  THR THR A . n 
A 1 50  ASP 50  41  41  ASP ASP A . n 
A 1 51  TYR 51  42  42  TYR TYR A . n 
A 1 52  GLY 52  43  43  GLY GLY A . n 
A 1 53  PHE 53  44  44  PHE PHE A . n 
A 1 54  ILE 54  45  45  ILE ILE A . n 
A 1 55  GLU 55  46  46  GLU GLU A . n 
A 1 56  ASP 56  47  47  ASP ASP A . n 
A 1 57  THR 57  48  48  THR THR A . n 
A 1 58  LEU 58  49  49  LEU LEU A . n 
A 1 59  GLY 59  50  50  GLY GLY A . n 
A 1 60  ASP 60  51  51  ASP ASP A . n 
A 1 61  ASP 61  52  52  ASP ASP A . n 
A 1 62  GLY 62  53  53  GLY GLY A . n 
A 1 63  ASP 63  54  54  ASP ASP A . n 
A 1 64  PRO 64  55  55  PRO PRO A . n 
A 1 65  LEU 65  56  56  LEU LEU A . n 
A 1 66  ASP 66  57  57  ASP ASP A . n 
A 1 67  ALA 67  58  58  ALA ALA A . n 
A 1 68  LEU 68  59  59  LEU LEU A . n 
A 1 69  VAL 69  60  60  VAL VAL A . n 
A 1 70  LEU 70  61  61  LEU LEU A . n 
A 1 71  LEU 71  62  62  LEU LEU A . n 
A 1 72  PRO 72  63  63  PRO PRO A . n 
A 1 73  GLN 73  64  64  GLN GLN A . n 
A 1 74  PRO 74  65  65  PRO PRO A . n 
A 1 75  VAL 75  66  66  VAL VAL A . n 
A 1 76  PHE 76  67  67  PHE PHE A . n 
A 1 77  PRO 77  68  68  PRO PRO A . n 
A 1 78  GLY 78  69  69  GLY GLY A . n 
A 1 79  VAL 79  70  70  VAL VAL A . n 
A 1 80  LEU 80  71  71  LEU LEU A . n 
A 1 81  VAL 81  72  72  VAL VAL A . n 
A 1 82  ALA 82  73  73  ALA ALA A . n 
A 1 83  ALA 83  74  74  ALA ALA A . n 
A 1 84  ARG 84  75  75  ARG ARG A . n 
A 1 85  PRO 85  76  76  PRO PRO A . n 
A 1 86  VAL 86  77  77  VAL VAL A . n 
A 1 87  GLY 87  78  78  GLY GLY A . n 
A 1 88  MET 88  79  79  MET MET A . n 
A 1 89  PHE 89  80  80  PHE PHE A . n 
A 1 90  ARG 90  81  81  ARG ARG A . n 
A 1 91  MET 91  82  82  MET MET A . n 
A 1 92  VAL 92  83  83  VAL VAL A . n 
A 1 93  ASP 93  84  84  ASP ASP A . n 
A 1 94  GLU 94  85  85  GLU GLU A . n 
A 1 95  HIS 95  86  86  HIS HIS A . n 
A 1 96  GLY 96  87  87  GLY GLY A . n 
A 1 97  GLY 97  88  88  GLY GLY A . n 
A 1 98  ASP 98  89  89  ASP ASP A . n 
A 1 99  ASP 99  90  90  ASP ASP A . n 
A 1 100 LYS 100 91  91  LYS LYS A . n 
A 1 101 VAL 101 92  92  VAL VAL A . n 
A 1 102 LEU 102 93  93  LEU LEU A . n 
A 1 103 CYS 103 94  94  CYS CYS A . n 
A 1 104 VAL 104 95  95  VAL VAL A . n 
A 1 105 PRO 105 96  96  PRO PRO A . n 
A 1 106 ALA 106 97  97  ALA ALA A . n 
A 1 107 GLY 107 98  98  GLY GLY A . n 
A 1 108 ASP 108 99  99  ASP ASP A . n 
A 1 109 PRO 109 100 100 PRO PRO A . n 
A 1 110 ARG 110 101 101 ARG ARG A . n 
A 1 111 TRP 111 102 102 TRP TRP A . n 
A 1 112 ASP 112 103 103 ASP ASP A . n 
A 1 113 HIS 113 104 104 HIS HIS A . n 
A 1 114 VAL 114 105 105 VAL VAL A . n 
A 1 115 GLN 115 106 106 GLN GLN A . n 
A 1 116 ASP 116 107 107 ASP ASP A . n 
A 1 117 ILE 117 108 108 ILE ILE A . n 
A 1 118 GLY 118 109 109 GLY GLY A . n 
A 1 119 ASP 119 110 110 ASP ASP A . n 
A 1 120 VAL 120 111 111 VAL VAL A . n 
A 1 121 PRO 121 112 112 PRO PRO A . n 
A 1 122 ALA 122 113 113 ALA ALA A . n 
A 1 123 PHE 123 114 114 PHE PHE A . n 
A 1 124 GLU 124 115 115 GLU GLU A . n 
A 1 125 LEU 125 116 116 LEU LEU A . n 
A 1 126 ASP 126 117 117 ASP ASP A . n 
A 1 127 ALA 127 118 118 ALA ALA A . n 
A 1 128 ILE 128 119 119 ILE ILE A . n 
A 1 129 LYS 129 120 120 LYS LYS A . n 
A 1 130 HIS 130 121 121 HIS HIS A . n 
A 1 131 PHE 131 122 122 PHE PHE A . n 
A 1 132 PHE 132 123 123 PHE PHE A . n 
A 1 133 VAL 133 124 124 VAL VAL A . n 
A 1 134 HIS 134 125 125 HIS HIS A . n 
A 1 135 TYR 135 126 126 TYR TYR A . n 
A 1 136 LYS 136 127 127 LYS LYS A . n 
A 1 137 ASP 137 128 128 ASP ASP A . n 
A 1 138 LEU 138 129 129 LEU LEU A . n 
A 1 139 GLU 139 130 130 GLU GLU A . n 
A 1 140 PRO 140 131 131 PRO PRO A . n 
A 1 141 GLY 141 132 132 GLY GLY A . n 
A 1 142 LYS 142 133 133 LYS LYS A . n 
A 1 143 PHE 143 134 134 PHE PHE A . n 
A 1 144 VAL 144 135 135 VAL VAL A . n 
A 1 145 LYS 145 136 136 LYS LYS A . n 
A 1 146 ALA 146 137 137 ALA ALA A . n 
A 1 147 ALA 147 138 138 ALA ALA A . n 
A 1 148 ASP 148 139 139 ASP ASP A . n 
A 1 149 TRP 149 140 140 TRP TRP A . n 
A 1 150 VAL 150 141 141 VAL VAL A . n 
A 1 151 ASP 151 142 142 ASP ASP A . n 
A 1 152 ARG 152 143 143 ARG ARG A . n 
A 1 153 ALA 153 144 144 ALA ALA A . n 
A 1 154 GLU 154 145 145 GLU GLU A . n 
A 1 155 ALA 155 146 146 ALA ALA A . n 
A 1 156 GLU 156 147 147 GLU GLU A . n 
A 1 157 ALA 157 148 148 ALA ALA A . n 
A 1 158 GLU 158 149 149 GLU GLU A . n 
A 1 159 VAL 159 150 150 VAL VAL A . n 
A 1 160 GLN 160 151 151 GLN GLN A . n 
A 1 161 ARG 161 152 152 ARG ARG A . n 
A 1 162 SER 162 153 153 SER SER A . n 
A 1 163 VAL 163 154 154 VAL VAL A . n 
A 1 164 GLU 164 155 155 GLU GLU A . n 
A 1 165 ARG 165 156 156 ARG ARG A . n 
A 1 166 PHE 166 157 157 PHE PHE A . n 
A 1 167 LYS 167 158 158 LYS LYS A . n 
A 1 168 ALA 168 159 159 ALA ALA A . n 
A 1 169 GLY 169 160 160 GLY GLY A . n 
A 1 170 THR 170 161 ?   ?   ?   A . n 
A 1 171 HIS 171 162 ?   ?   ?   A . n 
# 
loop_
_pdbx_nonpoly_scheme.asym_id 
_pdbx_nonpoly_scheme.entity_id 
_pdbx_nonpoly_scheme.mon_id 
_pdbx_nonpoly_scheme.ndb_seq_num 
_pdbx_nonpoly_scheme.pdb_seq_num 
_pdbx_nonpoly_scheme.auth_seq_num 
_pdbx_nonpoly_scheme.pdb_mon_id 
_pdbx_nonpoly_scheme.auth_mon_id 
_pdbx_nonpoly_scheme.pdb_strand_id 
_pdbx_nonpoly_scheme.pdb_ins_code 
B 2 6RT 1  201 1  6RT MMI A . 
C 3 POP 1  202 1  POP POP A . 
D 4 HOH 1  301 9  HOH HOH A . 
D 4 HOH 2  302 14 HOH HOH A . 
D 4 HOH 3  303 7  HOH HOH A . 
D 4 HOH 4  304 5  HOH HOH A . 
D 4 HOH 5  305 4  HOH HOH A . 
D 4 HOH 6  306 8  HOH HOH A . 
D 4 HOH 7  307 15 HOH HOH A . 
D 4 HOH 8  308 3  HOH HOH A . 
D 4 HOH 9  309 9  HOH HOH A . 
D 4 HOH 10 310 11 HOH HOH A . 
D 4 HOH 11 311 20 HOH HOH A . 
D 4 HOH 12 312 15 HOH HOH A . 
D 4 HOH 13 313 10 HOH HOH A . 
D 4 HOH 14 314 21 HOH HOH A . 
D 4 HOH 15 315 4  HOH HOH A . 
D 4 HOH 16 316 19 HOH HOH A . 
# 
_pdbx_struct_assembly.id                   1 
_pdbx_struct_assembly.details              author_and_software_defined_assembly 
_pdbx_struct_assembly.method_details       PISA 
_pdbx_struct_assembly.oligomeric_details   hexameric 
_pdbx_struct_assembly.oligomeric_count     6 
# 
_pdbx_struct_assembly_gen.assembly_id       1 
_pdbx_struct_assembly_gen.oper_expression   1,2,3,4,5,6 
_pdbx_struct_assembly_gen.asym_id_list      A,B,C,D 
# 
loop_
_pdbx_struct_assembly_prop.biol_id 
_pdbx_struct_assembly_prop.type 
_pdbx_struct_assembly_prop.value 
_pdbx_struct_assembly_prop.details 
1 'ABSA (A^2)' 15130 ? 
1 MORE         -57   ? 
1 'SSA (A^2)'  37370 ? 
# 
loop_
_pdbx_struct_oper_list.id 
_pdbx_struct_oper_list.type 
_pdbx_struct_oper_list.name 
_pdbx_struct_oper_list.symmetry_operation 
_pdbx_struct_oper_list.matrix[1][1] 
_pdbx_struct_oper_list.matrix[1][2] 
_pdbx_struct_oper_list.matrix[1][3] 
_pdbx_struct_oper_list.vector[1] 
_pdbx_struct_oper_list.matrix[2][1] 
_pdbx_struct_oper_list.matrix[2][2] 
_pdbx_struct_oper_list.matrix[2][3] 
_pdbx_struct_oper_list.vector[2] 
_pdbx_struct_oper_list.matrix[3][1] 
_pdbx_struct_oper_list.matrix[3][2] 
_pdbx_struct_oper_list.matrix[3][3] 
_pdbx_struct_oper_list.vector[3] 
1 'identity operation'         1_555  x,y,z           1.0000000000  0.0000000000  0.0000000000  0.0000000000  0.0000000000  1.0000000000  0.0000000000  0.0000000000   0.0000000000  0.0000000000  1.0000000000  0.0000000000   
2 'crystal symmetry operation' 2_535  -y,x-y-2,z      -0.4129036735 -0.0956876104 -0.9057341981 21.5193801929 -0.5765851472 0.7972724530  0.1786230770  12.4300705368  0.7050249105  0.5959870106  -0.3843687796 -22.9579802936 
3 'crystal symmetry operation' 3_755  -x+y+2,-x,z     -0.4129036735 -0.5765851472 0.7050249105  32.2383731840 -0.0956876104 0.7972724530  0.5959870106  5.8316432863   -0.9057341981 0.1786230770  -0.3843687796 8.4462102468   
4 'crystal symmetry operation' 10_557 -y,-x,-z+5/2    -0.0961713277 0.4924440771  -0.8650143968 19.6205253086 0.4924440771  -0.7316956449 -0.4712964186 -28.1953347786 -0.8650143968 -0.4712964186 -0.1721330274 4.4495996122   
5 'crystal symmetry operation' 11_757 -x+y+2,y,-z+5/2 -0.8540831439 -0.1137228426 0.5075520647  43.5310760336 -0.1137228426 -0.9113681223 -0.3955695396 -15.8732580472 0.5075520647  -0.3955695396 0.7654512662  -16.0713951384 
6 'crystal symmetry operation' 12_537 x,x-y-2,-z+5/2  0.7760618185  0.2935515232  0.5581716197  12.0857828887 0.2935515232  -0.9514811388 0.0922558705  -20.5673954857 0.5581716197  0.0922558705  -0.8245806797 -27.6393616553 
# 
loop_
_pdbx_audit_revision_history.ordinal 
_pdbx_audit_revision_history.data_content_type 
_pdbx_audit_revision_history.major_revision 
_pdbx_audit_revision_history.minor_revision 
_pdbx_audit_revision_history.revision_date 
1 'Structure model' 1 0 2016-09-28 
2 'Structure model' 1 1 2016-12-21 
3 'Structure model' 1 2 2023-09-27 
# 
_pdbx_audit_revision_details.ordinal             1 
_pdbx_audit_revision_details.revision_ordinal    1 
_pdbx_audit_revision_details.data_content_type   'Structure model' 
_pdbx_audit_revision_details.provider            repository 
_pdbx_audit_revision_details.type                'Initial release' 
_pdbx_audit_revision_details.description         ? 
_pdbx_audit_revision_details.details             ? 
# 
loop_
_pdbx_audit_revision_group.ordinal 
_pdbx_audit_revision_group.revision_ordinal 
_pdbx_audit_revision_group.data_content_type 
_pdbx_audit_revision_group.group 
1 2 'Structure model' 'Database references'    
2 3 'Structure model' 'Data collection'        
3 3 'Structure model' 'Database references'    
4 3 'Structure model' 'Refinement description' 
# 
loop_
_pdbx_audit_revision_category.ordinal 
_pdbx_audit_revision_category.revision_ordinal 
_pdbx_audit_revision_category.data_content_type 
_pdbx_audit_revision_category.category 
1 3 'Structure model' chem_comp_atom                
2 3 'Structure model' chem_comp_bond                
3 3 'Structure model' database_2                    
4 3 'Structure model' pdbx_initial_refinement_model 
# 
loop_
_pdbx_audit_revision_item.ordinal 
_pdbx_audit_revision_item.revision_ordinal 
_pdbx_audit_revision_item.data_content_type 
_pdbx_audit_revision_item.item 
1 3 'Structure model' '_database_2.pdbx_DOI'                
2 3 'Structure model' '_database_2.pdbx_database_accession' 
# 
loop_
_software.citation_id 
_software.classification 
_software.compiler_name 
_software.compiler_version 
_software.contact_author 
_software.contact_author_email 
_software.date 
_software.description 
_software.dependencies 
_software.hardware 
_software.language 
_software.location 
_software.mods 
_software.name 
_software.os 
_software.os_version 
_software.type 
_software.version 
_software.pdbx_ordinal 
? refinement       ? ? ? ? ? ? ? ? ? ? ? REFMAC   ? ? ? 5.8.0103 1 
? 'data reduction' ? ? ? ? ? ? ? ? ? ? ? HKL-2000 ? ? ? .        2 
? 'data scaling'   ? ? ? ? ? ? ? ? ? ? ? HKL-2000 ? ? ? .        3 
? phasing          ? ? ? ? ? ? ? ? ? ? ? PHASER   ? ? ? .        4 
# 
_pdbx_validate_torsion.id              1 
_pdbx_validate_torsion.PDB_model_num   1 
_pdbx_validate_torsion.auth_comp_id    ASP 
_pdbx_validate_torsion.auth_asym_id    A 
_pdbx_validate_torsion.auth_seq_id     89 
_pdbx_validate_torsion.PDB_ins_code    ? 
_pdbx_validate_torsion.label_alt_id    ? 
_pdbx_validate_torsion.phi             -157.49 
_pdbx_validate_torsion.psi             61.84 
# 
loop_
_pdbx_unobs_or_zero_occ_residues.id 
_pdbx_unobs_or_zero_occ_residues.PDB_model_num 
_pdbx_unobs_or_zero_occ_residues.polymer_flag 
_pdbx_unobs_or_zero_occ_residues.occupancy_flag 
_pdbx_unobs_or_zero_occ_residues.auth_asym_id 
_pdbx_unobs_or_zero_occ_residues.auth_comp_id 
_pdbx_unobs_or_zero_occ_residues.auth_seq_id 
_pdbx_unobs_or_zero_occ_residues.PDB_ins_code 
_pdbx_unobs_or_zero_occ_residues.label_asym_id 
_pdbx_unobs_or_zero_occ_residues.label_comp_id 
_pdbx_unobs_or_zero_occ_residues.label_seq_id 
1  1 Y 1 A MET -8  ? A MET 1   
2  1 Y 1 A ALA -7  ? A ALA 2   
3  1 Y 1 A HIS -6  ? A HIS 3   
4  1 Y 1 A HIS -5  ? A HIS 4   
5  1 Y 1 A HIS -4  ? A HIS 5   
6  1 Y 1 A HIS -3  ? A HIS 6   
7  1 Y 1 A HIS -2  ? A HIS 7   
8  1 Y 1 A HIS -1  ? A HIS 8   
9  1 Y 1 A THR 161 ? A THR 170 
10 1 Y 1 A HIS 162 ? A HIS 171 
# 
loop_
_chem_comp_atom.comp_id 
_chem_comp_atom.atom_id 
_chem_comp_atom.type_symbol 
_chem_comp_atom.pdbx_aromatic_flag 
_chem_comp_atom.pdbx_stereo_config 
_chem_comp_atom.pdbx_ordinal 
6RT C11  C Y N 1   
6RT C12  C N N 2   
6RT C13  C N N 3   
6RT C14  C Y N 4   
6RT N1   N Y N 5   
6RT C16  C N N 6   
6RT C15  C N N 7   
6RT N3   N Y N 8   
6RT N4   N N N 9   
6RT N5   N Y N 10  
6RT N2   N N N 11  
6RT C    C Y N 12  
6RT C1   C Y N 13  
6RT N    N Y N 14  
6RT C4   C Y N 15  
6RT C3   C Y N 16  
6RT C2   C Y N 17  
6RT C5   C Y N 18  
6RT C10  C Y N 19  
6RT C9   C Y N 20  
6RT C8   C Y N 21  
6RT C7   C Y N 22  
6RT C6   C Y N 23  
6RT H1   H N N 24  
6RT H2   H N N 25  
6RT H3   H N N 26  
6RT H4   H N N 27  
6RT H5   H N N 28  
6RT H6   H N N 29  
6RT H7   H N N 30  
6RT H8   H N N 31  
6RT H9   H N N 32  
6RT H10  H N N 33  
6RT H11  H N N 34  
6RT H12  H N N 35  
6RT H13  H N N 36  
6RT H14  H N N 37  
6RT H15  H N N 38  
6RT H16  H N N 39  
ALA N    N N N 40  
ALA CA   C N S 41  
ALA C    C N N 42  
ALA O    O N N 43  
ALA CB   C N N 44  
ALA OXT  O N N 45  
ALA H    H N N 46  
ALA H2   H N N 47  
ALA HA   H N N 48  
ALA HB1  H N N 49  
ALA HB2  H N N 50  
ALA HB3  H N N 51  
ALA HXT  H N N 52  
ARG N    N N N 53  
ARG CA   C N S 54  
ARG C    C N N 55  
ARG O    O N N 56  
ARG CB   C N N 57  
ARG CG   C N N 58  
ARG CD   C N N 59  
ARG NE   N N N 60  
ARG CZ   C N N 61  
ARG NH1  N N N 62  
ARG NH2  N N N 63  
ARG OXT  O N N 64  
ARG H    H N N 65  
ARG H2   H N N 66  
ARG HA   H N N 67  
ARG HB2  H N N 68  
ARG HB3  H N N 69  
ARG HG2  H N N 70  
ARG HG3  H N N 71  
ARG HD2  H N N 72  
ARG HD3  H N N 73  
ARG HE   H N N 74  
ARG HH11 H N N 75  
ARG HH12 H N N 76  
ARG HH21 H N N 77  
ARG HH22 H N N 78  
ARG HXT  H N N 79  
ASN N    N N N 80  
ASN CA   C N S 81  
ASN C    C N N 82  
ASN O    O N N 83  
ASN CB   C N N 84  
ASN CG   C N N 85  
ASN OD1  O N N 86  
ASN ND2  N N N 87  
ASN OXT  O N N 88  
ASN H    H N N 89  
ASN H2   H N N 90  
ASN HA   H N N 91  
ASN HB2  H N N 92  
ASN HB3  H N N 93  
ASN HD21 H N N 94  
ASN HD22 H N N 95  
ASN HXT  H N N 96  
ASP N    N N N 97  
ASP CA   C N S 98  
ASP C    C N N 99  
ASP O    O N N 100 
ASP CB   C N N 101 
ASP CG   C N N 102 
ASP OD1  O N N 103 
ASP OD2  O N N 104 
ASP OXT  O N N 105 
ASP H    H N N 106 
ASP H2   H N N 107 
ASP HA   H N N 108 
ASP HB2  H N N 109 
ASP HB3  H N N 110 
ASP HD2  H N N 111 
ASP HXT  H N N 112 
CYS N    N N N 113 
CYS CA   C N R 114 
CYS C    C N N 115 
CYS O    O N N 116 
CYS CB   C N N 117 
CYS SG   S N N 118 
CYS OXT  O N N 119 
CYS H    H N N 120 
CYS H2   H N N 121 
CYS HA   H N N 122 
CYS HB2  H N N 123 
CYS HB3  H N N 124 
CYS HG   H N N 125 
CYS HXT  H N N 126 
GLN N    N N N 127 
GLN CA   C N S 128 
GLN C    C N N 129 
GLN O    O N N 130 
GLN CB   C N N 131 
GLN CG   C N N 132 
GLN CD   C N N 133 
GLN OE1  O N N 134 
GLN NE2  N N N 135 
GLN OXT  O N N 136 
GLN H    H N N 137 
GLN H2   H N N 138 
GLN HA   H N N 139 
GLN HB2  H N N 140 
GLN HB3  H N N 141 
GLN HG2  H N N 142 
GLN HG3  H N N 143 
GLN HE21 H N N 144 
GLN HE22 H N N 145 
GLN HXT  H N N 146 
GLU N    N N N 147 
GLU CA   C N S 148 
GLU C    C N N 149 
GLU O    O N N 150 
GLU CB   C N N 151 
GLU CG   C N N 152 
GLU CD   C N N 153 
GLU OE1  O N N 154 
GLU OE2  O N N 155 
GLU OXT  O N N 156 
GLU H    H N N 157 
GLU H2   H N N 158 
GLU HA   H N N 159 
GLU HB2  H N N 160 
GLU HB3  H N N 161 
GLU HG2  H N N 162 
GLU HG3  H N N 163 
GLU HE2  H N N 164 
GLU HXT  H N N 165 
GLY N    N N N 166 
GLY CA   C N N 167 
GLY C    C N N 168 
GLY O    O N N 169 
GLY OXT  O N N 170 
GLY H    H N N 171 
GLY H2   H N N 172 
GLY HA2  H N N 173 
GLY HA3  H N N 174 
GLY HXT  H N N 175 
HIS N    N N N 176 
HIS CA   C N S 177 
HIS C    C N N 178 
HIS O    O N N 179 
HIS CB   C N N 180 
HIS CG   C Y N 181 
HIS ND1  N Y N 182 
HIS CD2  C Y N 183 
HIS CE1  C Y N 184 
HIS NE2  N Y N 185 
HIS OXT  O N N 186 
HIS H    H N N 187 
HIS H2   H N N 188 
HIS HA   H N N 189 
HIS HB2  H N N 190 
HIS HB3  H N N 191 
HIS HD1  H N N 192 
HIS HD2  H N N 193 
HIS HE1  H N N 194 
HIS HE2  H N N 195 
HIS HXT  H N N 196 
HOH O    O N N 197 
HOH H1   H N N 198 
HOH H2   H N N 199 
ILE N    N N N 200 
ILE CA   C N S 201 
ILE C    C N N 202 
ILE O    O N N 203 
ILE CB   C N S 204 
ILE CG1  C N N 205 
ILE CG2  C N N 206 
ILE CD1  C N N 207 
ILE OXT  O N N 208 
ILE H    H N N 209 
ILE H2   H N N 210 
ILE HA   H N N 211 
ILE HB   H N N 212 
ILE HG12 H N N 213 
ILE HG13 H N N 214 
ILE HG21 H N N 215 
ILE HG22 H N N 216 
ILE HG23 H N N 217 
ILE HD11 H N N 218 
ILE HD12 H N N 219 
ILE HD13 H N N 220 
ILE HXT  H N N 221 
LEU N    N N N 222 
LEU CA   C N S 223 
LEU C    C N N 224 
LEU O    O N N 225 
LEU CB   C N N 226 
LEU CG   C N N 227 
LEU CD1  C N N 228 
LEU CD2  C N N 229 
LEU OXT  O N N 230 
LEU H    H N N 231 
LEU H2   H N N 232 
LEU HA   H N N 233 
LEU HB2  H N N 234 
LEU HB3  H N N 235 
LEU HG   H N N 236 
LEU HD11 H N N 237 
LEU HD12 H N N 238 
LEU HD13 H N N 239 
LEU HD21 H N N 240 
LEU HD22 H N N 241 
LEU HD23 H N N 242 
LEU HXT  H N N 243 
LYS N    N N N 244 
LYS CA   C N S 245 
LYS C    C N N 246 
LYS O    O N N 247 
LYS CB   C N N 248 
LYS CG   C N N 249 
LYS CD   C N N 250 
LYS CE   C N N 251 
LYS NZ   N N N 252 
LYS OXT  O N N 253 
LYS H    H N N 254 
LYS H2   H N N 255 
LYS HA   H N N 256 
LYS HB2  H N N 257 
LYS HB3  H N N 258 
LYS HG2  H N N 259 
LYS HG3  H N N 260 
LYS HD2  H N N 261 
LYS HD3  H N N 262 
LYS HE2  H N N 263 
LYS HE3  H N N 264 
LYS HZ1  H N N 265 
LYS HZ2  H N N 266 
LYS HZ3  H N N 267 
LYS HXT  H N N 268 
MET N    N N N 269 
MET CA   C N S 270 
MET C    C N N 271 
MET O    O N N 272 
MET CB   C N N 273 
MET CG   C N N 274 
MET SD   S N N 275 
MET CE   C N N 276 
MET OXT  O N N 277 
MET H    H N N 278 
MET H2   H N N 279 
MET HA   H N N 280 
MET HB2  H N N 281 
MET HB3  H N N 282 
MET HG2  H N N 283 
MET HG3  H N N 284 
MET HE1  H N N 285 
MET HE2  H N N 286 
MET HE3  H N N 287 
MET HXT  H N N 288 
PHE N    N N N 289 
PHE CA   C N S 290 
PHE C    C N N 291 
PHE O    O N N 292 
PHE CB   C N N 293 
PHE CG   C Y N 294 
PHE CD1  C Y N 295 
PHE CD2  C Y N 296 
PHE CE1  C Y N 297 
PHE CE2  C Y N 298 
PHE CZ   C Y N 299 
PHE OXT  O N N 300 
PHE H    H N N 301 
PHE H2   H N N 302 
PHE HA   H N N 303 
PHE HB2  H N N 304 
PHE HB3  H N N 305 
PHE HD1  H N N 306 
PHE HD2  H N N 307 
PHE HE1  H N N 308 
PHE HE2  H N N 309 
PHE HZ   H N N 310 
PHE HXT  H N N 311 
POP P1   P N N 312 
POP O1   O N N 313 
POP O2   O N N 314 
POP O3   O N N 315 
POP O    O N N 316 
POP P2   P N N 317 
POP O4   O N N 318 
POP O5   O N N 319 
POP O6   O N N 320 
POP HO2  H N N 321 
POP HO5  H N N 322 
PRO N    N N N 323 
PRO CA   C N S 324 
PRO C    C N N 325 
PRO O    O N N 326 
PRO CB   C N N 327 
PRO CG   C N N 328 
PRO CD   C N N 329 
PRO OXT  O N N 330 
PRO H    H N N 331 
PRO HA   H N N 332 
PRO HB2  H N N 333 
PRO HB3  H N N 334 
PRO HG2  H N N 335 
PRO HG3  H N N 336 
PRO HD2  H N N 337 
PRO HD3  H N N 338 
PRO HXT  H N N 339 
SER N    N N N 340 
SER CA   C N S 341 
SER C    C N N 342 
SER O    O N N 343 
SER CB   C N N 344 
SER OG   O N N 345 
SER OXT  O N N 346 
SER H    H N N 347 
SER H2   H N N 348 
SER HA   H N N 349 
SER HB2  H N N 350 
SER HB3  H N N 351 
SER HG   H N N 352 
SER HXT  H N N 353 
THR N    N N N 354 
THR CA   C N S 355 
THR C    C N N 356 
THR O    O N N 357 
THR CB   C N R 358 
THR OG1  O N N 359 
THR CG2  C N N 360 
THR OXT  O N N 361 
THR H    H N N 362 
THR H2   H N N 363 
THR HA   H N N 364 
THR HB   H N N 365 
THR HG1  H N N 366 
THR HG21 H N N 367 
THR HG22 H N N 368 
THR HG23 H N N 369 
THR HXT  H N N 370 
TRP N    N N N 371 
TRP CA   C N S 372 
TRP C    C N N 373 
TRP O    O N N 374 
TRP CB   C N N 375 
TRP CG   C Y N 376 
TRP CD1  C Y N 377 
TRP CD2  C Y N 378 
TRP NE1  N Y N 379 
TRP CE2  C Y N 380 
TRP CE3  C Y N 381 
TRP CZ2  C Y N 382 
TRP CZ3  C Y N 383 
TRP CH2  C Y N 384 
TRP OXT  O N N 385 
TRP H    H N N 386 
TRP H2   H N N 387 
TRP HA   H N N 388 
TRP HB2  H N N 389 
TRP HB3  H N N 390 
TRP HD1  H N N 391 
TRP HE1  H N N 392 
TRP HE3  H N N 393 
TRP HZ2  H N N 394 
TRP HZ3  H N N 395 
TRP HH2  H N N 396 
TRP HXT  H N N 397 
TYR N    N N N 398 
TYR CA   C N S 399 
TYR C    C N N 400 
TYR O    O N N 401 
TYR CB   C N N 402 
TYR CG   C Y N 403 
TYR CD1  C Y N 404 
TYR CD2  C Y N 405 
TYR CE1  C Y N 406 
TYR CE2  C Y N 407 
TYR CZ   C Y N 408 
TYR OH   O N N 409 
TYR OXT  O N N 410 
TYR H    H N N 411 
TYR H2   H N N 412 
TYR HA   H N N 413 
TYR HB2  H N N 414 
TYR HB3  H N N 415 
TYR HD1  H N N 416 
TYR HD2  H N N 417 
TYR HE1  H N N 418 
TYR HE2  H N N 419 
TYR HH   H N N 420 
TYR HXT  H N N 421 
VAL N    N N N 422 
VAL CA   C N S 423 
VAL C    C N N 424 
VAL O    O N N 425 
VAL CB   C N N 426 
VAL CG1  C N N 427 
VAL CG2  C N N 428 
VAL OXT  O N N 429 
VAL H    H N N 430 
VAL H2   H N N 431 
VAL HA   H N N 432 
VAL HB   H N N 433 
VAL HG11 H N N 434 
VAL HG12 H N N 435 
VAL HG13 H N N 436 
VAL HG21 H N N 437 
VAL HG22 H N N 438 
VAL HG23 H N N 439 
VAL HXT  H N N 440 
# 
loop_
_chem_comp_bond.comp_id 
_chem_comp_bond.atom_id_1 
_chem_comp_bond.atom_id_2 
_chem_comp_bond.value_order 
_chem_comp_bond.pdbx_aromatic_flag 
_chem_comp_bond.pdbx_stereo_config 
_chem_comp_bond.pdbx_ordinal 
6RT C12 N2   sing N N 1   
6RT C12 C13  sing N N 2   
6RT C16 N4   sing N N 3   
6RT C16 C15  sing N N 4   
6RT C9  C10  doub Y N 5   
6RT C9  C8   sing Y N 6   
6RT C10 C5   sing Y N 7   
6RT N3  C14  doub Y N 8   
6RT N3  C11  sing Y N 9   
6RT N2  C11  sing N N 10  
6RT N2  C13  sing N N 11  
6RT N4  C14  sing N N 12  
6RT N4  C15  sing N N 13  
6RT C14 N5   sing Y N 14  
6RT C11 N1   doub Y N 15  
6RT C8  C7   doub Y N 16  
6RT N5  C    doub Y N 17  
6RT N1  C    sing Y N 18  
6RT C   C1   sing N N 19  
6RT C5  N    sing N N 20  
6RT C5  C6   doub Y N 21  
6RT C1  N    sing Y N 22  
6RT C1  C2   doub Y N 23  
6RT N   C4   sing Y N 24  
6RT C7  C6   sing Y N 25  
6RT C2  C3   sing Y N 26  
6RT C4  C3   doub Y N 27  
6RT C12 H1   sing N N 28  
6RT C12 H2   sing N N 29  
6RT C13 H3   sing N N 30  
6RT C13 H4   sing N N 31  
6RT C16 H5   sing N N 32  
6RT C16 H6   sing N N 33  
6RT C15 H7   sing N N 34  
6RT C15 H8   sing N N 35  
6RT C4  H9   sing N N 36  
6RT C3  H10  sing N N 37  
6RT C2  H11  sing N N 38  
6RT C10 H12  sing N N 39  
6RT C9  H13  sing N N 40  
6RT C8  H14  sing N N 41  
6RT C7  H15  sing N N 42  
6RT C6  H16  sing N N 43  
ALA N   CA   sing N N 44  
ALA N   H    sing N N 45  
ALA N   H2   sing N N 46  
ALA CA  C    sing N N 47  
ALA CA  CB   sing N N 48  
ALA CA  HA   sing N N 49  
ALA C   O    doub N N 50  
ALA C   OXT  sing N N 51  
ALA CB  HB1  sing N N 52  
ALA CB  HB2  sing N N 53  
ALA CB  HB3  sing N N 54  
ALA OXT HXT  sing N N 55  
ARG N   CA   sing N N 56  
ARG N   H    sing N N 57  
ARG N   H2   sing N N 58  
ARG CA  C    sing N N 59  
ARG CA  CB   sing N N 60  
ARG CA  HA   sing N N 61  
ARG C   O    doub N N 62  
ARG C   OXT  sing N N 63  
ARG CB  CG   sing N N 64  
ARG CB  HB2  sing N N 65  
ARG CB  HB3  sing N N 66  
ARG CG  CD   sing N N 67  
ARG CG  HG2  sing N N 68  
ARG CG  HG3  sing N N 69  
ARG CD  NE   sing N N 70  
ARG CD  HD2  sing N N 71  
ARG CD  HD3  sing N N 72  
ARG NE  CZ   sing N N 73  
ARG NE  HE   sing N N 74  
ARG CZ  NH1  sing N N 75  
ARG CZ  NH2  doub N N 76  
ARG NH1 HH11 sing N N 77  
ARG NH1 HH12 sing N N 78  
ARG NH2 HH21 sing N N 79  
ARG NH2 HH22 sing N N 80  
ARG OXT HXT  sing N N 81  
ASN N   CA   sing N N 82  
ASN N   H    sing N N 83  
ASN N   H2   sing N N 84  
ASN CA  C    sing N N 85  
ASN CA  CB   sing N N 86  
ASN CA  HA   sing N N 87  
ASN C   O    doub N N 88  
ASN C   OXT  sing N N 89  
ASN CB  CG   sing N N 90  
ASN CB  HB2  sing N N 91  
ASN CB  HB3  sing N N 92  
ASN CG  OD1  doub N N 93  
ASN CG  ND2  sing N N 94  
ASN ND2 HD21 sing N N 95  
ASN ND2 HD22 sing N N 96  
ASN OXT HXT  sing N N 97  
ASP N   CA   sing N N 98  
ASP N   H    sing N N 99  
ASP N   H2   sing N N 100 
ASP CA  C    sing N N 101 
ASP CA  CB   sing N N 102 
ASP CA  HA   sing N N 103 
ASP C   O    doub N N 104 
ASP C   OXT  sing N N 105 
ASP CB  CG   sing N N 106 
ASP CB  HB2  sing N N 107 
ASP CB  HB3  sing N N 108 
ASP CG  OD1  doub N N 109 
ASP CG  OD2  sing N N 110 
ASP OD2 HD2  sing N N 111 
ASP OXT HXT  sing N N 112 
CYS N   CA   sing N N 113 
CYS N   H    sing N N 114 
CYS N   H2   sing N N 115 
CYS CA  C    sing N N 116 
CYS CA  CB   sing N N 117 
CYS CA  HA   sing N N 118 
CYS C   O    doub N N 119 
CYS C   OXT  sing N N 120 
CYS CB  SG   sing N N 121 
CYS CB  HB2  sing N N 122 
CYS CB  HB3  sing N N 123 
CYS SG  HG   sing N N 124 
CYS OXT HXT  sing N N 125 
GLN N   CA   sing N N 126 
GLN N   H    sing N N 127 
GLN N   H2   sing N N 128 
GLN CA  C    sing N N 129 
GLN CA  CB   sing N N 130 
GLN CA  HA   sing N N 131 
GLN C   O    doub N N 132 
GLN C   OXT  sing N N 133 
GLN CB  CG   sing N N 134 
GLN CB  HB2  sing N N 135 
GLN CB  HB3  sing N N 136 
GLN CG  CD   sing N N 137 
GLN CG  HG2  sing N N 138 
GLN CG  HG3  sing N N 139 
GLN CD  OE1  doub N N 140 
GLN CD  NE2  sing N N 141 
GLN NE2 HE21 sing N N 142 
GLN NE2 HE22 sing N N 143 
GLN OXT HXT  sing N N 144 
GLU N   CA   sing N N 145 
GLU N   H    sing N N 146 
GLU N   H2   sing N N 147 
GLU CA  C    sing N N 148 
GLU CA  CB   sing N N 149 
GLU CA  HA   sing N N 150 
GLU C   O    doub N N 151 
GLU C   OXT  sing N N 152 
GLU CB  CG   sing N N 153 
GLU CB  HB2  sing N N 154 
GLU CB  HB3  sing N N 155 
GLU CG  CD   sing N N 156 
GLU CG  HG2  sing N N 157 
GLU CG  HG3  sing N N 158 
GLU CD  OE1  doub N N 159 
GLU CD  OE2  sing N N 160 
GLU OE2 HE2  sing N N 161 
GLU OXT HXT  sing N N 162 
GLY N   CA   sing N N 163 
GLY N   H    sing N N 164 
GLY N   H2   sing N N 165 
GLY CA  C    sing N N 166 
GLY CA  HA2  sing N N 167 
GLY CA  HA3  sing N N 168 
GLY C   O    doub N N 169 
GLY C   OXT  sing N N 170 
GLY OXT HXT  sing N N 171 
HIS N   CA   sing N N 172 
HIS N   H    sing N N 173 
HIS N   H2   sing N N 174 
HIS CA  C    sing N N 175 
HIS CA  CB   sing N N 176 
HIS CA  HA   sing N N 177 
HIS C   O    doub N N 178 
HIS C   OXT  sing N N 179 
HIS CB  CG   sing N N 180 
HIS CB  HB2  sing N N 181 
HIS CB  HB3  sing N N 182 
HIS CG  ND1  sing Y N 183 
HIS CG  CD2  doub Y N 184 
HIS ND1 CE1  doub Y N 185 
HIS ND1 HD1  sing N N 186 
HIS CD2 NE2  sing Y N 187 
HIS CD2 HD2  sing N N 188 
HIS CE1 NE2  sing Y N 189 
HIS CE1 HE1  sing N N 190 
HIS NE2 HE2  sing N N 191 
HIS OXT HXT  sing N N 192 
HOH O   H1   sing N N 193 
HOH O   H2   sing N N 194 
ILE N   CA   sing N N 195 
ILE N   H    sing N N 196 
ILE N   H2   sing N N 197 
ILE CA  C    sing N N 198 
ILE CA  CB   sing N N 199 
ILE CA  HA   sing N N 200 
ILE C   O    doub N N 201 
ILE C   OXT  sing N N 202 
ILE CB  CG1  sing N N 203 
ILE CB  CG2  sing N N 204 
ILE CB  HB   sing N N 205 
ILE CG1 CD1  sing N N 206 
ILE CG1 HG12 sing N N 207 
ILE CG1 HG13 sing N N 208 
ILE CG2 HG21 sing N N 209 
ILE CG2 HG22 sing N N 210 
ILE CG2 HG23 sing N N 211 
ILE CD1 HD11 sing N N 212 
ILE CD1 HD12 sing N N 213 
ILE CD1 HD13 sing N N 214 
ILE OXT HXT  sing N N 215 
LEU N   CA   sing N N 216 
LEU N   H    sing N N 217 
LEU N   H2   sing N N 218 
LEU CA  C    sing N N 219 
LEU CA  CB   sing N N 220 
LEU CA  HA   sing N N 221 
LEU C   O    doub N N 222 
LEU C   OXT  sing N N 223 
LEU CB  CG   sing N N 224 
LEU CB  HB2  sing N N 225 
LEU CB  HB3  sing N N 226 
LEU CG  CD1  sing N N 227 
LEU CG  CD2  sing N N 228 
LEU CG  HG   sing N N 229 
LEU CD1 HD11 sing N N 230 
LEU CD1 HD12 sing N N 231 
LEU CD1 HD13 sing N N 232 
LEU CD2 HD21 sing N N 233 
LEU CD2 HD22 sing N N 234 
LEU CD2 HD23 sing N N 235 
LEU OXT HXT  sing N N 236 
LYS N   CA   sing N N 237 
LYS N   H    sing N N 238 
LYS N   H2   sing N N 239 
LYS CA  C    sing N N 240 
LYS CA  CB   sing N N 241 
LYS CA  HA   sing N N 242 
LYS C   O    doub N N 243 
LYS C   OXT  sing N N 244 
LYS CB  CG   sing N N 245 
LYS CB  HB2  sing N N 246 
LYS CB  HB3  sing N N 247 
LYS CG  CD   sing N N 248 
LYS CG  HG2  sing N N 249 
LYS CG  HG3  sing N N 250 
LYS CD  CE   sing N N 251 
LYS CD  HD2  sing N N 252 
LYS CD  HD3  sing N N 253 
LYS CE  NZ   sing N N 254 
LYS CE  HE2  sing N N 255 
LYS CE  HE3  sing N N 256 
LYS NZ  HZ1  sing N N 257 
LYS NZ  HZ2  sing N N 258 
LYS NZ  HZ3  sing N N 259 
LYS OXT HXT  sing N N 260 
MET N   CA   sing N N 261 
MET N   H    sing N N 262 
MET N   H2   sing N N 263 
MET CA  C    sing N N 264 
MET CA  CB   sing N N 265 
MET CA  HA   sing N N 266 
MET C   O    doub N N 267 
MET C   OXT  sing N N 268 
MET CB  CG   sing N N 269 
MET CB  HB2  sing N N 270 
MET CB  HB3  sing N N 271 
MET CG  SD   sing N N 272 
MET CG  HG2  sing N N 273 
MET CG  HG3  sing N N 274 
MET SD  CE   sing N N 275 
MET CE  HE1  sing N N 276 
MET CE  HE2  sing N N 277 
MET CE  HE3  sing N N 278 
MET OXT HXT  sing N N 279 
PHE N   CA   sing N N 280 
PHE N   H    sing N N 281 
PHE N   H2   sing N N 282 
PHE CA  C    sing N N 283 
PHE CA  CB   sing N N 284 
PHE CA  HA   sing N N 285 
PHE C   O    doub N N 286 
PHE C   OXT  sing N N 287 
PHE CB  CG   sing N N 288 
PHE CB  HB2  sing N N 289 
PHE CB  HB3  sing N N 290 
PHE CG  CD1  doub Y N 291 
PHE CG  CD2  sing Y N 292 
PHE CD1 CE1  sing Y N 293 
PHE CD1 HD1  sing N N 294 
PHE CD2 CE2  doub Y N 295 
PHE CD2 HD2  sing N N 296 
PHE CE1 CZ   doub Y N 297 
PHE CE1 HE1  sing N N 298 
PHE CE2 CZ   sing Y N 299 
PHE CE2 HE2  sing N N 300 
PHE CZ  HZ   sing N N 301 
PHE OXT HXT  sing N N 302 
POP P1  O1   doub N N 303 
POP P1  O2   sing N N 304 
POP P1  O3   sing N N 305 
POP P1  O    sing N N 306 
POP O2  HO2  sing N N 307 
POP O   P2   sing N N 308 
POP P2  O4   doub N N 309 
POP P2  O5   sing N N 310 
POP P2  O6   sing N N 311 
POP O5  HO5  sing N N 312 
PRO N   CA   sing N N 313 
PRO N   CD   sing N N 314 
PRO N   H    sing N N 315 
PRO CA  C    sing N N 316 
PRO CA  CB   sing N N 317 
PRO CA  HA   sing N N 318 
PRO C   O    doub N N 319 
PRO C   OXT  sing N N 320 
PRO CB  CG   sing N N 321 
PRO CB  HB2  sing N N 322 
PRO CB  HB3  sing N N 323 
PRO CG  CD   sing N N 324 
PRO CG  HG2  sing N N 325 
PRO CG  HG3  sing N N 326 
PRO CD  HD2  sing N N 327 
PRO CD  HD3  sing N N 328 
PRO OXT HXT  sing N N 329 
SER N   CA   sing N N 330 
SER N   H    sing N N 331 
SER N   H2   sing N N 332 
SER CA  C    sing N N 333 
SER CA  CB   sing N N 334 
SER CA  HA   sing N N 335 
SER C   O    doub N N 336 
SER C   OXT  sing N N 337 
SER CB  OG   sing N N 338 
SER CB  HB2  sing N N 339 
SER CB  HB3  sing N N 340 
SER OG  HG   sing N N 341 
SER OXT HXT  sing N N 342 
THR N   CA   sing N N 343 
THR N   H    sing N N 344 
THR N   H2   sing N N 345 
THR CA  C    sing N N 346 
THR CA  CB   sing N N 347 
THR CA  HA   sing N N 348 
THR C   O    doub N N 349 
THR C   OXT  sing N N 350 
THR CB  OG1  sing N N 351 
THR CB  CG2  sing N N 352 
THR CB  HB   sing N N 353 
THR OG1 HG1  sing N N 354 
THR CG2 HG21 sing N N 355 
THR CG2 HG22 sing N N 356 
THR CG2 HG23 sing N N 357 
THR OXT HXT  sing N N 358 
TRP N   CA   sing N N 359 
TRP N   H    sing N N 360 
TRP N   H2   sing N N 361 
TRP CA  C    sing N N 362 
TRP CA  CB   sing N N 363 
TRP CA  HA   sing N N 364 
TRP C   O    doub N N 365 
TRP C   OXT  sing N N 366 
TRP CB  CG   sing N N 367 
TRP CB  HB2  sing N N 368 
TRP CB  HB3  sing N N 369 
TRP CG  CD1  doub Y N 370 
TRP CG  CD2  sing Y N 371 
TRP CD1 NE1  sing Y N 372 
TRP CD1 HD1  sing N N 373 
TRP CD2 CE2  doub Y N 374 
TRP CD2 CE3  sing Y N 375 
TRP NE1 CE2  sing Y N 376 
TRP NE1 HE1  sing N N 377 
TRP CE2 CZ2  sing Y N 378 
TRP CE3 CZ3  doub Y N 379 
TRP CE3 HE3  sing N N 380 
TRP CZ2 CH2  doub Y N 381 
TRP CZ2 HZ2  sing N N 382 
TRP CZ3 CH2  sing Y N 383 
TRP CZ3 HZ3  sing N N 384 
TRP CH2 HH2  sing N N 385 
TRP OXT HXT  sing N N 386 
TYR N   CA   sing N N 387 
TYR N   H    sing N N 388 
TYR N   H2   sing N N 389 
TYR CA  C    sing N N 390 
TYR CA  CB   sing N N 391 
TYR CA  HA   sing N N 392 
TYR C   O    doub N N 393 
TYR C   OXT  sing N N 394 
TYR CB  CG   sing N N 395 
TYR CB  HB2  sing N N 396 
TYR CB  HB3  sing N N 397 
TYR CG  CD1  doub Y N 398 
TYR CG  CD2  sing Y N 399 
TYR CD1 CE1  sing Y N 400 
TYR CD1 HD1  sing N N 401 
TYR CD2 CE2  doub Y N 402 
TYR CD2 HD2  sing N N 403 
TYR CE1 CZ   doub Y N 404 
TYR CE1 HE1  sing N N 405 
TYR CE2 CZ   sing Y N 406 
TYR CE2 HE2  sing N N 407 
TYR CZ  OH   sing N N 408 
TYR OH  HH   sing N N 409 
TYR OXT HXT  sing N N 410 
VAL N   CA   sing N N 411 
VAL N   H    sing N N 412 
VAL N   H2   sing N N 413 
VAL CA  C    sing N N 414 
VAL CA  CB   sing N N 415 
VAL CA  HA   sing N N 416 
VAL C   O    doub N N 417 
VAL C   OXT  sing N N 418 
VAL CB  CG1  sing N N 419 
VAL CB  CG2  sing N N 420 
VAL CB  HB   sing N N 421 
VAL CG1 HG11 sing N N 422 
VAL CG1 HG12 sing N N 423 
VAL CG1 HG13 sing N N 424 
VAL CG2 HG21 sing N N 425 
VAL CG2 HG22 sing N N 426 
VAL CG2 HG23 sing N N 427 
VAL OXT HXT  sing N N 428 
# 
loop_
_pdbx_entity_nonpoly.entity_id 
_pdbx_entity_nonpoly.name 
_pdbx_entity_nonpoly.comp_id 
2 '2,4-bis(aziridin-1-yl)-6-(1-phenylpyrrol-2-yl)-1,3,5-triazine' 6RT 
3 'PYROPHOSPHATE 2-'                                              POP 
4 water                                                           HOH 
# 
_pdbx_initial_refinement_model.id               1 
_pdbx_initial_refinement_model.entity_id_list   ? 
_pdbx_initial_refinement_model.type             'experimental model' 
_pdbx_initial_refinement_model.source_name      PDB 
_pdbx_initial_refinement_model.accession_code   4Z72 
_pdbx_initial_refinement_model.details          ? 
# 
